data_7EPB
#
_entry.id   7EPB
#
_cell.length_a   1.00
_cell.length_b   1.00
_cell.length_c   1.00
_cell.angle_alpha   90.00
_cell.angle_beta   90.00
_cell.angle_gamma   90.00
#
_symmetry.space_group_name_H-M   'P 1'
#
loop_
_entity.id
_entity.type
_entity.pdbx_description
1 polymer 'Metabotropic glutamate receptor 2'
2 polymer 'Anti-RON nanobody'
3 non-polymer '(1S,2S,5R,6S)-2-aminobicyclo[3.1.0]hexane-2,6-dicarboxylic acid'
#
loop_
_entity_poly.entity_id
_entity_poly.type
_entity_poly.pdbx_seq_one_letter_code
_entity_poly.pdbx_strand_id
1 'polypeptide(L)'
;DYKDDDDGAPEGPAKKVLTLEGDLVLGGLFPVHQKGGPAEDCGPVNEHRGIQRLEAMLFALDRINRDPHLLPGVRLGAHI
LDSCSKDTHALEQALDFVRASLSRGADGSRHICPDGSYATHGDAPTAITGVIGGSYSDVSIQVANLLRLFQIPQISYAST
SAKLSDKSRYDYFARTVPPDFFQAKAMAEILRFFNWTYVSTVASEGDYGETGIEAFELEARARNICVATSEKVGRAMSRA
AFEGVVRALLQKPSARVAVLFTRSEDARELLAASQRLNASFTWVASDGWGALESVVAGSEGAAEGAITIELASYPISDFA
SYFQSLDPWNNSRNPWFREFWEQRFRCSFRQRDCAAHSLRAVPFEQESKIMFVVNAVYAMAHALHNMHRALCPNTTRLCD
AMRPVNGRRLYKDFVLNVKFDAPFRPADTHNEVRFDRFGDGIGRYNIFTYLRAGSGRYRYQKVGYWAEGLTLDTSLIPWA
SPSAGPLPASRCSEPCLQNEVKSVQPGEVCCWLCIPCQPYEYRLDEFTCADCGLGYWPNASLTGCFELPQEYIRWGDAWA
VGPVTIACLGALATLFVLGVFVRHNATPVVKAAGRELCYILLGGVFLCYCMTFIFIAKPSTAVCTLRRLGLGTAFSVCYS
ALLTKTNRIARIFGGAREGAQRPRFISPASQVAICLALISGQLLIVVAWLVVEAPGTGKETAPERREVVTLRCNHRDASM
LGSLAYNVLLIALCTLYAFKTRKCPENFNEAKFIGFTMYTTCIIWLAFLPIFYVTSSDYRVQTTTMCVSVSLSGSVVLGC
LFAPKLHIILFQPQKNVEFLEVLFQGPGSGSWSHPQFEKGSGSWSHPQFEK
;
A,B
2 'polypeptide(L)'
;QVQLVQSGGGLVQAGGSLRLSCAASVRFFSINTMGWYRQAPGKQRELVADITSSGSTNYADSGKGRFTISRDNAKNTVYL
QMNRLKPEDTAVYYCHADYKYTTHNTAWGQGTQVTVSSGRPLEVLFQGPHHHHHHHH
;
C,D
#
loop_
_chem_comp.id
_chem_comp.type
_chem_comp.name
_chem_comp.formula
40F non-polymer '(1S,2S,5R,6S)-2-aminobicyclo[3.1.0]hexane-2,6-dicarboxylic acid' 'C8 H11 N O4'
#
# COMPACT_ATOMS: atom_id res chain seq x y z
N ALA A 14 3.77 51.25 -16.45
CA ALA A 14 4.88 51.13 -17.38
C ALA A 14 5.79 49.96 -16.98
N LYS A 15 6.66 49.57 -17.90
CA LYS A 15 7.60 48.47 -17.67
C LYS A 15 9.03 48.97 -17.81
N LYS A 16 9.95 48.29 -17.14
CA LYS A 16 11.35 48.67 -17.12
C LYS A 16 12.17 47.65 -17.91
N VAL A 17 13.11 48.16 -18.71
CA VAL A 17 14.00 47.33 -19.53
C VAL A 17 15.42 47.82 -19.32
N LEU A 18 16.33 46.89 -19.03
CA LEU A 18 17.74 47.23 -18.84
C LEU A 18 18.41 47.20 -20.22
N THR A 19 18.75 48.38 -20.74
CA THR A 19 19.33 48.51 -22.06
C THR A 19 20.75 49.06 -21.93
N LEU A 20 21.72 48.34 -22.49
CA LEU A 20 23.11 48.76 -22.53
C LEU A 20 23.61 48.64 -23.96
N GLU A 21 24.05 49.76 -24.53
CA GLU A 21 24.46 49.79 -25.93
C GLU A 21 25.70 48.94 -26.16
N GLY A 22 25.69 48.19 -27.25
CA GLY A 22 26.81 47.34 -27.60
C GLY A 22 26.74 46.93 -29.05
N ASP A 23 27.89 46.52 -29.58
CA ASP A 23 27.94 46.08 -30.97
C ASP A 23 27.09 44.84 -31.17
N LEU A 24 27.17 43.88 -30.24
CA LEU A 24 26.40 42.65 -30.30
C LEU A 24 25.55 42.57 -29.04
N VAL A 25 24.26 42.90 -29.15
CA VAL A 25 23.39 42.95 -28.00
C VAL A 25 23.05 41.53 -27.56
N LEU A 26 23.22 41.26 -26.28
CA LEU A 26 22.94 39.96 -25.69
C LEU A 26 21.67 40.05 -24.85
N GLY A 27 20.73 39.14 -25.10
CA GLY A 27 19.47 39.18 -24.38
C GLY A 27 19.59 38.62 -22.97
N GLY A 28 18.57 38.94 -22.16
CA GLY A 28 18.53 38.46 -20.80
C GLY A 28 17.15 38.53 -20.18
N LEU A 29 16.79 37.53 -19.38
CA LEU A 29 15.49 37.47 -18.72
C LEU A 29 15.72 37.05 -17.27
N PHE A 30 15.57 38.00 -16.35
CA PHE A 30 15.87 37.73 -14.95
C PHE A 30 14.67 38.07 -14.08
N PRO A 31 14.33 37.21 -13.13
CA PRO A 31 13.18 37.48 -12.23
C PRO A 31 13.56 38.42 -11.09
N VAL A 32 13.70 39.70 -11.42
CA VAL A 32 14.00 40.71 -10.41
C VAL A 32 12.86 40.80 -9.41
N HIS A 33 11.63 40.78 -9.90
CA HIS A 33 10.46 40.80 -9.03
C HIS A 33 10.00 39.37 -8.74
N GLN A 34 9.64 39.12 -7.48
CA GLN A 34 9.17 37.81 -7.07
C GLN A 34 7.67 37.70 -7.37
N LYS A 35 7.06 36.60 -6.91
CA LYS A 35 5.64 36.38 -7.17
C LYS A 35 4.79 37.45 -6.51
N GLY A 36 3.86 38.02 -7.29
CA GLY A 36 2.97 39.05 -6.80
C GLY A 36 1.59 38.50 -6.45
N GLY A 37 0.74 39.39 -5.98
CA GLY A 37 -0.60 39.04 -5.58
C GLY A 37 -1.57 39.09 -6.75
N PRO A 38 -2.87 39.01 -6.44
CA PRO A 38 -3.89 39.07 -7.51
C PRO A 38 -4.07 40.46 -8.11
N ALA A 39 -3.46 41.50 -7.52
CA ALA A 39 -3.63 42.85 -8.04
C ALA A 39 -2.79 43.08 -9.29
N GLU A 40 -1.48 42.93 -9.17
CA GLU A 40 -0.55 43.14 -10.29
C GLU A 40 0.15 41.83 -10.61
N ASP A 41 0.95 41.86 -11.68
CA ASP A 41 1.65 40.65 -12.09
C ASP A 41 2.74 40.28 -11.09
N CYS A 42 3.45 41.26 -10.56
CA CYS A 42 4.53 41.02 -9.61
C CYS A 42 4.66 42.20 -8.66
N GLY A 43 4.77 41.91 -7.37
CA GLY A 43 4.81 42.93 -6.36
C GLY A 43 6.21 43.22 -5.85
N PRO A 44 6.54 42.66 -4.68
CA PRO A 44 7.84 42.97 -4.06
C PRO A 44 9.00 42.46 -4.90
N VAL A 45 10.12 43.16 -4.79
CA VAL A 45 11.33 42.83 -5.55
C VAL A 45 12.08 41.71 -4.83
N ASN A 46 12.79 40.90 -5.60
CA ASN A 46 13.61 39.82 -5.06
C ASN A 46 15.05 40.30 -4.92
N GLU A 47 15.61 40.14 -3.73
CA GLU A 47 16.96 40.63 -3.45
C GLU A 47 18.03 39.58 -3.74
N HIS A 48 17.75 38.31 -3.44
CA HIS A 48 18.73 37.26 -3.66
C HIS A 48 18.72 36.77 -5.11
N ARG A 49 17.56 36.32 -5.58
CA ARG A 49 17.48 35.74 -6.91
C ARG A 49 17.52 36.82 -8.00
N GLY A 50 16.90 37.96 -7.74
CA GLY A 50 16.77 38.98 -8.77
C GLY A 50 17.93 39.94 -8.89
N ILE A 51 18.29 40.60 -7.78
CA ILE A 51 19.30 41.65 -7.82
C ILE A 51 20.69 41.05 -8.01
N GLN A 52 21.01 40.02 -7.21
CA GLN A 52 22.37 39.48 -7.23
C GLN A 52 22.73 38.90 -8.58
N ARG A 53 21.82 38.13 -9.18
CA ARG A 53 22.11 37.52 -10.47
C ARG A 53 22.17 38.57 -11.58
N LEU A 54 21.32 39.60 -11.50
CA LEU A 54 21.37 40.68 -12.47
C LEU A 54 22.72 41.41 -12.41
N GLU A 55 23.16 41.75 -11.20
CA GLU A 55 24.45 42.42 -11.06
C GLU A 55 25.60 41.50 -11.45
N ALA A 56 25.44 40.19 -11.24
CA ALA A 56 26.47 39.25 -11.70
C ALA A 56 26.57 39.24 -13.22
N MET A 57 25.42 39.23 -13.90
CA MET A 57 25.44 39.31 -15.36
C MET A 57 26.06 40.61 -15.83
N LEU A 58 25.73 41.72 -15.16
CA LEU A 58 26.31 43.01 -15.55
C LEU A 58 27.82 43.02 -15.35
N PHE A 59 28.29 42.47 -14.23
CA PHE A 59 29.73 42.42 -13.98
C PHE A 59 30.42 41.51 -14.99
N ALA A 60 29.80 40.39 -15.35
CA ALA A 60 30.39 39.52 -16.36
C ALA A 60 30.47 40.23 -17.71
N LEU A 61 29.42 40.96 -18.08
CA LEU A 61 29.45 41.71 -19.33
C LEU A 61 30.55 42.76 -19.31
N ASP A 62 30.70 43.48 -18.19
CA ASP A 62 31.75 44.49 -18.10
C ASP A 62 33.14 43.87 -18.19
N ARG A 63 33.35 42.74 -17.51
CA ARG A 63 34.65 42.08 -17.54
C ARG A 63 34.95 41.55 -18.95
N ILE A 64 33.93 41.06 -19.65
CA ILE A 64 34.14 40.57 -21.02
C ILE A 64 34.46 41.73 -21.95
N ASN A 65 33.74 42.85 -21.82
CA ASN A 65 34.02 44.01 -22.65
C ASN A 65 35.39 44.60 -22.35
N ARG A 66 35.88 44.44 -21.12
CA ARG A 66 37.21 44.92 -20.75
C ARG A 66 38.27 43.82 -20.86
N ASP A 67 37.96 42.71 -21.51
CA ASP A 67 38.90 41.62 -21.65
C ASP A 67 39.51 41.66 -23.05
N PRO A 68 40.81 41.93 -23.18
CA PRO A 68 41.41 41.96 -24.53
C PRO A 68 41.51 40.60 -25.18
N HIS A 69 41.46 39.51 -24.41
CA HIS A 69 41.56 38.16 -24.96
C HIS A 69 40.21 37.56 -25.32
N LEU A 70 39.12 38.30 -25.13
CA LEU A 70 37.78 37.81 -25.44
C LEU A 70 36.98 38.96 -26.04
N LEU A 71 36.70 38.86 -27.35
CA LEU A 71 35.95 39.88 -28.09
C LEU A 71 36.61 41.24 -27.94
N PRO A 72 37.80 41.46 -28.51
CA PRO A 72 38.46 42.76 -28.35
C PRO A 72 37.85 43.84 -29.22
N GLY A 73 37.29 43.45 -30.37
CA GLY A 73 36.73 44.41 -31.29
C GLY A 73 35.24 44.67 -31.08
N VAL A 74 34.46 43.60 -31.02
CA VAL A 74 33.02 43.73 -30.86
C VAL A 74 32.68 44.00 -29.39
N ARG A 75 31.58 44.70 -29.17
CA ARG A 75 31.09 45.02 -27.83
C ARG A 75 29.82 44.23 -27.55
N LEU A 76 29.72 43.69 -26.34
CA LEU A 76 28.58 42.89 -25.93
C LEU A 76 27.54 43.80 -25.27
N GLY A 77 26.41 44.00 -25.96
CA GLY A 77 25.34 44.80 -25.42
C GLY A 77 24.48 44.02 -24.45
N ALA A 78 23.45 44.69 -23.93
CA ALA A 78 22.56 44.08 -22.96
C ALA A 78 21.13 44.52 -23.20
N HIS A 79 20.21 43.55 -23.25
CA HIS A 79 18.77 43.80 -23.34
C HIS A 79 18.12 42.85 -22.33
N ILE A 80 17.89 43.34 -21.12
CA ILE A 80 17.46 42.52 -20.00
C ILE A 80 16.04 42.90 -19.61
N LEU A 81 15.22 41.89 -19.37
CA LEU A 81 13.82 42.05 -19.01
C LEU A 81 13.53 41.29 -17.72
N ASP A 82 12.35 41.55 -17.17
CA ASP A 82 11.89 40.93 -15.94
C ASP A 82 10.82 39.89 -16.24
N SER A 83 10.76 38.85 -15.41
CA SER A 83 9.78 37.78 -15.58
C SER A 83 8.70 37.76 -14.52
N CYS A 84 8.88 38.49 -13.41
CA CYS A 84 7.94 38.52 -12.29
C CYS A 84 7.67 37.13 -11.72
N SER A 85 8.61 36.19 -11.91
CA SER A 85 8.44 34.80 -11.48
C SER A 85 7.16 34.18 -12.06
N LYS A 86 6.81 34.57 -13.27
CA LYS A 86 5.60 34.10 -13.92
C LYS A 86 5.93 33.72 -15.37
N ASP A 87 5.01 32.96 -15.98
CA ASP A 87 5.20 32.51 -17.35
C ASP A 87 4.62 33.49 -18.36
N THR A 88 3.36 33.90 -18.16
CA THR A 88 2.73 34.82 -19.09
C THR A 88 3.46 36.16 -19.14
N HIS A 89 3.85 36.68 -17.97
CA HIS A 89 4.58 37.94 -17.94
C HIS A 89 5.95 37.80 -18.61
N ALA A 90 6.65 36.69 -18.35
CA ALA A 90 7.92 36.46 -19.03
C ALA A 90 7.76 36.43 -20.53
N LEU A 91 6.68 35.80 -21.01
CA LEU A 91 6.45 35.73 -22.45
C LEU A 91 6.15 37.10 -23.05
N GLU A 92 5.26 37.87 -22.41
CA GLU A 92 4.93 39.17 -22.98
C GLU A 92 6.11 40.13 -22.90
N GLN A 93 7.02 39.91 -21.94
CA GLN A 93 8.23 40.73 -21.90
C GLN A 93 9.21 40.31 -22.99
N ALA A 94 9.52 39.01 -23.07
CA ALA A 94 10.48 38.50 -24.04
C ALA A 94 9.96 38.51 -25.46
N LEU A 95 8.70 38.88 -25.69
CA LEU A 95 8.20 39.00 -27.05
C LEU A 95 9.03 39.95 -27.89
N ASP A 96 9.69 40.93 -27.27
CA ASP A 96 10.52 41.86 -28.04
C ASP A 96 11.74 41.17 -28.62
N PHE A 97 12.26 40.13 -27.94
CA PHE A 97 13.40 39.39 -28.47
C PHE A 97 13.09 38.80 -29.84
N VAL A 98 11.88 38.24 -30.00
CA VAL A 98 11.50 37.70 -31.30
C VAL A 98 10.94 38.78 -32.22
N ARG A 99 10.46 39.90 -31.66
CA ARG A 99 10.05 41.02 -32.49
C ARG A 99 11.23 41.58 -33.28
N ALA A 100 12.39 41.67 -32.63
CA ALA A 100 13.57 42.22 -33.28
C ALA A 100 13.94 41.44 -34.54
N SER A 101 13.70 40.14 -34.55
CA SER A 101 13.97 39.32 -35.74
C SER A 101 12.78 39.26 -36.69
N LEU A 102 11.55 39.29 -36.16
CA LEU A 102 10.38 39.22 -37.02
C LEU A 102 10.24 40.48 -37.86
N SER A 103 10.63 41.64 -37.33
CA SER A 103 10.58 42.87 -38.11
C SER A 103 11.50 42.76 -39.33
N ARG A 104 12.74 42.30 -39.11
CA ARG A 104 13.68 42.15 -40.21
C ARG A 104 13.22 41.07 -41.19
N GLY A 105 12.59 40.01 -40.67
CA GLY A 105 12.10 38.96 -41.56
C GLY A 105 10.96 39.42 -42.44
N ALA A 106 10.05 40.24 -41.88
CA ALA A 106 8.91 40.74 -42.63
C ALA A 106 9.27 41.92 -43.53
N ASP A 107 10.36 42.62 -43.23
CA ASP A 107 10.79 43.74 -44.06
C ASP A 107 11.55 43.31 -45.32
N GLY A 108 11.50 42.02 -45.68
CA GLY A 108 12.16 41.58 -46.88
C GLY A 108 11.52 42.13 -48.15
N SER A 109 10.19 42.16 -48.18
CA SER A 109 9.46 42.72 -49.30
C SER A 109 9.19 44.22 -49.15
N ARG A 110 9.53 44.81 -48.01
CA ARG A 110 9.32 46.23 -47.76
C ARG A 110 10.52 47.02 -48.31
N HIS A 111 10.62 47.02 -49.64
CA HIS A 111 11.75 47.65 -50.33
C HIS A 111 11.20 48.41 -51.54
N ILE A 112 10.83 49.67 -51.34
CA ILE A 112 10.42 50.52 -52.44
C ILE A 112 11.25 51.79 -52.48
N CYS A 113 11.11 52.63 -51.45
CA CYS A 113 11.78 53.92 -51.43
C CYS A 113 13.27 53.83 -51.03
N PRO A 114 13.62 53.37 -49.81
CA PRO A 114 14.99 53.58 -49.33
C PRO A 114 16.04 52.69 -49.99
N ASP A 115 15.77 51.39 -50.05
CA ASP A 115 16.75 50.41 -50.52
C ASP A 115 16.13 49.02 -50.59
N GLY A 116 16.92 48.03 -51.00
CA GLY A 116 16.42 46.69 -51.18
C GLY A 116 16.44 45.81 -49.94
N SER A 117 17.59 45.72 -49.28
CA SER A 117 17.76 44.79 -48.17
C SER A 117 17.97 45.46 -46.82
N TYR A 118 18.24 46.76 -46.78
CA TYR A 118 18.51 47.47 -45.54
C TYR A 118 17.43 48.51 -45.25
N ALA A 119 16.17 48.14 -45.45
CA ALA A 119 15.06 49.04 -45.18
C ALA A 119 14.97 49.36 -43.70
N THR A 120 15.00 50.65 -43.37
CA THR A 120 14.90 51.12 -42.00
C THR A 120 13.71 52.06 -41.86
N HIS A 121 13.05 51.99 -40.70
CA HIS A 121 11.85 52.79 -40.43
C HIS A 121 12.05 53.76 -39.28
N GLY A 122 13.29 54.08 -38.93
CA GLY A 122 13.59 54.97 -37.83
C GLY A 122 13.60 54.33 -36.47
N ASP A 123 13.06 53.13 -36.32
CA ASP A 123 13.03 52.41 -35.05
C ASP A 123 13.30 50.93 -35.35
N ALA A 124 14.56 50.54 -35.30
CA ALA A 124 14.96 49.17 -35.57
C ALA A 124 15.41 48.50 -34.28
N PRO A 125 14.65 47.55 -33.74
CA PRO A 125 15.07 46.87 -32.51
C PRO A 125 16.36 46.09 -32.74
N THR A 126 17.22 46.08 -31.72
CA THR A 126 18.50 45.38 -31.83
C THR A 126 18.26 43.87 -31.87
N ALA A 127 18.89 43.21 -32.84
CA ALA A 127 18.75 41.77 -32.99
C ALA A 127 19.36 41.05 -31.81
N ILE A 128 18.65 40.07 -31.27
CA ILE A 128 19.09 39.30 -30.11
C ILE A 128 19.66 38.00 -30.64
N THR A 129 20.97 37.98 -30.89
CA THR A 129 21.62 36.77 -31.36
C THR A 129 21.71 35.73 -30.25
N GLY A 130 22.05 36.16 -29.05
CA GLY A 130 22.12 35.27 -27.91
C GLY A 130 21.37 35.85 -26.73
N VAL A 131 20.77 34.95 -25.94
CA VAL A 131 19.98 35.35 -24.78
C VAL A 131 20.13 34.30 -23.71
N ILE A 132 20.26 34.75 -22.46
CA ILE A 132 20.30 33.88 -21.30
C ILE A 132 19.17 34.27 -20.37
N GLY A 133 18.76 33.32 -19.54
CA GLY A 133 17.70 33.57 -18.59
C GLY A 133 16.93 32.30 -18.30
N GLY A 134 15.69 32.48 -17.87
CA GLY A 134 14.84 31.37 -17.51
C GLY A 134 15.33 30.68 -16.25
N SER A 135 15.45 31.44 -15.16
CA SER A 135 15.91 30.85 -13.90
C SER A 135 14.90 29.82 -13.37
N TYR A 136 13.62 30.00 -13.68
CA TYR A 136 12.60 29.05 -13.27
C TYR A 136 12.36 28.04 -14.39
N SER A 137 12.11 26.78 -14.00
CA SER A 137 11.94 25.72 -14.97
C SER A 137 10.71 25.97 -15.85
N ASP A 138 9.58 26.34 -15.24
CA ASP A 138 8.38 26.60 -16.02
C ASP A 138 8.56 27.80 -16.95
N VAL A 139 9.17 28.87 -16.44
CA VAL A 139 9.48 30.02 -17.30
C VAL A 139 10.41 29.60 -18.42
N SER A 140 11.38 28.73 -18.12
CA SER A 140 12.32 28.27 -19.14
C SER A 140 11.61 27.52 -20.25
N ILE A 141 10.73 26.59 -19.90
CA ILE A 141 10.05 25.82 -20.94
C ILE A 141 9.03 26.67 -21.68
N GLN A 142 8.46 27.67 -21.01
CA GLN A 142 7.49 28.54 -21.70
C GLN A 142 8.18 29.50 -22.65
N VAL A 143 9.42 29.88 -22.38
CA VAL A 143 10.15 30.80 -23.26
C VAL A 143 10.98 30.07 -24.31
N ALA A 144 11.36 28.81 -24.07
CA ALA A 144 12.22 28.10 -25.01
C ALA A 144 11.52 27.86 -26.33
N ASN A 145 10.21 27.59 -26.30
CA ASN A 145 9.47 27.39 -27.54
C ASN A 145 9.48 28.65 -28.40
N LEU A 146 9.17 29.80 -27.78
CA LEU A 146 9.20 31.06 -28.51
C LEU A 146 10.60 31.40 -29.00
N LEU A 147 11.63 31.01 -28.25
CA LEU A 147 12.99 31.27 -28.69
C LEU A 147 13.37 30.41 -29.89
N ARG A 148 13.01 29.12 -29.86
CA ARG A 148 13.36 28.24 -30.97
C ARG A 148 12.50 28.49 -32.19
N LEU A 149 11.32 29.11 -32.03
CA LEU A 149 10.51 29.47 -33.18
C LEU A 149 11.17 30.52 -34.06
N PHE A 150 12.17 31.25 -33.53
CA PHE A 150 12.83 32.32 -34.26
C PHE A 150 14.33 32.10 -34.37
N GLN A 151 14.80 30.86 -34.20
CA GLN A 151 16.21 30.51 -34.33
C GLN A 151 17.08 31.33 -33.37
N ILE A 152 16.67 31.35 -32.11
CA ILE A 152 17.40 32.11 -31.08
C ILE A 152 17.89 31.14 -30.01
N PRO A 153 19.21 30.93 -29.89
CA PRO A 153 19.72 30.01 -28.87
C PRO A 153 19.48 30.54 -27.47
N GLN A 154 19.38 29.61 -26.52
CA GLN A 154 19.13 29.94 -25.12
C GLN A 154 20.06 29.14 -24.22
N ILE A 155 20.60 29.82 -23.21
CA ILE A 155 21.45 29.19 -22.21
C ILE A 155 20.92 29.57 -20.83
N SER A 156 20.56 28.58 -20.03
CA SER A 156 20.00 28.81 -18.70
C SER A 156 21.09 28.71 -17.64
N TYR A 157 20.74 29.15 -16.43
CA TYR A 157 21.67 29.14 -15.31
C TYR A 157 21.06 28.59 -14.02
N ALA A 158 19.74 28.44 -13.93
CA ALA A 158 19.11 27.96 -12.70
C ALA A 158 18.04 26.90 -12.93
N SER A 159 17.46 26.79 -14.12
CA SER A 159 16.38 25.83 -14.36
C SER A 159 16.97 24.44 -14.57
N THR A 160 16.55 23.49 -13.75
CA THR A 160 17.02 22.11 -13.82
C THR A 160 15.86 21.15 -14.08
N SER A 161 14.95 21.54 -14.98
CA SER A 161 13.82 20.68 -15.30
C SER A 161 14.28 19.43 -16.03
N ALA A 162 13.62 18.31 -15.74
CA ALA A 162 13.99 17.04 -16.36
C ALA A 162 13.52 16.95 -17.81
N LYS A 163 12.50 17.70 -18.20
CA LYS A 163 11.98 17.66 -19.56
C LYS A 163 12.71 18.58 -20.52
N LEU A 164 13.78 19.24 -20.07
CA LEU A 164 14.59 20.10 -20.92
C LEU A 164 15.83 19.39 -21.45
N SER A 165 16.04 18.12 -21.11
CA SER A 165 17.23 17.41 -21.56
C SER A 165 17.11 16.98 -23.01
N ASP A 166 15.91 16.54 -23.43
CA ASP A 166 15.73 16.09 -24.81
C ASP A 166 15.80 17.26 -25.77
N LYS A 167 16.35 17.00 -26.96
CA LYS A 167 16.52 18.01 -27.99
C LYS A 167 15.41 17.98 -29.03
N SER A 168 14.42 17.09 -28.88
CA SER A 168 13.33 17.03 -29.85
C SER A 168 12.41 18.24 -29.71
N ARG A 169 12.04 18.60 -28.47
CA ARG A 169 11.15 19.73 -28.24
C ARG A 169 11.94 21.01 -27.97
N TYR A 170 12.77 21.01 -26.94
CA TYR A 170 13.59 22.18 -26.60
C TYR A 170 14.99 22.02 -27.19
N ASP A 171 15.02 22.12 -28.53
CA ASP A 171 16.29 21.96 -29.24
C ASP A 171 17.26 23.10 -28.94
N TYR A 172 16.75 24.32 -28.85
CA TYR A 172 17.59 25.50 -28.64
C TYR A 172 17.63 25.84 -27.15
N PHE A 173 18.22 24.93 -26.39
CA PHE A 173 18.33 25.09 -24.93
C PHE A 173 19.56 24.34 -24.46
N ALA A 174 20.55 25.06 -23.95
CA ALA A 174 21.80 24.48 -23.45
C ALA A 174 22.10 25.12 -22.10
N ARG A 175 21.58 24.51 -21.03
CA ARG A 175 21.79 25.03 -19.69
C ARG A 175 23.16 24.65 -19.16
N THR A 176 23.63 25.40 -18.17
CA THR A 176 24.89 25.14 -17.51
C THR A 176 24.71 24.43 -16.17
N VAL A 177 23.57 23.78 -15.97
CA VAL A 177 23.25 23.14 -14.69
C VAL A 177 22.82 21.70 -14.92
N PRO A 178 23.07 20.79 -13.98
CA PRO A 178 22.64 19.41 -14.17
C PRO A 178 21.12 19.30 -14.07
N PRO A 179 20.53 18.27 -14.69
CA PRO A 179 19.06 18.12 -14.62
C PRO A 179 18.59 17.58 -13.29
N ASP A 180 17.28 17.31 -13.19
CA ASP A 180 16.67 16.85 -11.95
C ASP A 180 17.00 15.41 -11.61
N PHE A 181 17.57 14.64 -12.54
CA PHE A 181 17.87 13.24 -12.27
C PHE A 181 18.92 13.10 -11.18
N PHE A 182 20.03 13.84 -11.31
CA PHE A 182 21.08 13.78 -10.30
C PHE A 182 20.57 14.31 -8.96
N GLN A 183 19.71 15.33 -8.98
CA GLN A 183 19.16 15.85 -7.74
C GLN A 183 18.28 14.82 -7.03
N ALA A 184 17.43 14.12 -7.80
CA ALA A 184 16.60 13.08 -7.22
C ALA A 184 17.45 11.92 -6.69
N LYS A 185 18.52 11.57 -7.41
CA LYS A 185 19.43 10.54 -6.92
C LYS A 185 20.08 10.96 -5.61
N ALA A 186 20.46 12.24 -5.50
CA ALA A 186 21.07 12.73 -4.26
C ALA A 186 20.07 12.69 -3.12
N MET A 187 18.83 13.12 -3.36
CA MET A 187 17.81 13.04 -2.32
C MET A 187 17.56 11.61 -1.88
N ALA A 188 17.50 10.68 -2.84
CA ALA A 188 17.29 9.28 -2.49
C ALA A 188 18.44 8.72 -1.68
N GLU A 189 19.68 9.06 -2.06
CA GLU A 189 20.84 8.58 -1.32
C GLU A 189 20.88 9.17 0.08
N ILE A 190 20.48 10.44 0.23
CA ILE A 190 20.43 11.04 1.56
C ILE A 190 19.38 10.37 2.42
N LEU A 191 18.20 10.11 1.85
CA LEU A 191 17.14 9.45 2.62
C LEU A 191 17.49 8.01 2.96
N ARG A 192 18.27 7.34 2.11
CA ARG A 192 18.70 5.98 2.43
C ARG A 192 19.84 5.97 3.44
N PHE A 193 20.66 7.02 3.46
CA PHE A 193 21.77 7.08 4.42
C PHE A 193 21.27 7.17 5.85
N PHE A 194 20.12 7.82 6.07
CA PHE A 194 19.53 7.96 7.40
C PHE A 194 18.46 6.92 7.68
N ASN A 195 18.34 5.90 6.84
CA ASN A 195 17.37 4.82 7.03
C ASN A 195 15.93 5.35 7.12
N TRP A 196 15.62 6.32 6.26
CA TRP A 196 14.28 6.91 6.21
C TRP A 196 13.45 6.14 5.19
N THR A 197 12.40 5.47 5.67
CA THR A 197 11.55 4.64 4.84
C THR A 197 10.19 5.27 4.55
N TYR A 198 9.47 5.69 5.58
CA TYR A 198 8.18 6.35 5.40
C TYR A 198 8.42 7.82 5.07
N VAL A 199 8.01 8.23 3.87
CA VAL A 199 8.36 9.53 3.33
C VAL A 199 7.10 10.24 2.87
N SER A 200 7.04 11.56 3.10
CA SER A 200 5.99 12.41 2.58
C SER A 200 6.62 13.50 1.72
N THR A 201 6.01 13.78 0.57
CA THR A 201 6.57 14.72 -0.39
C THR A 201 5.60 15.87 -0.63
N VAL A 202 6.17 17.03 -0.95
CA VAL A 202 5.42 18.23 -1.29
C VAL A 202 5.96 18.75 -2.62
N ALA A 203 5.05 19.04 -3.55
CA ALA A 203 5.41 19.44 -4.91
C ALA A 203 4.86 20.83 -5.21
N SER A 204 5.02 21.25 -6.46
CA SER A 204 4.53 22.53 -6.94
C SER A 204 3.96 22.35 -8.35
N GLU A 205 2.99 23.19 -8.70
CA GLU A 205 2.33 23.08 -9.98
C GLU A 205 3.18 23.72 -11.08
N GLY A 206 3.44 22.96 -12.14
CA GLY A 206 4.26 23.43 -13.24
C GLY A 206 4.94 22.29 -13.96
N ASP A 207 6.27 22.37 -14.07
CA ASP A 207 7.07 21.26 -14.57
C ASP A 207 8.08 20.76 -13.54
N TYR A 208 8.76 21.68 -12.86
CA TYR A 208 9.85 21.31 -11.95
C TYR A 208 9.35 20.37 -10.86
N GLY A 209 8.25 20.74 -10.20
CA GLY A 209 7.74 19.93 -9.11
C GLY A 209 7.36 18.53 -9.56
N GLU A 210 6.59 18.42 -10.65
CA GLU A 210 6.13 17.12 -11.11
C GLU A 210 7.30 16.23 -11.53
N THR A 211 8.21 16.77 -12.35
CA THR A 211 9.34 15.95 -12.80
C THR A 211 10.22 15.53 -11.64
N GLY A 212 10.52 16.45 -10.71
CA GLY A 212 11.33 16.10 -9.56
C GLY A 212 10.67 15.05 -8.70
N ILE A 213 9.36 15.17 -8.48
CA ILE A 213 8.65 14.20 -7.66
C ILE A 213 8.64 12.83 -8.33
N GLU A 214 8.40 12.78 -9.64
CA GLU A 214 8.38 11.49 -10.32
C GLU A 214 9.76 10.83 -10.28
N ALA A 215 10.81 11.61 -10.52
CA ALA A 215 12.17 11.07 -10.43
C ALA A 215 12.46 10.59 -9.02
N PHE A 216 11.99 11.33 -8.00
CA PHE A 216 12.22 10.94 -6.62
C PHE A 216 11.51 9.64 -6.29
N GLU A 217 10.26 9.47 -6.75
CA GLU A 217 9.56 8.21 -6.52
C GLU A 217 10.25 7.06 -7.23
N LEU A 218 10.75 7.29 -8.45
CA LEU A 218 11.49 6.25 -9.14
C LEU A 218 12.71 5.82 -8.34
N GLU A 219 13.52 6.79 -7.90
CA GLU A 219 14.73 6.46 -7.14
C GLU A 219 14.38 5.82 -5.80
N ALA A 220 13.27 6.23 -5.17
CA ALA A 220 12.88 5.65 -3.90
C ALA A 220 12.45 4.20 -4.06
N ARG A 221 11.61 3.92 -5.05
CA ARG A 221 11.23 2.54 -5.33
C ARG A 221 12.44 1.70 -5.73
N ALA A 222 13.43 2.32 -6.37
CA ALA A 222 14.68 1.61 -6.63
C ALA A 222 15.50 1.38 -5.37
N ARG A 223 15.31 2.23 -4.35
CA ARG A 223 16.06 2.12 -3.10
C ARG A 223 15.21 1.57 -1.96
N ASN A 224 14.12 0.86 -2.28
CA ASN A 224 13.23 0.26 -1.28
C ASN A 224 12.66 1.32 -0.33
N ILE A 225 12.23 2.45 -0.90
CA ILE A 225 11.63 3.54 -0.14
C ILE A 225 10.28 3.87 -0.77
N CYS A 226 9.28 4.11 0.07
CA CYS A 226 7.94 4.40 -0.39
C CYS A 226 7.47 5.75 0.15
N VAL A 227 6.44 6.29 -0.49
CA VAL A 227 5.83 7.55 -0.10
C VAL A 227 4.32 7.35 0.02
N ALA A 228 3.76 7.76 1.15
CA ALA A 228 2.33 7.58 1.37
C ALA A 228 1.51 8.55 0.53
N THR A 229 1.69 9.85 0.75
CA THR A 229 0.93 10.88 0.06
C THR A 229 1.89 11.92 -0.51
N SER A 230 1.54 12.44 -1.68
CA SER A 230 2.30 13.50 -2.34
C SER A 230 1.45 14.76 -2.38
N GLU A 231 1.97 15.85 -1.84
CA GLU A 231 1.27 17.12 -1.79
C GLU A 231 1.76 18.03 -2.92
N LYS A 232 0.86 18.91 -3.37
CA LYS A 232 1.17 19.87 -4.42
C LYS A 232 0.60 21.22 -4.04
N VAL A 233 1.17 22.28 -4.65
CA VAL A 233 0.71 23.64 -4.44
C VAL A 233 0.61 24.34 -5.78
N GLY A 234 -0.28 25.31 -5.86
CA GLY A 234 -0.48 26.09 -7.07
C GLY A 234 0.40 27.32 -7.11
N ARG A 235 0.06 28.22 -8.04
CA ARG A 235 0.79 29.47 -8.19
C ARG A 235 0.25 30.54 -7.24
N ALA A 236 -1.03 30.88 -7.37
CA ALA A 236 -1.67 31.81 -6.45
C ALA A 236 -2.00 31.04 -5.17
N MET A 237 -1.29 31.36 -4.09
CA MET A 237 -1.42 30.64 -2.84
C MET A 237 -1.67 31.60 -1.70
N SER A 238 -2.14 31.05 -0.58
CA SER A 238 -2.44 31.82 0.61
C SER A 238 -1.98 31.04 1.83
N ARG A 239 -1.91 31.74 2.97
CA ARG A 239 -1.49 31.10 4.21
C ARG A 239 -2.46 30.01 4.64
N ALA A 240 -3.75 30.15 4.29
CA ALA A 240 -4.73 29.15 4.64
C ALA A 240 -4.48 27.83 3.91
N ALA A 241 -4.16 27.90 2.62
CA ALA A 241 -3.86 26.70 1.87
C ALA A 241 -2.61 26.00 2.39
N PHE A 242 -1.59 26.78 2.77
CA PHE A 242 -0.38 26.19 3.31
C PHE A 242 -0.65 25.56 4.67
N GLU A 243 -1.47 26.20 5.51
CA GLU A 243 -1.85 25.60 6.78
C GLU A 243 -2.62 24.30 6.56
N GLY A 244 -3.49 24.27 5.56
CA GLY A 244 -4.18 23.03 5.23
C GLY A 244 -3.24 21.94 4.74
N VAL A 245 -2.22 22.34 3.98
CA VAL A 245 -1.22 21.36 3.53
C VAL A 245 -0.46 20.78 4.72
N VAL A 246 -0.06 21.64 5.66
CA VAL A 246 0.64 21.16 6.86
C VAL A 246 -0.27 20.25 7.68
N ARG A 247 -1.56 20.60 7.77
CA ARG A 247 -2.50 19.77 8.51
C ARG A 247 -2.68 18.40 7.85
N ALA A 248 -2.75 18.38 6.52
CA ALA A 248 -2.85 17.10 5.81
C ALA A 248 -1.58 16.28 5.99
N LEU A 249 -0.42 16.94 6.03
CA LEU A 249 0.82 16.23 6.30
C LEU A 249 0.84 15.67 7.73
N LEU A 250 0.22 16.39 8.66
CA LEU A 250 0.16 15.94 10.05
C LEU A 250 -0.84 14.82 10.27
N GLN A 251 -1.62 14.45 9.25
CA GLN A 251 -2.59 13.38 9.42
C GLN A 251 -1.92 12.04 9.66
N LYS A 252 -0.69 11.88 9.20
CA LYS A 252 0.09 10.66 9.45
C LYS A 252 1.24 10.99 10.40
N PRO A 253 1.15 10.60 11.67
CA PRO A 253 2.22 10.97 12.61
C PRO A 253 3.56 10.34 12.28
N SER A 254 3.57 9.19 11.59
CA SER A 254 4.82 8.51 11.27
C SER A 254 5.62 9.21 10.17
N ALA A 255 5.04 10.20 9.50
CA ALA A 255 5.73 10.92 8.43
C ALA A 255 6.53 12.07 9.04
N ARG A 256 7.67 11.73 9.62
CA ARG A 256 8.53 12.74 10.23
C ARG A 256 9.30 13.54 9.19
N VAL A 257 9.57 12.95 8.04
CA VAL A 257 10.35 13.61 6.98
C VAL A 257 9.39 14.20 5.97
N ALA A 258 9.83 15.29 5.33
CA ALA A 258 9.02 15.98 4.34
C ALA A 258 9.91 16.40 3.17
N VAL A 259 9.73 15.75 2.03
CA VAL A 259 10.49 16.09 0.83
C VAL A 259 9.81 17.26 0.12
N LEU A 260 10.59 18.28 -0.23
CA LEU A 260 10.07 19.47 -0.86
C LEU A 260 10.77 19.72 -2.19
N PHE A 261 9.99 20.05 -3.21
CA PHE A 261 10.49 20.51 -4.50
C PHE A 261 9.92 21.88 -4.82
N THR A 262 9.78 22.72 -3.81
CA THR A 262 9.14 24.02 -3.95
C THR A 262 10.19 25.08 -4.29
N ARG A 263 9.72 26.33 -4.40
CA ARG A 263 10.59 27.46 -4.69
C ARG A 263 11.05 28.10 -3.39
N SER A 264 11.66 29.28 -3.48
CA SER A 264 12.15 29.97 -2.28
C SER A 264 11.00 30.50 -1.45
N GLU A 265 10.20 31.39 -2.02
CA GLU A 265 9.05 31.93 -1.30
C GLU A 265 8.03 30.83 -0.98
N ASP A 266 7.95 29.81 -1.82
CA ASP A 266 7.07 28.68 -1.55
C ASP A 266 7.48 27.97 -0.26
N ALA A 267 8.76 27.62 -0.15
CA ALA A 267 9.25 27.00 1.08
C ALA A 267 9.15 27.95 2.27
N ARG A 268 9.30 29.25 2.03
CA ARG A 268 9.16 30.22 3.12
C ARG A 268 7.75 30.21 3.68
N GLU A 269 6.74 30.25 2.80
CA GLU A 269 5.36 30.20 3.27
C GLU A 269 5.03 28.86 3.90
N LEU A 270 5.61 27.77 3.38
CA LEU A 270 5.40 26.46 4.00
C LEU A 270 5.97 26.42 5.40
N LEU A 271 7.17 26.98 5.60
CA LEU A 271 7.76 27.04 6.93
C LEU A 271 6.92 27.91 7.86
N ALA A 272 6.41 29.04 7.35
CA ALA A 272 5.57 29.90 8.17
C ALA A 272 4.30 29.17 8.62
N ALA A 273 3.67 28.43 7.70
CA ALA A 273 2.46 27.69 8.06
C ALA A 273 2.78 26.57 9.05
N SER A 274 3.92 25.90 8.88
CA SER A 274 4.29 24.84 9.80
C SER A 274 4.58 25.40 11.20
N GLN A 275 5.19 26.58 11.26
CA GLN A 275 5.47 27.20 12.56
C GLN A 275 4.19 27.70 13.21
N ARG A 276 3.24 28.19 12.42
CA ARG A 276 1.98 28.67 12.98
C ARG A 276 1.17 27.53 13.59
N LEU A 277 1.31 26.31 13.06
CA LEU A 277 0.58 25.15 13.56
C LEU A 277 1.39 24.33 14.57
N ASN A 278 2.58 24.81 14.94
CA ASN A 278 3.46 24.11 15.88
C ASN A 278 3.75 22.68 15.41
N ALA A 279 4.03 22.54 14.12
CA ALA A 279 4.32 21.24 13.52
C ALA A 279 5.82 21.04 13.44
N SER A 280 6.30 19.89 13.88
CA SER A 280 7.71 19.55 13.89
C SER A 280 8.01 18.58 12.76
N PHE A 281 8.96 18.96 11.89
CA PHE A 281 9.33 18.13 10.76
C PHE A 281 10.82 18.32 10.48
N THR A 282 11.45 17.27 9.95
CA THR A 282 12.79 17.38 9.40
C THR A 282 12.65 17.65 7.89
N TRP A 283 13.15 18.80 7.46
CA TRP A 283 12.89 19.30 6.12
C TRP A 283 14.05 18.93 5.19
N VAL A 284 13.76 18.11 4.18
CA VAL A 284 14.68 17.85 3.08
C VAL A 284 14.06 18.45 1.82
N ALA A 285 14.81 19.29 1.13
CA ALA A 285 14.28 20.04 0.00
C ALA A 285 15.27 19.99 -1.16
N SER A 286 14.83 20.52 -2.30
CA SER A 286 15.64 20.58 -3.50
C SER A 286 16.40 21.91 -3.54
N ASP A 287 16.97 22.24 -4.69
CA ASP A 287 17.74 23.46 -4.84
C ASP A 287 16.89 24.72 -4.71
N GLY A 288 15.57 24.60 -4.64
CA GLY A 288 14.74 25.78 -4.44
C GLY A 288 14.98 26.45 -3.11
N TRP A 289 15.24 25.67 -2.07
CA TRP A 289 15.59 26.23 -0.77
C TRP A 289 16.95 26.91 -0.80
N GLY A 290 18.00 26.12 -1.06
CA GLY A 290 19.34 26.66 -1.11
C GLY A 290 19.81 27.17 0.25
N ALA A 291 20.82 28.04 0.21
CA ALA A 291 21.36 28.68 1.39
C ALA A 291 20.79 30.07 1.61
N LEU A 292 19.54 30.29 1.22
CA LEU A 292 18.91 31.59 1.34
C LEU A 292 18.49 31.86 2.79
N GLU A 293 18.51 33.15 3.15
CA GLU A 293 18.10 33.57 4.48
C GLU A 293 16.67 34.09 4.53
N SER A 294 16.14 34.60 3.41
CA SER A 294 14.78 35.09 3.39
C SER A 294 13.77 33.96 3.49
N VAL A 295 14.14 32.76 3.05
CA VAL A 295 13.22 31.63 3.13
C VAL A 295 13.00 31.23 4.58
N VAL A 296 14.07 31.16 5.37
CA VAL A 296 13.97 30.78 6.78
C VAL A 296 13.68 31.96 7.69
N ALA A 297 13.63 33.18 7.15
CA ALA A 297 13.37 34.35 7.97
C ALA A 297 11.96 34.31 8.55
N GLY A 298 11.86 34.50 9.86
CA GLY A 298 10.60 34.43 10.56
C GLY A 298 10.13 33.04 10.94
N SER A 299 10.82 32.00 10.48
CA SER A 299 10.49 30.61 10.78
C SER A 299 11.74 29.85 11.17
N GLU A 300 12.52 30.44 12.08
CA GLU A 300 13.78 29.81 12.51
C GLU A 300 13.53 28.48 13.20
N GLY A 301 12.54 28.43 14.11
CA GLY A 301 12.29 27.20 14.84
C GLY A 301 11.73 26.10 13.96
N ALA A 302 10.93 26.46 12.96
CA ALA A 302 10.33 25.46 12.08
C ALA A 302 11.33 24.81 11.15
N ALA A 303 12.45 25.49 10.87
CA ALA A 303 13.46 24.99 9.96
C ALA A 303 14.64 24.35 10.69
N GLU A 304 14.50 24.05 11.98
CA GLU A 304 15.57 23.46 12.74
C GLU A 304 15.85 22.04 12.26
N GLY A 305 17.13 21.73 12.04
CA GLY A 305 17.53 20.41 11.57
C GLY A 305 17.00 20.09 10.18
N ALA A 306 17.13 21.03 9.26
CA ALA A 306 16.63 20.88 7.89
C ALA A 306 17.80 20.60 6.95
N ILE A 307 17.65 19.57 6.14
CA ILE A 307 18.66 19.22 5.14
C ILE A 307 18.31 19.92 3.84
N THR A 308 19.29 20.60 3.25
CA THR A 308 19.09 21.33 2.00
C THR A 308 20.19 20.94 1.03
N ILE A 309 19.81 20.65 -0.21
CA ILE A 309 20.75 20.30 -1.27
C ILE A 309 20.79 21.44 -2.27
N GLU A 310 22.00 21.91 -2.58
CA GLU A 310 22.20 22.98 -3.55
C GLU A 310 23.19 22.50 -4.60
N LEU A 311 23.21 23.20 -5.73
CA LEU A 311 24.13 22.85 -6.80
C LEU A 311 25.55 23.28 -6.43
N ALA A 312 26.53 22.63 -7.06
CA ALA A 312 27.93 22.93 -6.78
C ALA A 312 28.23 24.40 -7.12
N SER A 313 28.88 25.08 -6.18
CA SER A 313 29.14 26.51 -6.34
C SER A 313 30.25 26.92 -5.40
N TYR A 314 30.89 28.04 -5.73
CA TYR A 314 31.91 28.66 -4.89
C TYR A 314 31.72 30.17 -4.92
N PRO A 315 32.00 30.85 -3.82
CA PRO A 315 31.84 32.32 -3.80
C PRO A 315 32.85 33.00 -4.72
N ILE A 316 32.48 34.18 -5.20
CA ILE A 316 33.31 34.98 -6.08
C ILE A 316 33.67 36.26 -5.35
N SER A 317 34.96 36.53 -5.20
CA SER A 317 35.41 37.72 -4.48
C SER A 317 35.23 38.99 -5.32
N ASP A 318 35.50 38.89 -6.64
CA ASP A 318 35.36 40.07 -7.50
C ASP A 318 33.91 40.51 -7.59
N PHE A 319 32.98 39.56 -7.74
CA PHE A 319 31.57 39.92 -7.79
C PHE A 319 31.10 40.51 -6.47
N ALA A 320 31.59 39.97 -5.35
CA ALA A 320 31.24 40.53 -4.05
C ALA A 320 31.74 41.96 -3.90
N SER A 321 32.98 42.21 -4.32
CA SER A 321 33.54 43.56 -4.24
C SER A 321 32.77 44.52 -5.14
N TYR A 322 32.35 44.05 -6.32
CA TYR A 322 31.57 44.91 -7.22
C TYR A 322 30.19 45.19 -6.65
N PHE A 323 29.58 44.19 -6.00
CA PHE A 323 28.23 44.37 -5.46
C PHE A 323 28.24 45.28 -4.23
N GLN A 324 29.26 45.17 -3.39
CA GLN A 324 29.33 46.00 -2.19
C GLN A 324 29.49 47.47 -2.56
N SER A 325 30.26 47.77 -3.59
CA SER A 325 30.47 49.16 -4.03
C SER A 325 29.43 49.54 -5.08
N LEU A 326 28.17 49.58 -4.64
CA LEU A 326 27.04 49.91 -5.50
C LEU A 326 26.15 50.91 -4.80
N ASP A 327 25.71 51.94 -5.53
CA ASP A 327 24.82 52.95 -5.03
C ASP A 327 23.81 53.30 -6.10
N PRO A 328 22.59 53.69 -5.71
CA PRO A 328 21.57 54.02 -6.72
C PRO A 328 21.92 55.22 -7.58
N TRP A 329 22.82 56.09 -7.12
CA TRP A 329 23.17 57.27 -7.89
C TRP A 329 24.06 56.91 -9.08
N ASN A 330 25.18 56.23 -8.82
CA ASN A 330 26.10 55.88 -9.90
C ASN A 330 25.54 54.76 -10.76
N ASN A 331 24.77 53.85 -10.18
CA ASN A 331 24.19 52.72 -10.92
C ASN A 331 22.86 53.17 -11.52
N SER A 332 22.94 53.98 -12.56
CA SER A 332 21.75 54.47 -13.26
C SER A 332 21.31 53.56 -14.39
N ARG A 333 22.09 52.54 -14.72
CA ARG A 333 21.73 51.62 -15.80
C ARG A 333 20.75 50.54 -15.36
N ASN A 334 20.54 50.36 -14.06
CA ASN A 334 19.60 49.36 -13.57
C ASN A 334 18.33 50.05 -13.13
N PRO A 335 17.21 49.87 -13.84
CA PRO A 335 15.97 50.55 -13.45
C PRO A 335 15.38 50.05 -12.15
N TRP A 336 15.64 48.79 -11.79
CA TRP A 336 15.10 48.21 -10.57
C TRP A 336 16.02 48.39 -9.37
N PHE A 337 17.16 49.05 -9.53
CA PHE A 337 18.09 49.20 -8.42
C PHE A 337 17.55 50.18 -7.37
N ARG A 338 16.88 51.25 -7.80
CA ARG A 338 16.36 52.24 -6.86
C ARG A 338 15.26 51.63 -5.99
N GLU A 339 14.30 50.95 -6.61
CA GLU A 339 13.24 50.32 -5.82
C GLU A 339 13.78 49.16 -4.99
N PHE A 340 14.84 48.49 -5.46
CA PHE A 340 15.49 47.48 -4.65
C PHE A 340 16.08 48.10 -3.39
N TRP A 341 16.74 49.25 -3.53
CA TRP A 341 17.29 49.95 -2.37
C TRP A 341 16.17 50.36 -1.42
N GLU A 342 15.06 50.88 -1.97
CA GLU A 342 13.92 51.26 -1.13
C GLU A 342 13.37 50.07 -0.36
N GLN A 343 13.24 48.92 -1.03
CA GLN A 343 12.67 47.75 -0.35
C GLN A 343 13.64 47.16 0.65
N ARG A 344 14.95 47.23 0.37
CA ARG A 344 15.93 46.64 1.28
C ARG A 344 16.12 47.49 2.53
N PHE A 345 16.22 48.81 2.37
CA PHE A 345 16.45 49.69 3.50
C PHE A 345 15.17 50.26 4.09
N ARG A 346 14.01 49.84 3.59
CA ARG A 346 12.71 50.27 4.11
C ARG A 346 12.60 51.80 4.11
N CYS A 347 13.04 52.42 3.02
CA CYS A 347 13.03 53.87 2.87
C CYS A 347 12.36 54.24 1.55
N SER A 348 12.31 55.54 1.29
CA SER A 348 11.75 56.06 0.05
C SER A 348 12.59 57.24 -0.41
N PHE A 349 12.89 57.27 -1.71
CA PHE A 349 13.69 58.35 -2.27
C PHE A 349 12.91 59.65 -2.38
N ARG A 350 11.59 59.62 -2.21
CA ARG A 350 10.81 60.86 -2.25
C ARG A 350 11.14 61.73 -1.05
N GLN A 351 11.34 61.13 0.13
CA GLN A 351 11.69 61.89 1.31
C GLN A 351 13.17 62.23 1.38
N ARG A 352 14.00 61.54 0.60
CA ARG A 352 15.45 61.78 0.56
C ARG A 352 16.07 61.64 1.96
N ASP A 353 15.94 60.44 2.51
CA ASP A 353 16.43 60.15 3.85
C ASP A 353 17.51 59.08 3.89
N CYS A 354 17.47 58.09 2.99
CA CYS A 354 18.43 57.00 2.98
C CYS A 354 19.55 57.22 1.97
N ALA A 355 19.93 58.48 1.72
CA ALA A 355 21.02 58.75 0.81
C ALA A 355 22.37 58.39 1.41
N ALA A 356 22.50 58.49 2.73
CA ALA A 356 23.76 58.20 3.40
C ALA A 356 23.96 56.71 3.67
N HIS A 357 22.94 55.88 3.45
CA HIS A 357 23.08 54.45 3.69
C HIS A 357 24.03 53.84 2.66
N SER A 358 24.83 52.87 3.12
CA SER A 358 25.79 52.20 2.27
C SER A 358 25.66 50.69 2.44
N LEU A 359 25.96 49.95 1.37
CA LEU A 359 25.87 48.51 1.40
C LEU A 359 27.10 47.85 2.02
N ARG A 360 28.20 48.58 2.16
CA ARG A 360 29.41 48.01 2.73
C ARG A 360 29.23 47.63 4.19
N ALA A 361 28.53 48.47 4.95
CA ALA A 361 28.32 48.19 6.37
C ALA A 361 27.42 46.97 6.56
N VAL A 362 26.36 46.88 5.77
CA VAL A 362 25.43 45.74 5.90
C VAL A 362 26.12 44.48 5.35
N PRO A 363 26.10 43.37 6.08
CA PRO A 363 26.70 42.14 5.56
C PRO A 363 26.00 41.66 4.29
N PHE A 364 26.79 41.16 3.35
CA PHE A 364 26.29 40.74 2.05
C PHE A 364 26.46 39.24 1.88
N GLU A 365 25.38 38.55 1.54
CA GLU A 365 25.41 37.12 1.26
C GLU A 365 25.32 36.91 -0.24
N GLN A 366 26.25 36.11 -0.78
CA GLN A 366 26.32 35.88 -2.21
C GLN A 366 25.44 34.71 -2.61
N GLU A 367 24.69 34.88 -3.69
CA GLU A 367 23.87 33.81 -4.21
C GLU A 367 24.73 32.68 -4.74
N SER A 368 24.28 31.43 -4.52
CA SER A 368 25.05 30.28 -4.95
C SER A 368 25.16 30.21 -6.48
N LYS A 369 24.08 30.57 -7.18
CA LYS A 369 24.02 30.46 -8.63
C LYS A 369 24.64 31.67 -9.35
N ILE A 370 25.46 32.46 -8.65
CA ILE A 370 26.15 33.56 -9.32
C ILE A 370 27.19 33.02 -10.30
N MET A 371 27.99 32.04 -9.86
CA MET A 371 28.96 31.43 -10.75
C MET A 371 28.28 30.79 -11.95
N PHE A 372 27.04 30.30 -11.78
CA PHE A 372 26.34 29.66 -12.89
C PHE A 372 26.05 30.66 -14.01
N VAL A 373 25.47 31.82 -13.67
CA VAL A 373 25.19 32.81 -14.69
C VAL A 373 26.47 33.41 -15.24
N VAL A 374 27.51 33.53 -14.40
CA VAL A 374 28.80 34.03 -14.88
C VAL A 374 29.35 33.09 -15.95
N ASN A 375 29.34 31.78 -15.66
CA ASN A 375 29.84 30.80 -16.62
C ASN A 375 28.96 30.73 -17.85
N ALA A 376 27.64 30.95 -17.71
CA ALA A 376 26.77 30.98 -18.87
C ALA A 376 27.11 32.13 -19.79
N VAL A 377 27.30 33.32 -19.21
CA VAL A 377 27.69 34.49 -20.01
C VAL A 377 29.04 34.25 -20.67
N TYR A 378 29.99 33.66 -19.94
CA TYR A 378 31.31 33.41 -20.50
C TYR A 378 31.25 32.38 -21.63
N ALA A 379 30.40 31.37 -21.49
CA ALA A 379 30.25 30.38 -22.55
C ALA A 379 29.61 30.99 -23.78
N MET A 380 28.62 31.86 -23.59
CA MET A 380 28.02 32.55 -24.73
C MET A 380 29.05 33.43 -25.43
N ALA A 381 29.87 34.15 -24.66
CA ALA A 381 30.90 34.99 -25.25
C ALA A 381 31.94 34.16 -25.98
N HIS A 382 32.31 32.99 -25.44
CA HIS A 382 33.26 32.13 -26.12
C HIS A 382 32.68 31.56 -27.40
N ALA A 383 31.39 31.23 -27.40
CA ALA A 383 30.74 30.77 -28.63
C ALA A 383 30.72 31.87 -29.68
N LEU A 384 30.45 33.11 -29.26
CA LEU A 384 30.47 34.22 -30.21
C LEU A 384 31.88 34.47 -30.75
N HIS A 385 32.90 34.33 -29.89
CA HIS A 385 34.27 34.49 -30.34
C HIS A 385 34.65 33.39 -31.33
N ASN A 386 34.22 32.15 -31.07
CA ASN A 386 34.48 31.06 -32.01
C ASN A 386 33.78 31.30 -33.34
N MET A 387 32.55 31.83 -33.30
CA MET A 387 31.86 32.19 -34.53
C MET A 387 32.63 33.25 -35.31
N HIS A 388 33.09 34.29 -34.62
CA HIS A 388 33.85 35.35 -35.28
C HIS A 388 35.14 34.80 -35.87
N ARG A 389 35.80 33.87 -35.17
CA ARG A 389 37.02 33.29 -35.70
C ARG A 389 36.75 32.35 -36.88
N ALA A 390 35.58 31.71 -36.90
CA ALA A 390 35.29 30.75 -37.96
C ALA A 390 34.78 31.41 -39.23
N LEU A 391 34.07 32.53 -39.11
CA LEU A 391 33.52 33.20 -40.28
C LEU A 391 34.41 34.32 -40.81
N CYS A 392 34.83 35.24 -39.95
CA CYS A 392 35.68 36.36 -40.33
C CYS A 392 36.91 36.37 -39.44
N PRO A 393 37.90 35.52 -39.73
CA PRO A 393 39.09 35.46 -38.88
C PRO A 393 40.09 36.57 -39.14
N ASN A 394 40.10 37.17 -40.33
CA ASN A 394 41.08 38.20 -40.64
C ASN A 394 40.82 39.47 -39.83
N THR A 395 39.64 40.06 -40.01
CA THR A 395 39.31 41.28 -39.29
C THR A 395 38.90 40.96 -37.85
N THR A 396 38.95 42.00 -37.01
CA THR A 396 38.59 41.89 -35.60
C THR A 396 37.34 42.66 -35.23
N ARG A 397 36.99 43.69 -35.99
CA ARG A 397 35.79 44.48 -35.72
C ARG A 397 34.56 43.77 -36.26
N LEU A 398 33.44 44.49 -36.30
CA LEU A 398 32.19 43.94 -36.80
C LEU A 398 32.32 43.61 -38.29
N CYS A 399 32.38 42.34 -38.62
CA CYS A 399 32.53 41.90 -40.00
C CYS A 399 31.17 41.78 -40.68
N ASP A 400 31.21 41.70 -42.01
CA ASP A 400 29.98 41.59 -42.79
C ASP A 400 29.27 40.26 -42.58
N ALA A 401 30.00 39.21 -42.21
CA ALA A 401 29.38 37.91 -41.97
C ALA A 401 28.56 37.88 -40.68
N MET A 402 28.74 38.87 -39.81
CA MET A 402 28.00 38.93 -38.55
C MET A 402 26.58 39.46 -38.73
N ARG A 403 26.24 40.02 -39.89
CA ARG A 403 24.88 40.52 -40.10
C ARG A 403 23.85 39.40 -40.08
N PRO A 404 23.96 38.32 -40.88
CA PRO A 404 23.01 37.21 -40.73
C PRO A 404 23.46 36.23 -39.68
N VAL A 405 22.69 36.10 -38.60
CA VAL A 405 23.03 35.22 -37.48
C VAL A 405 22.04 34.07 -37.47
N ASN A 406 22.55 32.85 -37.66
CA ASN A 406 21.74 31.64 -37.65
C ASN A 406 21.95 30.91 -36.33
N GLY A 407 20.86 30.65 -35.62
CA GLY A 407 20.95 29.97 -34.35
C GLY A 407 21.33 28.51 -34.48
N ARG A 408 20.96 27.89 -35.59
CA ARG A 408 21.24 26.46 -35.76
C ARG A 408 22.74 26.18 -35.81
N ARG A 409 23.46 26.89 -36.67
CA ARG A 409 24.90 26.67 -36.81
C ARG A 409 25.63 27.01 -35.52
N LEU A 410 25.31 28.16 -34.93
CA LEU A 410 25.97 28.56 -33.69
C LEU A 410 25.71 27.55 -32.57
N TYR A 411 24.48 27.04 -32.48
CA TYR A 411 24.15 26.13 -31.40
C TYR A 411 24.78 24.75 -31.61
N LYS A 412 24.80 24.26 -32.85
CA LYS A 412 25.26 22.91 -33.12
C LYS A 412 26.76 22.83 -33.37
N ASP A 413 27.46 23.96 -33.51
CA ASP A 413 28.89 23.94 -33.75
C ASP A 413 29.72 24.75 -32.75
N PHE A 414 29.11 25.67 -32.02
CA PHE A 414 29.90 26.53 -31.15
C PHE A 414 29.41 26.56 -29.71
N VAL A 415 28.09 26.51 -29.48
CA VAL A 415 27.59 26.50 -28.12
C VAL A 415 27.82 25.15 -27.46
N LEU A 416 27.55 24.06 -28.18
CA LEU A 416 27.73 22.72 -27.63
C LEU A 416 29.19 22.27 -27.59
N ASN A 417 30.11 23.08 -28.14
CA ASN A 417 31.52 22.74 -28.18
C ASN A 417 32.35 23.68 -27.30
N VAL A 418 31.81 24.04 -26.14
CA VAL A 418 32.50 24.93 -25.22
C VAL A 418 33.27 24.10 -24.19
N LYS A 419 34.53 24.48 -23.96
CA LYS A 419 35.34 23.81 -22.95
C LYS A 419 36.42 24.82 -22.54
N PHE A 420 36.24 25.45 -21.38
CA PHE A 420 37.13 26.52 -20.98
C PHE A 420 37.25 26.58 -19.47
N ASP A 421 38.38 27.09 -19.00
CA ASP A 421 38.58 27.26 -17.57
C ASP A 421 37.54 28.22 -16.99
N ALA A 422 36.98 27.85 -15.85
CA ALA A 422 35.93 28.65 -15.24
C ALA A 422 36.48 30.00 -14.78
N PRO A 423 35.86 31.11 -15.16
CA PRO A 423 36.37 32.41 -14.74
C PRO A 423 36.14 32.64 -13.25
N PHE A 424 37.07 33.40 -12.65
CA PHE A 424 37.01 33.76 -11.23
C PHE A 424 36.98 32.53 -10.33
N ARG A 425 37.57 31.43 -10.79
CA ARG A 425 37.62 30.22 -9.98
C ARG A 425 38.76 30.29 -8.96
N PRO A 426 38.62 29.62 -7.83
CA PRO A 426 39.71 29.61 -6.85
C PRO A 426 40.93 28.89 -7.39
N ALA A 427 42.11 29.33 -6.94
CA ALA A 427 43.36 28.75 -7.40
C ALA A 427 43.60 27.36 -6.82
N ASP A 428 42.88 26.98 -5.76
CA ASP A 428 43.08 25.67 -5.16
C ASP A 428 42.57 24.56 -6.07
N THR A 429 41.42 24.77 -6.71
CA THR A 429 40.81 23.78 -7.59
C THR A 429 40.89 24.23 -9.04
N HIS A 430 40.70 23.28 -9.95
CA HIS A 430 40.72 23.52 -11.39
C HIS A 430 39.35 23.16 -11.94
N ASN A 431 38.42 24.11 -11.92
CA ASN A 431 37.07 23.91 -12.42
C ASN A 431 37.02 24.33 -13.89
N GLU A 432 36.42 23.48 -14.72
CA GLU A 432 36.33 23.72 -16.15
C GLU A 432 34.87 23.64 -16.58
N VAL A 433 34.42 24.66 -17.29
CA VAL A 433 33.05 24.72 -17.80
C VAL A 433 33.01 24.08 -19.18
N ARG A 434 32.10 23.11 -19.34
CA ARG A 434 31.91 22.41 -20.59
C ARG A 434 30.45 21.99 -20.70
N PHE A 435 30.04 21.62 -21.90
CA PHE A 435 28.69 21.14 -22.16
C PHE A 435 28.72 19.67 -22.53
N ASP A 436 27.81 18.90 -21.95
CA ASP A 436 27.75 17.46 -22.17
C ASP A 436 27.04 17.18 -23.50
N ARG A 437 26.70 15.91 -23.73
CA ARG A 437 26.03 15.52 -24.97
C ARG A 437 24.64 16.13 -25.08
N PHE A 438 23.97 16.34 -23.95
CA PHE A 438 22.61 16.88 -23.93
C PHE A 438 22.57 18.36 -23.60
N GLY A 439 23.72 19.03 -23.58
CA GLY A 439 23.76 20.45 -23.28
C GLY A 439 23.37 20.80 -21.86
N ASP A 440 23.78 19.98 -20.90
CA ASP A 440 23.50 20.21 -19.48
C ASP A 440 24.81 20.49 -18.75
N GLY A 441 24.71 20.64 -17.42
CA GLY A 441 25.86 20.88 -16.59
C GLY A 441 26.34 19.62 -15.88
N ILE A 442 27.49 19.75 -15.22
CA ILE A 442 28.07 18.64 -14.48
C ILE A 442 27.25 18.38 -13.22
N GLY A 443 27.06 17.10 -12.89
CA GLY A 443 26.27 16.74 -11.74
C GLY A 443 27.06 16.73 -10.45
N ARG A 444 26.89 17.78 -9.65
CA ARG A 444 27.58 17.90 -8.38
C ARG A 444 26.75 18.79 -7.46
N TYR A 445 26.58 18.35 -6.22
CA TYR A 445 25.74 19.05 -5.26
C TYR A 445 26.43 19.10 -3.90
N ASN A 446 26.10 20.13 -3.13
CA ASN A 446 26.55 20.26 -1.75
C ASN A 446 25.33 20.26 -0.83
N ILE A 447 25.57 19.95 0.44
CA ILE A 447 24.51 19.80 1.43
C ILE A 447 24.75 20.78 2.57
N PHE A 448 23.69 21.47 2.99
CA PHE A 448 23.71 22.29 4.19
C PHE A 448 22.67 21.77 5.19
N THR A 449 22.92 22.07 6.46
CA THR A 449 22.01 21.73 7.55
C THR A 449 21.81 22.96 8.42
N TYR A 450 20.55 23.28 8.70
CA TYR A 450 20.21 24.42 9.54
C TYR A 450 20.46 24.05 11.00
N LEU A 451 21.49 24.62 11.59
CA LEU A 451 21.89 24.32 12.96
C LEU A 451 22.11 25.60 13.74
N ARG A 452 22.26 25.45 15.05
CA ARG A 452 22.54 26.58 15.94
C ARG A 452 24.05 26.68 16.19
N ALA A 453 24.76 27.05 15.12
CA ALA A 453 26.22 27.17 15.20
C ALA A 453 26.62 28.27 16.16
N GLY A 454 26.01 29.45 16.02
CA GLY A 454 26.28 30.56 16.91
C GLY A 454 25.43 30.53 18.16
N SER A 455 25.58 31.59 18.96
CA SER A 455 24.78 31.70 20.18
C SER A 455 23.31 31.91 19.86
N GLY A 456 23.00 32.92 19.05
CA GLY A 456 21.64 33.17 18.64
C GLY A 456 21.48 33.28 17.14
N ARG A 457 22.59 33.48 16.44
CA ARG A 457 22.56 33.61 14.99
C ARG A 457 22.50 32.24 14.32
N TYR A 458 21.89 32.20 13.14
CA TYR A 458 21.73 30.98 12.38
C TYR A 458 22.45 31.11 11.04
N ARG A 459 22.98 29.99 10.57
CA ARG A 459 23.72 29.96 9.31
C ARG A 459 23.64 28.54 8.74
N TYR A 460 24.34 28.34 7.63
CA TYR A 460 24.39 27.05 6.94
C TYR A 460 25.81 26.52 6.97
N GLN A 461 25.96 25.24 7.31
CA GLN A 461 27.26 24.59 7.40
C GLN A 461 27.26 23.36 6.50
N LYS A 462 28.31 23.21 5.70
CA LYS A 462 28.41 22.06 4.80
C LYS A 462 28.50 20.77 5.59
N VAL A 463 27.70 19.78 5.19
CA VAL A 463 27.65 18.50 5.89
C VAL A 463 27.87 17.36 4.90
N GLY A 464 28.28 17.68 3.69
CA GLY A 464 28.59 16.65 2.72
C GLY A 464 28.33 17.12 1.30
N TYR A 465 28.65 16.23 0.36
CA TYR A 465 28.49 16.54 -1.06
C TYR A 465 28.23 15.26 -1.84
N TRP A 466 27.57 15.43 -2.98
CA TRP A 466 27.23 14.33 -3.87
C TRP A 466 27.83 14.61 -5.24
N ALA A 467 28.73 13.73 -5.69
CA ALA A 467 29.32 13.84 -7.02
C ALA A 467 29.62 12.40 -7.48
N GLU A 468 28.67 11.83 -8.23
CA GLU A 468 28.71 10.42 -8.60
C GLU A 468 28.90 9.54 -7.37
N GLY A 469 28.24 9.92 -6.28
CA GLY A 469 28.40 9.26 -5.00
C GLY A 469 28.27 10.24 -3.85
N LEU A 470 27.51 9.86 -2.83
CA LEU A 470 27.21 10.75 -1.71
C LEU A 470 28.21 10.52 -0.58
N THR A 471 28.77 11.62 -0.05
CA THR A 471 29.66 11.57 1.09
C THR A 471 29.15 12.55 2.14
N LEU A 472 28.86 12.05 3.34
CA LEU A 472 28.34 12.85 4.42
C LEU A 472 29.12 12.55 5.69
N ASP A 473 29.10 13.50 6.62
CA ASP A 473 29.71 13.34 7.93
C ASP A 473 28.72 13.76 9.00
N THR A 474 28.54 12.91 10.01
CA THR A 474 27.60 13.19 11.09
C THR A 474 28.19 14.05 12.19
N SER A 475 29.49 14.38 12.11
CA SER A 475 30.11 15.21 13.14
C SER A 475 29.55 16.63 13.09
N LEU A 476 29.30 17.16 11.89
CA LEU A 476 28.80 18.52 11.73
C LEU A 476 27.28 18.59 11.75
N ILE A 477 26.59 17.47 11.86
CA ILE A 477 25.13 17.43 11.93
C ILE A 477 24.74 17.21 13.39
N PRO A 478 24.00 18.15 14.01
CA PRO A 478 23.69 18.01 15.44
C PRO A 478 22.78 16.83 15.74
N TRP A 479 21.65 16.73 15.03
CA TRP A 479 20.69 15.68 15.32
C TRP A 479 21.22 14.31 14.94
N ALA A 480 22.12 14.24 13.99
CA ALA A 480 22.72 12.96 13.60
C ALA A 480 23.88 12.54 14.50
N SER A 481 24.37 13.45 15.34
CA SER A 481 25.47 13.11 16.24
C SER A 481 24.96 12.25 17.39
N PRO A 482 25.80 11.35 17.91
CA PRO A 482 25.36 10.51 19.04
C PRO A 482 25.15 11.30 20.33
N SER A 483 25.69 12.51 20.44
CA SER A 483 25.51 13.30 21.66
C SER A 483 24.06 13.71 21.82
N ALA A 484 23.40 14.09 20.73
CA ALA A 484 22.00 14.51 20.78
C ALA A 484 21.03 13.34 20.91
N GLY A 485 21.52 12.10 20.80
CA GLY A 485 20.67 10.94 20.90
C GLY A 485 20.37 10.33 19.54
N PRO A 486 19.31 9.53 19.47
CA PRO A 486 18.94 8.91 18.19
C PRO A 486 18.45 9.96 17.20
N LEU A 487 18.80 9.76 15.94
CA LEU A 487 18.39 10.68 14.90
C LEU A 487 16.90 10.52 14.60
N PRO A 488 16.21 11.61 14.24
CA PRO A 488 14.78 11.50 13.91
C PRO A 488 14.54 10.64 12.68
N ALA A 489 13.90 9.49 12.86
CA ALA A 489 13.62 8.56 11.79
C ALA A 489 12.12 8.50 11.52
N SER A 490 11.78 8.33 10.24
CA SER A 490 10.38 8.26 9.81
C SER A 490 10.14 6.88 9.20
N ARG A 491 9.44 6.03 9.94
CA ARG A 491 9.10 4.69 9.49
C ARG A 491 7.65 4.40 9.83
N CYS A 492 6.97 3.68 8.94
CA CYS A 492 5.55 3.37 9.18
C CYS A 492 5.40 2.40 10.35
N SER A 493 6.25 1.38 10.42
CA SER A 493 6.20 0.40 11.49
C SER A 493 7.58 0.28 12.12
N GLU A 494 7.63 0.36 13.44
CA GLU A 494 8.89 0.23 14.15
C GLU A 494 9.38 -1.23 14.09
N PRO A 495 10.70 -1.45 14.11
CA PRO A 495 11.20 -2.83 14.10
C PRO A 495 10.91 -3.55 15.41
N CYS A 496 9.99 -4.51 15.36
CA CYS A 496 9.59 -5.23 16.56
C CYS A 496 10.61 -6.32 16.89
N LEU A 497 10.35 -7.03 17.98
CA LEU A 497 11.26 -8.08 18.45
C LEU A 497 11.20 -9.27 17.52
N GLN A 498 12.28 -9.50 16.77
CA GLN A 498 12.32 -10.60 15.80
C GLN A 498 12.33 -11.97 16.47
N ASN A 499 12.63 -12.03 17.76
CA ASN A 499 12.77 -13.32 18.43
C ASN A 499 11.45 -14.08 18.48
N GLU A 500 10.34 -13.39 18.76
CA GLU A 500 9.05 -14.04 18.91
C GLU A 500 7.93 -13.33 18.15
N VAL A 501 8.23 -12.33 17.34
CA VAL A 501 7.24 -11.64 16.52
C VAL A 501 7.67 -11.76 15.06
N LYS A 502 6.74 -12.20 14.21
CA LYS A 502 7.02 -12.40 12.80
C LYS A 502 6.21 -11.43 11.97
N SER A 503 6.84 -10.87 10.93
CA SER A 503 6.20 -9.88 10.09
C SER A 503 5.56 -10.53 8.86
N VAL A 504 4.35 -10.12 8.53
CA VAL A 504 3.66 -10.63 7.36
C VAL A 504 4.10 -9.83 6.15
N GLN A 505 4.00 -10.45 4.97
CA GLN A 505 4.39 -9.82 3.70
C GLN A 505 3.14 -9.55 2.87
N PRO A 506 2.48 -8.39 3.05
CA PRO A 506 1.32 -8.06 2.22
C PRO A 506 1.73 -7.64 0.82
N GLY A 507 0.77 -7.17 0.02
CA GLY A 507 1.07 -6.72 -1.32
C GLY A 507 1.81 -5.40 -1.35
N GLU A 508 2.95 -5.34 -0.66
CA GLU A 508 3.78 -4.14 -0.60
C GLU A 508 5.24 -4.58 -0.50
N VAL A 509 6.13 -3.60 -0.52
CA VAL A 509 7.56 -3.86 -0.36
C VAL A 509 8.13 -2.90 0.68
N CYS A 510 7.32 -1.91 1.08
CA CYS A 510 7.77 -0.85 1.98
C CYS A 510 7.32 -1.09 3.42
N CYS A 511 6.01 -1.20 3.64
CA CYS A 511 5.45 -1.30 4.98
C CYS A 511 5.02 -2.72 5.29
N TRP A 512 5.02 -3.06 6.57
CA TRP A 512 4.63 -4.39 7.01
C TRP A 512 4.17 -4.30 8.46
N LEU A 513 3.39 -5.30 8.87
CA LEU A 513 2.97 -5.45 10.26
C LEU A 513 3.42 -6.81 10.78
N CYS A 514 3.83 -6.84 12.04
CA CYS A 514 4.37 -8.05 12.65
C CYS A 514 3.51 -8.46 13.83
N ILE A 515 3.15 -9.74 13.87
CA ILE A 515 2.41 -10.33 14.98
C ILE A 515 3.15 -11.57 15.44
N PRO A 516 3.04 -11.98 16.70
CA PRO A 516 3.72 -13.20 17.14
C PRO A 516 3.11 -14.43 16.50
N CYS A 517 3.97 -15.34 16.06
CA CYS A 517 3.53 -16.59 15.45
C CYS A 517 3.18 -17.59 16.55
N GLN A 518 3.00 -18.85 16.16
CA GLN A 518 2.66 -19.87 17.13
C GLN A 518 3.78 -20.03 18.16
N PRO A 519 3.45 -20.26 19.43
CA PRO A 519 4.50 -20.33 20.46
C PRO A 519 5.42 -21.52 20.32
N TYR A 520 5.02 -22.57 19.63
CA TYR A 520 5.85 -23.76 19.48
C TYR A 520 6.79 -23.70 18.29
N GLU A 521 6.84 -22.59 17.57
CA GLU A 521 7.73 -22.42 16.43
C GLU A 521 8.49 -21.11 16.56
N TYR A 522 9.78 -21.16 16.25
CA TYR A 522 10.65 -19.98 16.32
C TYR A 522 10.76 -19.32 14.95
N ARG A 523 11.16 -18.05 14.97
CA ARG A 523 11.26 -17.24 13.76
C ARG A 523 12.69 -17.33 13.23
N LEU A 524 12.88 -18.05 12.13
CA LEU A 524 14.17 -18.15 11.47
C LEU A 524 14.15 -17.60 10.05
N ASP A 525 13.13 -17.93 9.27
CA ASP A 525 13.02 -17.44 7.90
C ASP A 525 12.52 -16.00 7.89
N GLU A 526 12.53 -15.40 6.71
CA GLU A 526 12.07 -14.02 6.53
C GLU A 526 10.57 -13.92 6.30
N PHE A 527 9.89 -15.03 6.02
CA PHE A 527 8.47 -15.02 5.72
C PHE A 527 7.63 -15.71 6.77
N THR A 528 8.04 -16.90 7.23
CA THR A 528 7.25 -17.70 8.15
C THR A 528 8.15 -18.26 9.25
N CYS A 529 7.61 -18.34 10.47
CA CYS A 529 8.36 -18.91 11.58
C CYS A 529 8.71 -20.36 11.30
N ALA A 530 9.96 -20.72 11.53
CA ALA A 530 10.43 -22.07 11.26
C ALA A 530 9.97 -23.04 12.33
N ASP A 531 9.67 -24.28 11.91
CA ASP A 531 9.25 -25.32 12.85
C ASP A 531 10.43 -25.95 13.56
N CYS A 532 11.62 -25.92 12.93
CA CYS A 532 12.85 -26.52 13.47
C CYS A 532 12.66 -27.99 13.83
N GLY A 533 11.73 -28.66 13.14
CA GLY A 533 11.56 -30.09 13.30
C GLY A 533 10.57 -30.47 14.39
N LEU A 534 10.64 -31.75 14.77
CA LEU A 534 9.74 -32.34 15.76
C LEU A 534 10.52 -32.73 17.00
N GLY A 535 9.94 -32.44 18.17
CA GLY A 535 10.58 -32.77 19.43
C GLY A 535 11.59 -31.77 19.91
N TYR A 536 11.61 -30.56 19.36
CA TYR A 536 12.56 -29.52 19.73
C TYR A 536 11.81 -28.30 20.22
N TRP A 537 12.34 -27.68 21.27
CA TRP A 537 11.67 -26.53 21.88
C TRP A 537 12.13 -25.23 21.21
N PRO A 538 11.21 -24.36 20.81
CA PRO A 538 11.60 -23.11 20.15
C PRO A 538 12.34 -22.19 21.12
N ASN A 539 13.57 -21.83 20.74
CA ASN A 539 14.41 -20.95 21.53
C ASN A 539 15.48 -20.37 20.61
N ALA A 540 16.49 -19.73 21.20
CA ALA A 540 17.60 -19.19 20.44
C ALA A 540 18.93 -19.67 21.01
N SER A 541 18.96 -20.89 21.54
CA SER A 541 20.14 -21.40 22.23
C SER A 541 21.35 -21.51 21.31
N LEU A 542 21.30 -22.42 20.34
CA LEU A 542 22.47 -22.60 19.47
C LEU A 542 22.32 -21.84 18.16
N THR A 543 21.37 -22.25 17.31
CA THR A 543 21.06 -21.50 16.10
C THR A 543 19.60 -21.11 16.00
N GLY A 544 18.68 -22.08 16.04
CA GLY A 544 17.29 -21.80 15.77
C GLY A 544 16.31 -22.23 16.85
N CYS A 545 16.68 -23.25 17.62
CA CYS A 545 15.83 -23.78 18.69
C CYS A 545 16.63 -24.86 19.41
N PHE A 546 16.21 -25.15 20.64
CA PHE A 546 16.97 -26.00 21.54
C PHE A 546 16.35 -27.40 21.62
N GLU A 547 17.10 -28.33 22.20
CA GLU A 547 16.66 -29.70 22.40
C GLU A 547 16.71 -30.03 23.89
N LEU A 548 15.62 -30.59 24.40
CA LEU A 548 15.51 -30.95 25.81
C LEU A 548 15.38 -32.46 25.95
N PRO A 549 16.47 -33.19 26.16
CA PRO A 549 16.38 -34.64 26.30
C PRO A 549 16.12 -35.07 27.73
N GLN A 550 15.68 -34.13 28.57
CA GLN A 550 15.46 -34.40 29.99
C GLN A 550 14.17 -35.18 30.27
N GLU A 551 13.43 -35.56 29.23
CA GLU A 551 12.21 -36.33 29.45
C GLU A 551 12.52 -37.77 29.85
N TYR A 552 13.55 -38.36 29.25
CA TYR A 552 13.92 -39.73 29.59
C TYR A 552 14.34 -39.84 31.05
N ILE A 553 15.08 -38.85 31.54
CA ILE A 553 15.46 -38.79 32.95
C ILE A 553 14.29 -38.22 33.74
N ARG A 554 13.42 -39.11 34.24
CA ARG A 554 12.20 -38.73 34.93
C ARG A 554 12.29 -39.04 36.44
N TRP A 555 13.46 -38.79 37.02
CA TRP A 555 13.61 -39.00 38.46
C TRP A 555 12.61 -38.16 39.25
N GLY A 556 12.73 -36.83 39.15
CA GLY A 556 11.79 -35.92 39.78
C GLY A 556 11.56 -36.19 41.26
N ASP A 557 10.35 -36.65 41.59
CA ASP A 557 9.99 -37.02 42.95
C ASP A 557 10.05 -35.81 43.89
N ALA A 558 9.44 -34.71 43.44
CA ALA A 558 9.31 -33.54 44.31
C ALA A 558 8.29 -33.79 45.41
N TRP A 559 7.16 -34.44 45.05
CA TRP A 559 6.15 -34.84 46.02
C TRP A 559 5.89 -36.34 46.03
N ALA A 560 6.47 -37.09 45.10
CA ALA A 560 6.29 -38.54 45.04
C ALA A 560 7.41 -39.30 45.75
N VAL A 561 8.42 -38.60 46.25
CA VAL A 561 9.50 -39.28 46.97
C VAL A 561 9.04 -39.83 48.31
N GLY A 562 7.95 -39.30 48.86
CA GLY A 562 7.41 -39.77 50.11
C GLY A 562 6.97 -41.23 50.06
N PRO A 563 6.02 -41.55 49.17
CA PRO A 563 5.62 -42.95 49.02
C PRO A 563 6.74 -43.87 48.62
N VAL A 564 7.69 -43.40 47.80
CA VAL A 564 8.81 -44.25 47.39
C VAL A 564 9.67 -44.58 48.60
N THR A 565 9.99 -43.56 49.42
CA THR A 565 10.78 -43.79 50.62
C THR A 565 10.04 -44.70 51.61
N ILE A 566 8.71 -44.54 51.68
CA ILE A 566 7.93 -45.41 52.55
C ILE A 566 7.99 -46.85 52.06
N ALA A 567 7.95 -47.05 50.74
CA ALA A 567 8.04 -48.40 50.18
C ALA A 567 9.42 -49.01 50.45
N CYS A 568 10.49 -48.22 50.29
CA CYS A 568 11.82 -48.73 50.59
C CYS A 568 11.98 -49.07 52.07
N LEU A 569 11.40 -48.24 52.95
CA LEU A 569 11.46 -48.53 54.38
C LEU A 569 10.69 -49.80 54.71
N GLY A 570 9.52 -49.99 54.11
CA GLY A 570 8.77 -51.22 54.30
C GLY A 570 9.52 -52.43 53.80
N ALA A 571 10.19 -52.30 52.65
CA ALA A 571 10.98 -53.41 52.13
C ALA A 571 12.16 -53.74 53.05
N LEU A 572 12.82 -52.71 53.59
CA LEU A 572 13.92 -52.96 54.52
C LEU A 572 13.43 -53.64 55.79
N ALA A 573 12.28 -53.20 56.31
CA ALA A 573 11.70 -53.85 57.47
C ALA A 573 11.31 -55.30 57.15
N THR A 574 10.86 -55.55 55.93
CA THR A 574 10.52 -56.91 55.51
C THR A 574 11.77 -57.79 55.49
N LEU A 575 12.86 -57.28 54.90
CA LEU A 575 14.13 -58.01 54.94
C LEU A 575 14.55 -58.30 56.37
N PHE A 576 14.42 -57.30 57.25
CA PHE A 576 14.84 -57.49 58.64
C PHE A 576 14.03 -58.57 59.34
N VAL A 577 12.71 -58.51 59.22
CA VAL A 577 11.88 -59.49 59.92
C VAL A 577 12.04 -60.87 59.30
N LEU A 578 12.24 -60.95 57.98
CA LEU A 578 12.44 -62.25 57.35
C LEU A 578 13.76 -62.87 57.79
N GLY A 579 14.82 -62.05 57.90
CA GLY A 579 16.07 -62.55 58.41
C GLY A 579 15.97 -63.00 59.86
N VAL A 580 15.25 -62.24 60.68
CA VAL A 580 15.05 -62.64 62.07
C VAL A 580 14.26 -63.94 62.15
N PHE A 581 13.32 -64.14 61.24
CA PHE A 581 12.51 -65.36 61.24
C PHE A 581 13.32 -66.56 60.80
N VAL A 582 14.07 -66.43 59.70
CA VAL A 582 14.86 -67.55 59.20
C VAL A 582 16.01 -67.87 60.16
N ARG A 583 16.47 -66.87 60.92
CA ARG A 583 17.47 -67.13 61.94
C ARG A 583 16.88 -67.87 63.15
N HIS A 584 15.56 -67.84 63.31
CA HIS A 584 14.86 -68.51 64.40
C HIS A 584 14.33 -69.88 63.97
N ASN A 585 15.00 -70.54 63.04
CA ASN A 585 14.56 -71.85 62.57
C ASN A 585 14.68 -72.94 63.62
N ALA A 586 15.41 -72.69 64.70
CA ALA A 586 15.55 -73.69 65.76
C ALA A 586 14.27 -73.89 66.55
N THR A 587 13.28 -73.01 66.39
CA THR A 587 12.02 -73.16 67.10
C THR A 587 11.27 -74.41 66.59
N PRO A 588 10.52 -75.08 67.47
CA PRO A 588 9.77 -76.26 67.02
C PRO A 588 8.69 -75.95 66.00
N VAL A 589 8.09 -74.75 66.07
CA VAL A 589 7.06 -74.39 65.09
C VAL A 589 7.68 -74.17 63.71
N VAL A 590 8.94 -73.70 63.65
CA VAL A 590 9.60 -73.49 62.38
C VAL A 590 9.97 -74.82 61.73
N LYS A 591 10.27 -75.84 62.54
CA LYS A 591 10.66 -77.13 62.00
C LYS A 591 9.51 -77.85 61.31
N ALA A 592 8.27 -77.41 61.53
CA ALA A 592 7.10 -78.02 60.90
C ALA A 592 6.90 -77.58 59.47
N ALA A 593 7.69 -76.63 58.97
CA ALA A 593 7.57 -76.14 57.60
C ALA A 593 8.84 -76.46 56.83
N GLY A 594 8.70 -76.51 55.50
CA GLY A 594 9.83 -76.80 54.65
C GLY A 594 10.80 -75.64 54.56
N ARG A 595 11.97 -75.95 53.99
CA ARG A 595 13.03 -74.96 53.83
C ARG A 595 12.96 -74.24 52.48
N GLU A 596 12.02 -74.61 51.61
CA GLU A 596 11.90 -73.97 50.31
C GLU A 596 10.94 -72.79 50.32
N LEU A 597 9.90 -72.84 51.16
CA LEU A 597 8.95 -71.74 51.23
C LEU A 597 9.63 -70.46 51.73
N CYS A 598 10.44 -70.58 52.78
CA CYS A 598 11.17 -69.40 53.27
C CYS A 598 12.11 -68.85 52.21
N TYR A 599 12.79 -69.73 51.47
CA TYR A 599 13.71 -69.28 50.44
C TYR A 599 12.98 -68.56 49.32
N ILE A 600 11.86 -69.12 48.85
CA ILE A 600 11.14 -68.48 47.76
C ILE A 600 10.49 -67.18 48.21
N LEU A 601 10.07 -67.09 49.47
CA LEU A 601 9.49 -65.85 49.95
C LEU A 601 10.58 -64.78 50.12
N LEU A 602 11.77 -65.18 50.57
CA LEU A 602 12.89 -64.25 50.59
C LEU A 602 13.24 -63.77 49.18
N GLY A 603 13.20 -64.68 48.21
CA GLY A 603 13.41 -64.28 46.83
C GLY A 603 12.37 -63.29 46.35
N GLY A 604 11.11 -63.50 46.74
CA GLY A 604 10.07 -62.56 46.36
C GLY A 604 10.22 -61.20 47.00
N VAL A 605 10.64 -61.17 48.27
CA VAL A 605 10.85 -59.89 48.93
C VAL A 605 12.03 -59.15 48.31
N PHE A 606 13.12 -59.87 48.00
CA PHE A 606 14.21 -59.26 47.26
C PHE A 606 13.75 -58.80 45.88
N LEU A 607 12.80 -59.52 45.28
CA LEU A 607 12.29 -59.14 43.97
C LEU A 607 11.53 -57.82 44.04
N CYS A 608 10.67 -57.65 45.04
CA CYS A 608 9.95 -56.38 45.15
C CYS A 608 10.87 -55.24 45.59
N TYR A 609 11.93 -55.56 46.34
CA TYR A 609 12.95 -54.56 46.61
C TYR A 609 13.62 -54.11 45.32
N CYS A 610 13.96 -55.06 44.44
CA CYS A 610 14.49 -54.70 43.14
C CYS A 610 13.48 -53.91 42.32
N MET A 611 12.19 -54.24 42.47
CA MET A 611 11.13 -53.49 41.80
C MET A 611 11.15 -52.02 42.19
N THR A 612 11.12 -51.74 43.49
CA THR A 612 11.10 -50.34 43.92
C THR A 612 12.42 -49.65 43.58
N PHE A 613 13.54 -50.36 43.64
CA PHE A 613 14.82 -49.78 43.26
C PHE A 613 14.85 -49.41 41.79
N ILE A 614 14.30 -50.28 40.93
CA ILE A 614 14.30 -50.03 39.50
C ILE A 614 13.23 -49.03 39.09
N PHE A 615 12.22 -48.82 39.93
CA PHE A 615 11.20 -47.81 39.67
C PHE A 615 11.55 -46.45 40.27
N ILE A 616 12.54 -46.39 41.17
CA ILE A 616 12.89 -45.12 41.79
C ILE A 616 13.99 -44.38 41.03
N ALA A 617 14.95 -45.09 40.43
CA ALA A 617 16.12 -44.43 39.87
C ALA A 617 16.43 -44.82 38.43
N LYS A 618 16.05 -46.04 38.04
CA LYS A 618 16.49 -46.56 36.75
C LYS A 618 15.83 -45.79 35.60
N PRO A 619 16.57 -45.56 34.50
CA PRO A 619 15.98 -44.88 33.34
C PRO A 619 15.13 -45.80 32.49
N SER A 620 14.66 -45.29 31.35
CA SER A 620 13.80 -46.06 30.45
C SER A 620 14.45 -46.25 29.07
N THR A 621 15.79 -46.27 29.03
CA THR A 621 16.47 -46.45 27.75
C THR A 621 16.46 -47.91 27.31
N ALA A 622 17.15 -48.77 28.06
CA ALA A 622 17.22 -50.20 27.79
C ALA A 622 16.84 -51.00 29.02
N VAL A 623 15.92 -50.45 29.81
CA VAL A 623 15.43 -51.10 31.01
C VAL A 623 13.96 -51.49 30.88
N CYS A 624 13.25 -50.96 29.87
CA CYS A 624 11.80 -51.12 29.79
C CYS A 624 11.40 -52.59 29.64
N THR A 625 12.10 -53.34 28.78
CA THR A 625 11.82 -54.77 28.68
C THR A 625 12.19 -55.49 29.96
N LEU A 626 13.31 -55.10 30.58
CA LEU A 626 13.65 -55.61 31.90
C LEU A 626 12.59 -55.20 32.91
N ARG A 627 11.95 -54.05 32.72
CA ARG A 627 10.87 -53.64 33.62
C ARG A 627 9.66 -54.56 33.47
N ARG A 628 9.33 -54.92 32.22
CA ARG A 628 8.24 -55.87 32.00
C ARG A 628 8.57 -57.24 32.61
N LEU A 629 9.83 -57.66 32.48
CA LEU A 629 10.26 -58.91 33.11
C LEU A 629 10.16 -58.80 34.63
N GLY A 630 10.44 -57.61 35.18
CA GLY A 630 10.28 -57.43 36.62
C GLY A 630 8.85 -57.52 37.07
N LEU A 631 7.93 -56.91 36.31
CA LEU A 631 6.50 -57.08 36.60
C LEU A 631 6.10 -58.54 36.52
N GLY A 632 6.59 -59.26 35.51
CA GLY A 632 6.30 -60.67 35.39
C GLY A 632 6.79 -61.48 36.57
N THR A 633 8.02 -61.19 37.03
CA THR A 633 8.56 -61.91 38.19
C THR A 633 7.81 -61.56 39.46
N ALA A 634 7.41 -60.29 39.60
CA ALA A 634 6.64 -59.89 40.78
C ALA A 634 5.30 -60.62 40.81
N PHE A 635 4.66 -60.76 39.65
CA PHE A 635 3.42 -61.54 39.59
C PHE A 635 3.69 -63.02 39.87
N SER A 636 4.80 -63.55 39.33
CA SER A 636 5.13 -64.95 39.49
C SER A 636 5.47 -65.32 40.93
N VAL A 637 5.93 -64.35 41.73
CA VAL A 637 6.15 -64.62 43.15
C VAL A 637 4.85 -65.05 43.81
N CYS A 638 3.82 -64.22 43.71
CA CYS A 638 2.51 -64.58 44.27
C CYS A 638 1.92 -65.78 43.57
N TYR A 639 2.20 -65.94 42.27
CA TYR A 639 1.72 -67.12 41.55
C TYR A 639 2.29 -68.40 42.16
N SER A 640 3.59 -68.42 42.41
CA SER A 640 4.23 -69.60 43.01
C SER A 640 3.76 -69.81 44.43
N ALA A 641 3.57 -68.73 45.19
CA ALA A 641 3.02 -68.86 46.54
C ALA A 641 1.65 -69.53 46.52
N LEU A 642 0.78 -69.08 45.61
CA LEU A 642 -0.56 -69.65 45.52
C LEU A 642 -0.52 -71.08 44.99
N LEU A 643 0.40 -71.38 44.08
CA LEU A 643 0.55 -72.75 43.60
C LEU A 643 0.98 -73.68 44.73
N THR A 644 1.93 -73.24 45.56
CA THR A 644 2.32 -74.05 46.71
C THR A 644 1.15 -74.23 47.68
N LYS A 645 0.40 -73.17 47.92
CA LYS A 645 -0.75 -73.25 48.83
C LYS A 645 -1.79 -74.24 48.31
N THR A 646 -2.07 -74.22 47.01
CA THR A 646 -3.07 -75.11 46.44
C THR A 646 -2.54 -76.53 46.22
N ASN A 647 -1.22 -76.70 46.16
CA ASN A 647 -0.64 -78.03 46.03
C ASN A 647 -0.60 -78.74 47.38
N ARG A 648 -0.28 -78.01 48.45
CA ARG A 648 -0.34 -78.60 49.78
C ARG A 648 -1.77 -79.00 50.14
N ILE A 649 -2.74 -78.20 49.70
CA ILE A 649 -4.14 -78.53 49.98
C ILE A 649 -4.64 -79.64 49.06
N ALA A 650 -4.02 -79.81 47.89
CA ALA A 650 -4.45 -80.83 46.95
C ALA A 650 -4.19 -82.23 47.51
N ARG A 651 -3.05 -82.44 48.14
CA ARG A 651 -2.70 -83.74 48.70
C ARG A 651 -3.52 -84.03 49.97
N ALA A 669 10.57 -84.82 48.08
CA ALA A 669 9.44 -85.51 47.47
C ALA A 669 8.32 -84.54 47.14
N SER A 670 7.44 -84.30 48.12
CA SER A 670 6.33 -83.37 47.91
C SER A 670 6.83 -81.94 47.77
N GLN A 671 7.74 -81.52 48.65
CA GLN A 671 8.28 -80.17 48.57
C GLN A 671 9.09 -79.97 47.30
N VAL A 672 9.86 -80.99 46.90
CA VAL A 672 10.64 -80.90 45.66
C VAL A 672 9.71 -80.79 44.46
N ALA A 673 8.63 -81.57 44.44
CA ALA A 673 7.68 -81.49 43.34
C ALA A 673 7.00 -80.13 43.30
N ILE A 674 6.65 -79.59 44.48
CA ILE A 674 6.00 -78.28 44.52
C ILE A 674 6.94 -77.19 44.02
N CYS A 675 8.20 -77.23 44.45
CA CYS A 675 9.15 -76.22 44.01
C CYS A 675 9.44 -76.34 42.51
N LEU A 676 9.50 -77.57 42.00
CA LEU A 676 9.71 -77.75 40.57
C LEU A 676 8.52 -77.23 39.77
N ALA A 677 7.30 -77.48 40.25
CA ALA A 677 6.11 -76.97 39.56
C ALA A 677 6.08 -75.45 39.59
N LEU A 678 6.44 -74.85 40.73
CA LEU A 678 6.46 -73.39 40.82
C LEU A 678 7.51 -72.80 39.88
N ILE A 679 8.70 -73.41 39.82
CA ILE A 679 9.75 -72.93 38.92
C ILE A 679 9.32 -73.06 37.48
N SER A 680 8.67 -74.18 37.13
CA SER A 680 8.20 -74.36 35.77
C SER A 680 7.13 -73.34 35.40
N GLY A 681 6.22 -73.06 36.33
CA GLY A 681 5.20 -72.04 36.07
C GLY A 681 5.80 -70.66 35.89
N GLN A 682 6.76 -70.29 36.74
CA GLN A 682 7.42 -69.00 36.59
C GLN A 682 8.18 -68.91 35.28
N LEU A 683 8.85 -70.01 34.89
CA LEU A 683 9.59 -70.01 33.64
C LEU A 683 8.65 -69.87 32.44
N LEU A 684 7.52 -70.58 32.47
CA LEU A 684 6.55 -70.45 31.39
C LEU A 684 5.99 -69.04 31.34
N ILE A 685 5.75 -68.43 32.51
CA ILE A 685 5.21 -67.07 32.55
C ILE A 685 6.19 -66.09 31.92
N VAL A 686 7.46 -66.16 32.32
CA VAL A 686 8.43 -65.21 31.79
C VAL A 686 8.70 -65.48 30.31
N VAL A 687 8.65 -66.75 29.89
CA VAL A 687 8.83 -67.07 28.48
C VAL A 687 7.70 -66.49 27.65
N ALA A 688 6.46 -66.63 28.12
CA ALA A 688 5.33 -66.04 27.42
C ALA A 688 5.42 -64.52 27.39
N TRP A 689 5.85 -63.91 28.49
CA TRP A 689 5.98 -62.46 28.54
C TRP A 689 7.05 -61.97 27.56
N LEU A 690 8.15 -62.73 27.42
CA LEU A 690 9.18 -62.35 26.48
C LEU A 690 8.76 -62.61 25.04
N VAL A 691 7.93 -63.64 24.80
CA VAL A 691 7.54 -63.97 23.45
C VAL A 691 6.48 -63.00 22.93
N VAL A 692 5.56 -62.58 23.79
CA VAL A 692 4.47 -61.70 23.35
C VAL A 692 5.02 -60.33 22.94
N GLU A 693 6.12 -59.89 23.54
CA GLU A 693 6.70 -58.59 23.24
C GLU A 693 7.69 -58.72 22.10
N ALA A 694 7.73 -57.69 21.26
CA ALA A 694 8.65 -57.65 20.12
C ALA A 694 9.57 -56.44 20.25
N PRO A 695 10.83 -56.63 20.60
CA PRO A 695 11.75 -55.48 20.74
C PRO A 695 12.11 -54.87 19.39
N GLY A 696 11.18 -54.13 18.81
CA GLY A 696 11.39 -53.49 17.52
C GLY A 696 11.90 -52.07 17.66
N THR A 697 11.65 -51.28 16.61
CA THR A 697 12.08 -49.89 16.56
C THR A 697 10.91 -49.01 16.15
N GLY A 698 10.91 -47.78 16.65
CA GLY A 698 9.85 -46.83 16.33
C GLY A 698 9.12 -46.33 17.56
N LYS A 699 9.07 -45.01 17.72
CA LYS A 699 8.40 -44.40 18.86
C LYS A 699 7.63 -43.17 18.40
N GLU A 700 6.72 -42.71 19.24
CA GLU A 700 5.93 -41.53 18.92
C GLU A 700 6.81 -40.28 18.89
N THR A 701 6.54 -39.41 17.93
CA THR A 701 7.33 -38.19 17.79
C THR A 701 6.98 -37.17 18.87
N ALA A 702 5.73 -36.72 18.90
CA ALA A 702 5.29 -35.74 19.88
C ALA A 702 3.77 -35.75 19.93
N PRO A 703 3.18 -35.52 21.10
CA PRO A 703 1.71 -35.45 21.19
C PRO A 703 1.17 -34.16 20.64
N GLU A 704 -0.14 -33.94 20.80
CA GLU A 704 -0.75 -32.69 20.34
C GLU A 704 -0.12 -31.49 21.03
N ARG A 705 0.12 -31.60 22.34
CA ARG A 705 0.80 -30.53 23.08
C ARG A 705 2.29 -30.58 22.80
N ARG A 706 2.89 -29.40 22.64
CA ARG A 706 4.28 -29.28 22.19
C ARG A 706 5.19 -28.62 23.21
N GLU A 707 4.71 -28.35 24.43
CA GLU A 707 5.58 -27.71 25.42
C GLU A 707 6.61 -28.68 25.99
N VAL A 708 6.31 -29.98 25.99
CA VAL A 708 7.18 -30.99 26.55
C VAL A 708 7.28 -32.16 25.57
N VAL A 709 8.49 -32.66 25.39
CA VAL A 709 8.75 -33.77 24.48
C VAL A 709 8.47 -35.07 25.22
N THR A 710 8.27 -36.16 24.50
CA THR A 710 7.99 -37.47 25.08
C THR A 710 9.10 -38.43 24.71
N LEU A 711 9.72 -39.04 25.72
CA LEU A 711 10.75 -40.07 25.54
C LEU A 711 10.27 -41.30 26.32
N ARG A 712 9.44 -42.11 25.66
CA ARG A 712 8.77 -43.22 26.32
C ARG A 712 8.85 -44.49 25.45
N CYS A 713 8.50 -45.60 26.07
CA CYS A 713 8.51 -46.92 25.43
C CYS A 713 7.34 -47.07 24.47
N ASN A 714 7.31 -46.22 23.44
CA ASN A 714 6.22 -46.22 22.47
C ASN A 714 6.46 -47.33 21.45
N HIS A 715 6.49 -48.56 21.97
CA HIS A 715 6.68 -49.74 21.15
C HIS A 715 5.46 -50.65 21.12
N ARG A 716 5.07 -51.21 22.26
CA ARG A 716 3.93 -52.12 22.32
C ARG A 716 3.38 -52.12 23.74
N ASP A 717 2.28 -51.39 23.95
CA ASP A 717 1.60 -51.40 25.24
C ASP A 717 0.61 -52.55 25.33
N ALA A 718 0.01 -52.93 24.20
CA ALA A 718 -0.91 -54.06 24.19
C ALA A 718 -0.24 -55.34 24.67
N SER A 719 1.06 -55.49 24.39
CA SER A 719 1.78 -56.69 24.84
C SER A 719 1.80 -56.79 26.36
N MET A 720 2.23 -55.71 27.04
CA MET A 720 2.30 -55.76 28.50
C MET A 720 0.91 -55.82 29.11
N LEU A 721 -0.08 -55.15 28.49
CA LEU A 721 -1.44 -55.25 29.02
C LEU A 721 -1.98 -56.67 28.90
N GLY A 722 -1.73 -57.34 27.78
CA GLY A 722 -2.17 -58.72 27.63
C GLY A 722 -1.44 -59.66 28.57
N SER A 723 -0.15 -59.43 28.79
CA SER A 723 0.60 -60.26 29.74
C SER A 723 0.06 -60.08 31.16
N LEU A 724 -0.23 -58.84 31.55
CA LEU A 724 -0.82 -58.60 32.87
C LEU A 724 -2.20 -59.25 32.98
N ALA A 725 -2.98 -59.20 31.91
CA ALA A 725 -4.28 -59.87 31.91
C ALA A 725 -4.12 -61.38 32.07
N TYR A 726 -3.11 -61.96 31.43
CA TYR A 726 -2.85 -63.38 31.56
C TYR A 726 -2.42 -63.75 32.98
N ASN A 727 -1.57 -62.92 33.59
CA ASN A 727 -1.21 -63.16 34.98
C ASN A 727 -2.43 -63.06 35.90
N VAL A 728 -3.29 -62.08 35.67
CA VAL A 728 -4.50 -61.95 36.49
C VAL A 728 -5.39 -63.16 36.30
N LEU A 729 -5.49 -63.67 35.07
CA LEU A 729 -6.34 -64.83 34.81
C LEU A 729 -5.80 -66.07 35.50
N LEU A 730 -4.48 -66.30 35.45
CA LEU A 730 -3.93 -67.48 36.10
C LEU A 730 -4.01 -67.35 37.62
N ILE A 731 -3.83 -66.15 38.16
CA ILE A 731 -4.02 -65.94 39.60
C ILE A 731 -5.47 -66.24 39.99
N ALA A 732 -6.43 -65.78 39.19
CA ALA A 732 -7.83 -66.05 39.49
C ALA A 732 -8.13 -67.55 39.43
N LEU A 733 -7.56 -68.24 38.45
CA LEU A 733 -7.78 -69.68 38.33
C LEU A 733 -7.20 -70.43 39.53
N CYS A 734 -5.98 -70.07 39.94
CA CYS A 734 -5.38 -70.76 41.09
C CYS A 734 -6.11 -70.41 42.39
N THR A 735 -6.63 -69.17 42.49
CA THR A 735 -7.41 -68.80 43.66
C THR A 735 -8.72 -69.58 43.72
N LEU A 736 -9.36 -69.78 42.57
CA LEU A 736 -10.57 -70.60 42.53
C LEU A 736 -10.27 -72.07 42.78
N TYR A 737 -9.05 -72.53 42.47
CA TYR A 737 -8.65 -73.88 42.82
C TYR A 737 -8.42 -74.02 44.33
N ALA A 738 -7.84 -73.00 44.95
CA ALA A 738 -7.62 -73.05 46.39
C ALA A 738 -8.92 -72.84 47.17
N PHE A 739 -9.90 -72.16 46.57
CA PHE A 739 -11.14 -71.84 47.27
C PHE A 739 -12.01 -73.06 47.51
N LYS A 740 -11.78 -74.18 46.80
CA LYS A 740 -12.62 -75.35 47.00
C LYS A 740 -12.50 -75.90 48.42
N THR A 741 -11.29 -75.91 48.97
CA THR A 741 -11.04 -76.41 50.32
C THR A 741 -10.86 -75.21 51.26
N ARG A 742 -11.93 -74.89 52.00
CA ARG A 742 -11.90 -73.77 52.93
C ARG A 742 -11.32 -74.16 54.30
N LYS A 743 -11.19 -75.45 54.58
CA LYS A 743 -10.66 -75.92 55.85
C LYS A 743 -9.49 -76.85 55.60
N CYS A 744 -8.39 -76.63 56.33
CA CYS A 744 -7.19 -77.45 56.22
C CYS A 744 -6.93 -78.17 57.53
N PRO A 745 -7.31 -79.44 57.65
CA PRO A 745 -7.08 -80.15 58.93
C PRO A 745 -5.62 -80.36 59.26
N GLU A 746 -4.73 -80.32 58.27
CA GLU A 746 -3.30 -80.53 58.52
C GLU A 746 -2.63 -79.33 59.15
N ASN A 747 -3.29 -78.17 59.22
CA ASN A 747 -2.73 -76.97 59.78
C ASN A 747 -3.67 -76.40 60.84
N PHE A 748 -3.09 -75.64 61.77
CA PHE A 748 -3.85 -75.01 62.83
C PHE A 748 -4.50 -73.73 62.30
N ASN A 749 -4.99 -72.88 63.20
CA ASN A 749 -5.78 -71.71 62.83
C ASN A 749 -5.07 -70.75 61.90
N GLU A 750 -3.79 -70.96 61.61
CA GLU A 750 -3.10 -70.10 60.64
C GLU A 750 -3.52 -70.40 59.21
N ALA A 751 -4.10 -71.57 58.95
CA ALA A 751 -4.50 -71.91 57.59
C ALA A 751 -5.63 -71.01 57.08
N LYS A 752 -6.63 -70.77 57.92
CA LYS A 752 -7.70 -69.87 57.52
C LYS A 752 -7.20 -68.44 57.35
N PHE A 753 -6.23 -68.03 58.17
CA PHE A 753 -5.63 -66.70 58.00
C PHE A 753 -4.90 -66.59 56.67
N ILE A 754 -4.14 -67.63 56.31
CA ILE A 754 -3.42 -67.62 55.03
C ILE A 754 -4.41 -67.60 53.87
N GLY A 755 -5.49 -68.39 53.97
CA GLY A 755 -6.49 -68.39 52.92
C GLY A 755 -7.17 -67.04 52.77
N PHE A 756 -7.53 -66.41 53.90
CA PHE A 756 -8.14 -65.10 53.84
C PHE A 756 -7.18 -64.06 53.28
N THR A 757 -5.88 -64.19 53.60
CA THR A 757 -4.89 -63.27 53.04
C THR A 757 -4.79 -63.42 51.54
N MET A 758 -4.76 -64.67 51.05
CA MET A 758 -4.72 -64.88 49.61
C MET A 758 -5.97 -64.33 48.92
N TYR A 759 -7.14 -64.58 49.52
CA TYR A 759 -8.39 -64.10 48.94
C TYR A 759 -8.42 -62.57 48.90
N THR A 760 -7.99 -61.91 49.98
CA THR A 760 -8.04 -60.46 50.01
C THR A 760 -6.98 -59.85 49.10
N THR A 761 -5.85 -60.52 48.91
CA THR A 761 -4.86 -60.04 47.94
C THR A 761 -5.42 -60.11 46.53
N CYS A 762 -6.07 -61.24 46.18
CA CYS A 762 -6.71 -61.33 44.87
C CYS A 762 -7.80 -60.27 44.72
N ILE A 763 -8.55 -60.00 45.78
CA ILE A 763 -9.64 -59.03 45.71
C ILE A 763 -9.09 -57.63 45.50
N ILE A 764 -8.05 -57.25 46.25
CA ILE A 764 -7.51 -55.91 46.09
C ILE A 764 -6.80 -55.77 44.75
N TRP A 765 -6.23 -56.85 44.22
CA TRP A 765 -5.66 -56.80 42.87
C TRP A 765 -6.74 -56.53 41.84
N LEU A 766 -7.83 -57.29 41.89
CA LEU A 766 -8.92 -57.09 40.94
C LEU A 766 -9.61 -55.73 41.14
N ALA A 767 -9.54 -55.16 42.34
CA ALA A 767 -10.13 -53.85 42.57
C ALA A 767 -9.21 -52.71 42.13
N PHE A 768 -7.90 -52.89 42.23
CA PHE A 768 -6.95 -51.88 41.78
C PHE A 768 -6.66 -51.96 40.29
N LEU A 769 -7.03 -53.06 39.63
CA LEU A 769 -6.91 -53.12 38.18
C LEU A 769 -7.65 -51.98 37.48
N PRO A 770 -8.89 -51.64 37.82
CA PRO A 770 -9.49 -50.44 37.22
C PRO A 770 -8.73 -49.15 37.53
N ILE A 771 -8.11 -49.06 38.71
CA ILE A 771 -7.31 -47.87 39.01
C ILE A 771 -6.14 -47.76 38.05
N PHE A 772 -5.48 -48.89 37.75
CA PHE A 772 -4.42 -48.88 36.75
C PHE A 772 -4.97 -48.58 35.36
N TYR A 773 -6.21 -48.99 35.08
CA TYR A 773 -6.78 -48.79 33.76
C TYR A 773 -7.11 -47.32 33.50
N VAL A 774 -7.71 -46.63 34.49
CA VAL A 774 -8.19 -45.28 34.26
C VAL A 774 -7.06 -44.26 34.10
N THR A 775 -5.85 -44.60 34.56
CA THR A 775 -4.71 -43.69 34.45
C THR A 775 -3.88 -43.93 33.19
N SER A 776 -4.46 -44.55 32.17
CA SER A 776 -3.75 -44.83 30.93
C SER A 776 -3.80 -43.64 29.97
N SER A 777 -3.35 -42.48 30.44
CA SER A 777 -3.35 -41.26 29.64
C SER A 777 -2.05 -40.48 29.67
N ASP A 778 -1.20 -40.67 30.68
CA ASP A 778 0.05 -39.92 30.76
C ASP A 778 1.09 -40.76 31.50
N TYR A 779 2.34 -40.37 31.34
CA TYR A 779 3.45 -41.12 31.93
C TYR A 779 3.57 -40.88 33.43
N ARG A 780 3.36 -39.64 33.87
CA ARG A 780 3.61 -39.29 35.27
C ARG A 780 2.62 -39.94 36.23
N VAL A 781 1.49 -40.43 35.73
CA VAL A 781 0.48 -41.03 36.59
C VAL A 781 0.43 -42.55 36.48
N GLN A 782 0.80 -43.12 35.33
CA GLN A 782 0.80 -44.57 35.18
C GLN A 782 1.81 -45.26 36.08
N THR A 783 2.82 -44.54 36.57
CA THR A 783 3.84 -45.15 37.41
C THR A 783 3.52 -45.10 38.89
N THR A 784 2.88 -44.02 39.36
CA THR A 784 2.58 -43.92 40.79
C THR A 784 1.53 -44.94 41.21
N THR A 785 0.56 -45.23 40.35
CA THR A 785 -0.43 -46.26 40.69
C THR A 785 0.20 -47.63 40.76
N MET A 786 1.13 -47.94 39.85
CA MET A 786 1.83 -49.21 39.90
C MET A 786 2.72 -49.30 41.15
N CYS A 787 3.36 -48.18 41.52
CA CYS A 787 4.15 -48.17 42.75
C CYS A 787 3.28 -48.41 43.97
N VAL A 788 2.11 -47.77 44.04
CA VAL A 788 1.20 -47.99 45.14
C VAL A 788 0.73 -49.43 45.18
N SER A 789 0.47 -50.01 44.00
CA SER A 789 0.01 -51.40 43.93
C SER A 789 1.08 -52.36 44.44
N VAL A 790 2.33 -52.18 44.00
CA VAL A 790 3.37 -53.09 44.44
C VAL A 790 3.70 -52.87 45.91
N SER A 791 3.55 -51.65 46.41
CA SER A 791 3.74 -51.41 47.83
C SER A 791 2.66 -52.08 48.65
N LEU A 792 1.41 -52.04 48.19
CA LEU A 792 0.33 -52.74 48.89
C LEU A 792 0.56 -54.24 48.85
N SER A 793 1.02 -54.78 47.72
CA SER A 793 1.32 -56.20 47.64
C SER A 793 2.44 -56.58 48.60
N GLY A 794 3.49 -55.76 48.67
CA GLY A 794 4.57 -56.04 49.61
C GLY A 794 4.12 -55.98 51.05
N SER A 795 3.25 -55.02 51.38
CA SER A 795 2.70 -54.96 52.73
C SER A 795 1.84 -56.17 53.05
N VAL A 796 1.10 -56.65 52.05
CA VAL A 796 0.27 -57.84 52.25
C VAL A 796 1.15 -59.06 52.51
N VAL A 797 2.23 -59.22 51.74
CA VAL A 797 3.15 -60.33 51.96
C VAL A 797 3.82 -60.20 53.32
N LEU A 798 4.16 -58.97 53.71
CA LEU A 798 4.76 -58.75 55.03
C LEU A 798 3.81 -59.17 56.14
N GLY A 799 2.53 -58.80 56.02
CA GLY A 799 1.56 -59.23 57.01
C GLY A 799 1.35 -60.73 57.03
N CYS A 800 1.35 -61.36 55.84
CA CYS A 800 1.19 -62.80 55.77
C CYS A 800 2.36 -63.53 56.44
N LEU A 801 3.57 -62.99 56.28
CA LEU A 801 4.73 -63.60 56.93
C LEU A 801 4.77 -63.29 58.41
N PHE A 802 4.27 -62.12 58.83
CA PHE A 802 4.29 -61.76 60.24
C PHE A 802 3.18 -62.41 61.04
N ALA A 803 2.12 -62.89 60.38
CA ALA A 803 1.05 -63.57 61.10
C ALA A 803 1.54 -64.79 61.88
N PRO A 804 2.32 -65.71 61.32
CA PRO A 804 2.89 -66.78 62.16
C PRO A 804 3.88 -66.24 63.19
N LYS A 805 4.65 -65.21 62.83
CA LYS A 805 5.56 -64.61 63.79
C LYS A 805 4.80 -63.94 64.93
N LEU A 806 3.68 -63.28 64.62
CA LEU A 806 2.87 -62.69 65.67
C LEU A 806 2.21 -63.76 66.53
N HIS A 807 1.84 -64.90 65.92
CA HIS A 807 1.26 -65.99 66.68
C HIS A 807 2.28 -66.60 67.63
N ILE A 808 3.53 -66.76 67.18
CA ILE A 808 4.58 -67.32 68.04
C ILE A 808 5.30 -66.26 68.85
N ILE A 809 4.88 -65.00 68.76
CA ILE A 809 5.51 -63.92 69.52
C ILE A 809 5.22 -64.07 71.01
N ALA B 14 8.40 21.47 -48.77
CA ALA B 14 7.50 22.61 -48.71
C ALA B 14 6.34 22.34 -47.77
N LYS B 15 5.59 23.39 -47.45
CA LYS B 15 4.44 23.30 -46.57
C LYS B 15 3.18 23.71 -47.30
N LYS B 16 2.05 23.15 -46.87
CA LYS B 16 0.75 23.40 -47.49
C LYS B 16 -0.07 24.31 -46.58
N VAL B 17 -0.68 25.33 -47.17
CA VAL B 17 -1.52 26.29 -46.46
C VAL B 17 -2.90 26.29 -47.09
N LEU B 18 -3.93 26.17 -46.26
CA LEU B 18 -5.32 26.21 -46.73
C LEU B 18 -5.80 27.65 -46.66
N THR B 19 -5.88 28.31 -47.81
CA THR B 19 -6.27 29.71 -47.89
C THR B 19 -7.58 29.84 -48.64
N LEU B 20 -8.56 30.49 -48.02
CA LEU B 20 -9.85 30.78 -48.63
C LEU B 20 -10.13 32.26 -48.46
N GLU B 21 -10.29 32.97 -49.58
CA GLU B 21 -10.46 34.41 -49.56
C GLU B 21 -11.75 34.79 -48.84
N GLY B 22 -11.69 35.90 -48.10
CA GLY B 22 -12.85 36.38 -47.39
C GLY B 22 -12.59 37.75 -46.80
N ASP B 23 -13.68 38.42 -46.44
CA ASP B 23 -13.58 39.75 -45.84
C ASP B 23 -12.88 39.66 -44.49
N LEU B 24 -13.32 38.75 -43.63
CA LEU B 24 -12.71 38.50 -42.33
C LEU B 24 -12.24 37.06 -42.29
N VAL B 25 -10.93 36.87 -42.42
CA VAL B 25 -10.36 35.52 -42.43
C VAL B 25 -10.37 34.94 -41.02
N LEU B 26 -10.65 33.64 -40.92
CA LEU B 26 -10.70 32.94 -39.65
C LEU B 26 -9.56 31.94 -39.59
N GLY B 27 -8.78 32.00 -38.51
CA GLY B 27 -7.66 31.10 -38.35
C GLY B 27 -8.10 29.69 -37.99
N GLY B 28 -7.24 28.73 -38.31
CA GLY B 28 -7.53 27.35 -38.03
C GLY B 28 -6.28 26.49 -37.97
N LEU B 29 -6.25 25.54 -37.02
CA LEU B 29 -5.10 24.64 -36.87
C LEU B 29 -5.65 23.24 -36.68
N PHE B 30 -5.47 22.39 -37.69
CA PHE B 30 -6.04 21.04 -37.65
C PHE B 30 -4.97 20.00 -37.90
N PRO B 31 -4.93 18.94 -37.10
CA PRO B 31 -3.92 17.87 -37.30
C PRO B 31 -4.30 16.92 -38.43
N VAL B 32 -4.13 17.40 -39.65
CA VAL B 32 -4.40 16.57 -40.83
C VAL B 32 -3.45 15.39 -40.89
N HIS B 33 -2.19 15.62 -40.55
CA HIS B 33 -1.18 14.56 -40.51
C HIS B 33 -1.05 14.03 -39.09
N GLN B 34 -0.97 12.71 -38.97
CA GLN B 34 -0.80 12.07 -37.67
C GLN B 34 0.68 12.08 -37.28
N LYS B 35 1.01 11.42 -36.18
CA LYS B 35 2.39 11.39 -35.70
C LYS B 35 3.28 10.66 -36.69
N GLY B 36 4.43 11.26 -37.01
CA GLY B 36 5.39 10.66 -37.90
C GLY B 36 6.59 10.09 -37.17
N GLY B 37 7.52 9.56 -37.95
CA GLY B 37 8.73 8.98 -37.41
C GLY B 37 9.80 10.01 -37.16
N PRO B 38 11.00 9.56 -36.79
CA PRO B 38 12.10 10.50 -36.56
C PRO B 38 12.66 11.12 -37.83
N ALA B 39 12.24 10.66 -39.02
CA ALA B 39 12.75 11.22 -40.26
C ALA B 39 12.20 12.62 -40.50
N GLU B 40 10.88 12.73 -40.60
CA GLU B 40 10.20 14.00 -40.85
C GLU B 40 9.33 14.36 -39.66
N ASP B 41 8.79 15.58 -39.70
CA ASP B 41 7.94 16.05 -38.60
C ASP B 41 6.65 15.24 -38.52
N CYS B 42 6.05 14.92 -39.68
CA CYS B 42 4.81 14.16 -39.71
C CYS B 42 4.71 13.42 -41.03
N GLY B 43 4.28 12.16 -40.96
CA GLY B 43 4.25 11.30 -42.12
C GLY B 43 2.87 11.07 -42.67
N PRO B 44 2.28 9.92 -42.34
CA PRO B 44 0.98 9.56 -42.92
C PRO B 44 -0.13 10.51 -42.50
N VAL B 45 -1.11 10.66 -43.38
CA VAL B 45 -2.23 11.56 -43.14
C VAL B 45 -3.26 10.88 -42.24
N ASN B 46 -3.99 11.68 -41.46
CA ASN B 46 -5.03 11.18 -40.59
C ASN B 46 -6.38 11.29 -41.30
N GLU B 47 -7.15 10.21 -41.28
CA GLU B 47 -8.41 10.16 -42.00
C GLU B 47 -9.57 10.69 -41.16
N HIS B 48 -9.81 10.10 -39.99
CA HIS B 48 -10.94 10.51 -39.16
C HIS B 48 -10.67 11.82 -38.44
N ARG B 49 -9.47 11.99 -37.89
CA ARG B 49 -9.19 13.19 -37.09
C ARG B 49 -8.88 14.40 -37.95
N GLY B 50 -8.09 14.22 -39.01
CA GLY B 50 -7.66 15.35 -39.81
C GLY B 50 -8.59 15.75 -40.93
N ILE B 51 -8.91 14.80 -41.82
CA ILE B 51 -9.69 15.14 -43.01
C ILE B 51 -11.13 15.46 -42.65
N GLN B 52 -11.74 14.64 -41.79
CA GLN B 52 -13.15 14.82 -41.47
C GLN B 52 -13.40 16.16 -40.79
N ARG B 53 -12.57 16.53 -39.82
CA ARG B 53 -12.77 17.79 -39.11
C ARG B 53 -12.46 18.98 -40.00
N LEU B 54 -11.47 18.86 -40.88
CA LEU B 54 -11.17 19.91 -41.83
C LEU B 54 -12.35 20.15 -42.77
N GLU B 55 -12.91 19.08 -43.33
CA GLU B 55 -14.07 19.23 -44.20
C GLU B 55 -15.29 19.72 -43.41
N ALA B 56 -15.39 19.37 -42.14
CA ALA B 56 -16.48 19.89 -41.31
C ALA B 56 -16.36 21.40 -41.14
N MET B 57 -15.16 21.89 -40.86
CA MET B 57 -14.95 23.33 -40.77
C MET B 57 -15.24 24.02 -42.09
N LEU B 58 -14.81 23.40 -43.21
CA LEU B 58 -15.08 23.98 -44.52
C LEU B 58 -16.58 24.06 -44.78
N PHE B 59 -17.32 22.99 -44.45
CA PHE B 59 -18.76 22.99 -44.63
C PHE B 59 -19.43 24.04 -43.75
N ALA B 60 -18.95 24.20 -42.51
CA ALA B 60 -19.51 25.20 -41.62
C ALA B 60 -19.29 26.60 -42.19
N LEU B 61 -18.10 26.87 -42.69
CA LEU B 61 -17.82 28.19 -43.26
C LEU B 61 -18.66 28.43 -44.52
N ASP B 62 -18.82 27.40 -45.36
CA ASP B 62 -19.63 27.56 -46.56
C ASP B 62 -21.09 27.81 -46.22
N ARG B 63 -21.61 27.13 -45.19
CA ARG B 63 -22.99 27.33 -44.80
C ARG B 63 -23.20 28.68 -44.13
N ILE B 64 -22.21 29.16 -43.39
CA ILE B 64 -22.34 30.47 -42.74
C ILE B 64 -22.25 31.59 -43.77
N ASN B 65 -21.35 31.45 -44.75
CA ASN B 65 -21.23 32.45 -45.80
C ASN B 65 -22.48 32.54 -46.67
N ARG B 66 -23.28 31.47 -46.71
CA ARG B 66 -24.53 31.44 -47.47
C ARG B 66 -25.75 31.64 -46.57
N ASP B 67 -25.54 32.03 -45.31
CA ASP B 67 -26.65 32.21 -44.39
C ASP B 67 -26.99 33.69 -44.31
N PRO B 68 -28.19 34.11 -44.74
CA PRO B 68 -28.53 35.54 -44.66
C PRO B 68 -28.74 36.04 -43.25
N HIS B 69 -29.02 35.16 -42.29
CA HIS B 69 -29.27 35.57 -40.91
C HIS B 69 -28.00 35.60 -40.07
N LEU B 70 -26.84 35.30 -40.66
CA LEU B 70 -25.57 35.29 -39.93
C LEU B 70 -24.49 35.85 -40.84
N LEU B 71 -24.03 37.07 -40.54
CA LEU B 71 -22.99 37.75 -41.31
C LEU B 71 -23.38 37.85 -42.78
N PRO B 72 -24.39 38.66 -43.12
CA PRO B 72 -24.82 38.74 -44.52
C PRO B 72 -23.88 39.55 -45.38
N GLY B 73 -23.22 40.55 -44.78
CA GLY B 73 -22.36 41.44 -45.54
C GLY B 73 -20.92 40.99 -45.62
N VAL B 74 -20.30 40.72 -44.47
CA VAL B 74 -18.90 40.33 -44.42
C VAL B 74 -18.78 38.84 -44.73
N ARG B 75 -17.72 38.48 -45.44
CA ARG B 75 -17.44 37.10 -45.81
C ARG B 75 -16.38 36.53 -44.89
N LEU B 76 -16.61 35.31 -44.41
CA LEU B 76 -15.69 34.64 -43.48
C LEU B 76 -14.65 33.88 -44.28
N GLY B 77 -13.42 34.38 -44.29
CA GLY B 77 -12.32 33.69 -44.94
C GLY B 77 -11.79 32.56 -44.09
N ALA B 78 -10.71 31.95 -44.57
CA ALA B 78 -10.12 30.81 -43.87
C ALA B 78 -8.62 30.78 -44.07
N HIS B 79 -7.88 30.60 -42.98
CA HIS B 79 -6.43 30.37 -43.01
C HIS B 79 -6.19 29.17 -42.10
N ILE B 80 -6.17 27.99 -42.70
CA ILE B 80 -6.08 26.73 -41.95
C ILE B 80 -4.72 26.10 -42.21
N LEU B 81 -4.10 25.63 -41.14
CA LEU B 81 -2.76 25.05 -41.16
C LEU B 81 -2.79 23.67 -40.53
N ASP B 82 -1.67 22.97 -40.67
CA ASP B 82 -1.49 21.62 -40.15
C ASP B 82 -0.64 21.66 -38.89
N SER B 83 -0.90 20.72 -37.97
CA SER B 83 -0.16 20.62 -36.73
C SER B 83 0.76 19.41 -36.66
N CYS B 84 0.56 18.41 -37.52
CA CYS B 84 1.34 17.17 -37.53
C CYS B 84 1.31 16.45 -36.18
N SER B 85 0.26 16.69 -35.38
CA SER B 85 0.13 16.09 -34.05
C SER B 85 1.34 16.37 -33.17
N LYS B 86 1.97 17.53 -33.37
CA LYS B 86 3.16 17.92 -32.62
C LYS B 86 3.00 19.36 -32.14
N ASP B 87 3.77 19.69 -31.11
CA ASP B 87 3.70 21.03 -30.53
C ASP B 87 4.59 22.01 -31.29
N THR B 88 5.84 21.62 -31.54
CA THR B 88 6.77 22.51 -32.23
C THR B 88 6.32 22.78 -33.66
N HIS B 89 5.84 21.76 -34.36
CA HIS B 89 5.36 21.97 -35.72
C HIS B 89 4.13 22.86 -35.74
N ALA B 90 3.18 22.62 -34.82
CA ALA B 90 2.01 23.49 -34.74
C ALA B 90 2.40 24.93 -34.45
N LEU B 91 3.42 25.12 -33.60
CA LEU B 91 3.86 26.47 -33.27
C LEU B 91 4.50 27.16 -34.48
N GLU B 92 5.40 26.46 -35.17
CA GLU B 92 6.06 27.09 -36.31
C GLU B 92 5.08 27.32 -37.46
N GLN B 93 4.01 26.53 -37.53
CA GLN B 93 2.97 26.78 -38.53
C GLN B 93 2.14 27.99 -38.15
N ALA B 94 1.57 27.99 -36.93
CA ALA B 94 0.70 29.07 -36.47
C ALA B 94 1.46 30.35 -36.19
N LEU B 95 2.79 30.37 -36.34
CA LEU B 95 3.53 31.62 -36.20
C LEU B 95 3.02 32.69 -37.16
N ASP B 96 2.43 32.30 -38.28
CA ASP B 96 1.89 33.28 -39.21
C ASP B 96 0.70 34.03 -38.62
N PHE B 97 -0.07 33.36 -37.76
CA PHE B 97 -1.20 34.02 -37.10
C PHE B 97 -0.74 35.25 -36.33
N VAL B 98 0.37 35.14 -35.60
CA VAL B 98 0.89 36.29 -34.86
C VAL B 98 1.76 37.18 -35.74
N ARG B 99 2.32 36.65 -36.83
CA ARG B 99 3.06 37.50 -37.76
C ARG B 99 2.15 38.52 -38.42
N ALA B 100 0.94 38.10 -38.78
CA ALA B 100 0.00 39.00 -39.45
C ALA B 100 -0.32 40.22 -38.60
N SER B 101 -0.30 40.08 -37.28
CA SER B 101 -0.56 41.20 -36.38
C SER B 101 0.72 41.94 -36.00
N LEU B 102 1.83 41.21 -35.86
CA LEU B 102 3.09 41.86 -35.48
C LEU B 102 3.62 42.75 -36.60
N SER B 103 3.39 42.38 -37.85
CA SER B 103 3.79 43.25 -38.95
C SER B 103 3.09 44.60 -38.87
N ARG B 104 1.77 44.58 -38.67
CA ARG B 104 1.01 45.82 -38.55
C ARG B 104 1.41 46.59 -37.29
N GLY B 105 1.71 45.87 -36.20
CA GLY B 105 2.14 46.54 -34.99
C GLY B 105 3.47 47.24 -35.13
N ALA B 106 4.42 46.61 -35.83
CA ALA B 106 5.73 47.20 -36.03
C ALA B 106 5.75 48.25 -37.14
N ASP B 107 4.79 48.21 -38.05
CA ASP B 107 4.71 49.20 -39.12
C ASP B 107 4.11 50.53 -38.67
N GLY B 108 3.98 50.75 -37.36
CA GLY B 108 3.45 52.03 -36.89
C GLY B 108 4.39 53.19 -37.17
N SER B 109 5.68 52.98 -36.98
CA SER B 109 6.68 53.99 -37.28
C SER B 109 7.19 53.94 -38.72
N ARG B 110 6.78 52.93 -39.48
CA ARG B 110 7.20 52.79 -40.88
C ARG B 110 6.27 53.62 -41.77
N HIS B 111 6.38 54.94 -41.62
CA HIS B 111 5.52 55.88 -42.34
C HIS B 111 6.38 57.04 -42.84
N ILE B 112 6.94 56.89 -44.05
CA ILE B 112 7.68 57.98 -44.67
C ILE B 112 7.10 58.28 -46.05
N CYS B 113 7.22 57.33 -46.97
CA CYS B 113 6.80 57.54 -48.35
C CYS B 113 5.28 57.43 -48.56
N PRO B 114 4.66 56.26 -48.31
CA PRO B 114 3.29 56.06 -48.80
C PRO B 114 2.21 56.81 -48.01
N ASP B 115 2.25 56.69 -46.68
CA ASP B 115 1.20 57.25 -45.83
C ASP B 115 1.57 57.07 -44.36
N GLY B 116 0.69 57.52 -43.46
CA GLY B 116 0.98 57.47 -42.04
C GLY B 116 0.58 56.19 -41.34
N SER B 117 -0.65 55.74 -41.53
CA SER B 117 -1.19 54.61 -40.79
C SER B 117 -1.48 53.39 -41.64
N TYR B 118 -1.51 53.51 -42.96
CA TYR B 118 -1.85 52.41 -43.85
C TYR B 118 -0.66 52.03 -44.73
N ALA B 119 0.52 51.96 -44.14
CA ALA B 119 1.72 51.59 -44.88
C ALA B 119 1.62 50.14 -45.37
N THR B 120 1.77 49.95 -46.68
CA THR B 120 1.74 48.64 -47.29
C THR B 120 3.05 48.37 -48.02
N HIS B 121 3.48 47.12 -48.01
CA HIS B 121 4.75 46.72 -48.61
C HIS B 121 4.56 45.72 -49.75
N GLY B 122 3.36 45.65 -50.33
CA GLY B 122 3.07 44.72 -51.39
C GLY B 122 2.71 43.32 -50.94
N ASP B 123 2.97 42.97 -49.67
CA ASP B 123 2.63 41.66 -49.14
C ASP B 123 2.21 41.85 -47.68
N ALA B 124 0.89 41.98 -47.48
CA ALA B 124 0.33 42.19 -46.15
C ALA B 124 -0.43 40.96 -45.72
N PRO B 125 0.06 40.21 -44.73
CA PRO B 125 -0.69 39.03 -44.27
C PRO B 125 -2.04 39.42 -43.67
N THR B 126 -3.05 38.60 -43.96
CA THR B 126 -4.40 38.87 -43.47
C THR B 126 -4.45 38.70 -41.96
N ALA B 127 -4.98 39.71 -41.27
CA ALA B 127 -5.05 39.69 -39.82
C ALA B 127 -6.00 38.60 -39.36
N ILE B 128 -5.57 37.81 -38.37
CA ILE B 128 -6.36 36.70 -37.85
C ILE B 128 -7.08 37.22 -36.62
N THR B 129 -8.31 37.67 -36.81
CA THR B 129 -9.12 38.15 -35.68
C THR B 129 -9.48 37.01 -34.75
N GLY B 130 -9.88 35.87 -35.29
CA GLY B 130 -10.20 34.72 -34.48
C GLY B 130 -9.62 33.47 -35.09
N VAL B 131 -9.26 32.52 -34.22
CA VAL B 131 -8.64 31.27 -34.63
C VAL B 131 -9.22 30.14 -33.78
N ILE B 132 -9.50 29.01 -34.42
CA ILE B 132 -9.99 27.81 -33.74
C ILE B 132 -9.06 26.67 -34.08
N GLY B 133 -8.84 25.78 -33.12
CA GLY B 133 -7.97 24.64 -33.35
C GLY B 133 -7.49 24.06 -32.03
N GLY B 134 -6.34 23.39 -32.11
CA GLY B 134 -5.77 22.75 -30.95
C GLY B 134 -6.57 21.55 -30.50
N SER B 135 -6.73 20.57 -31.39
CA SER B 135 -7.47 19.36 -31.03
C SER B 135 -6.76 18.57 -29.94
N TYR B 136 -5.44 18.68 -29.87
CA TYR B 136 -4.65 18.02 -28.84
C TYR B 136 -4.40 18.98 -27.69
N SER B 137 -4.47 18.46 -26.46
CA SER B 137 -4.33 19.30 -25.28
C SER B 137 -2.95 19.94 -25.21
N ASP B 138 -1.90 19.17 -25.52
CA ASP B 138 -0.55 19.73 -25.50
C ASP B 138 -0.39 20.79 -26.58
N VAL B 139 -0.86 20.52 -27.79
CA VAL B 139 -0.84 21.53 -28.85
C VAL B 139 -1.65 22.75 -28.44
N SER B 140 -2.79 22.52 -27.77
CA SER B 140 -3.65 23.62 -27.35
C SER B 140 -2.91 24.53 -26.36
N ILE B 141 -2.26 23.96 -25.36
CA ILE B 141 -1.58 24.79 -24.38
C ILE B 141 -0.34 25.43 -24.97
N GLN B 142 0.31 24.77 -25.94
CA GLN B 142 1.50 25.36 -26.55
C GLN B 142 1.13 26.52 -27.47
N VAL B 143 -0.04 26.48 -28.08
CA VAL B 143 -0.45 27.56 -28.97
C VAL B 143 -1.24 28.66 -28.25
N ALA B 144 -1.85 28.35 -27.11
CA ALA B 144 -2.67 29.35 -26.41
C ALA B 144 -1.82 30.50 -25.89
N ASN B 145 -0.60 30.21 -25.43
CA ASN B 145 0.28 31.27 -24.96
C ASN B 145 0.65 32.21 -26.10
N LEU B 146 1.04 31.66 -27.24
CA LEU B 146 1.38 32.49 -28.39
C LEU B 146 0.17 33.28 -28.88
N LEU B 147 -1.03 32.71 -28.76
CA LEU B 147 -2.22 33.44 -29.19
C LEU B 147 -2.56 34.58 -28.24
N ARG B 148 -2.47 34.35 -26.92
CA ARG B 148 -2.78 35.41 -25.97
C ARG B 148 -1.69 36.47 -25.94
N LEU B 149 -0.48 36.14 -26.40
CA LEU B 149 0.57 37.15 -26.49
C LEU B 149 0.26 38.24 -27.51
N PHE B 150 -0.66 37.97 -28.45
CA PHE B 150 -0.99 38.91 -29.51
C PHE B 150 -2.47 39.26 -29.53
N GLN B 151 -3.17 39.06 -28.41
CA GLN B 151 -4.59 39.40 -28.28
C GLN B 151 -5.43 38.68 -29.33
N ILE B 152 -5.22 37.38 -29.46
CA ILE B 152 -5.96 36.56 -30.42
C ILE B 152 -6.78 35.52 -29.66
N PRO B 153 -8.11 35.61 -29.71
CA PRO B 153 -8.94 34.62 -29.01
C PRO B 153 -8.85 33.25 -29.66
N GLN B 154 -9.05 32.22 -28.84
CA GLN B 154 -8.97 30.84 -29.29
C GLN B 154 -10.18 30.07 -28.80
N ILE B 155 -10.73 29.23 -29.67
CA ILE B 155 -11.85 28.35 -29.35
C ILE B 155 -11.48 26.95 -29.79
N SER B 156 -11.45 26.02 -28.84
CA SER B 156 -11.07 24.64 -29.12
C SER B 156 -12.31 23.78 -29.34
N TYR B 157 -12.08 22.58 -29.86
CA TYR B 157 -13.14 21.64 -30.16
C TYR B 157 -12.88 20.22 -29.70
N ALA B 158 -11.64 19.88 -29.34
CA ALA B 158 -11.31 18.53 -28.90
C ALA B 158 -10.45 18.46 -27.65
N SER B 159 -9.71 19.51 -27.30
CA SER B 159 -8.81 19.47 -26.16
C SER B 159 -9.62 19.64 -24.87
N THR B 160 -9.52 18.67 -23.97
CA THR B 160 -10.22 18.69 -22.69
C THR B 160 -9.25 18.65 -21.52
N SER B 161 -8.14 19.40 -21.65
CA SER B 161 -7.14 19.41 -20.60
C SER B 161 -7.67 20.13 -19.36
N ALA B 162 -7.28 19.63 -18.19
CA ALA B 162 -7.73 20.24 -16.93
C ALA B 162 -7.00 21.52 -16.61
N LYS B 163 -5.83 21.76 -17.19
CA LYS B 163 -5.07 22.98 -16.93
C LYS B 163 -5.51 24.16 -17.79
N LEU B 164 -6.53 23.99 -18.62
CA LEU B 164 -7.08 25.08 -19.42
C LEU B 164 -8.32 25.70 -18.81
N SER B 165 -8.74 25.24 -17.63
CA SER B 165 -9.93 25.79 -17.01
C SER B 165 -9.65 27.16 -16.40
N ASP B 166 -8.50 27.33 -15.77
CA ASP B 166 -8.16 28.60 -15.14
C ASP B 166 -7.88 29.66 -16.20
N LYS B 167 -8.30 30.89 -15.90
CA LYS B 167 -8.13 32.01 -16.83
C LYS B 167 -6.90 32.85 -16.50
N SER B 168 -6.12 32.48 -15.48
CA SER B 168 -4.94 33.25 -15.15
C SER B 168 -3.84 33.04 -16.19
N ARG B 169 -3.62 31.81 -16.62
CA ARG B 169 -2.59 31.50 -17.61
C ARG B 169 -3.16 31.52 -19.03
N TYR B 170 -4.14 30.66 -19.30
CA TYR B 170 -4.76 30.59 -20.61
C TYR B 170 -6.05 31.41 -20.61
N ASP B 171 -5.86 32.73 -20.57
CA ASP B 171 -7.00 33.64 -20.52
C ASP B 171 -7.79 33.62 -21.83
N TYR B 172 -7.09 33.58 -22.95
CA TYR B 172 -7.74 33.63 -24.27
C TYR B 172 -7.95 32.21 -24.79
N PHE B 173 -8.87 31.50 -24.12
CA PHE B 173 -9.16 30.12 -24.48
C PHE B 173 -10.57 29.79 -24.01
N ALA B 174 -11.47 29.53 -24.95
CA ALA B 174 -12.87 29.19 -24.66
C ALA B 174 -13.24 27.98 -25.50
N ARG B 175 -13.03 26.79 -24.95
CA ARG B 175 -13.34 25.57 -25.66
C ARG B 175 -14.82 25.26 -25.60
N THR B 176 -15.28 24.43 -26.54
CA THR B 176 -16.66 23.99 -26.62
C THR B 176 -16.85 22.58 -26.08
N VAL B 177 -15.94 22.09 -25.26
CA VAL B 177 -15.97 20.72 -24.76
C VAL B 177 -15.78 20.73 -23.24
N PRO B 178 -16.33 19.75 -22.52
CA PRO B 178 -16.16 19.72 -21.07
C PRO B 178 -14.72 19.36 -20.71
N PRO B 179 -14.24 19.80 -19.55
CA PRO B 179 -12.86 19.48 -19.16
C PRO B 179 -12.70 18.04 -18.69
N ASP B 180 -11.50 17.71 -18.21
CA ASP B 180 -11.21 16.35 -17.76
C ASP B 180 -11.86 15.99 -16.43
N PHE B 181 -12.40 16.98 -15.70
CA PHE B 181 -13.02 16.69 -14.41
C PHE B 181 -14.22 15.77 -14.57
N PHE B 182 -15.16 16.14 -15.45
CA PHE B 182 -16.33 15.31 -15.67
C PHE B 182 -15.96 13.96 -16.28
N GLN B 183 -14.92 13.92 -17.11
CA GLN B 183 -14.47 12.65 -17.67
C GLN B 183 -13.94 11.72 -16.59
N ALA B 184 -13.15 12.25 -15.66
CA ALA B 184 -12.66 11.45 -14.55
C ALA B 184 -13.81 11.00 -13.65
N LYS B 185 -14.79 11.88 -13.44
CA LYS B 185 -15.97 11.50 -12.68
C LYS B 185 -16.69 10.32 -13.33
N ALA B 186 -16.86 10.38 -14.66
CA ALA B 186 -17.53 9.29 -15.36
C ALA B 186 -16.72 8.00 -15.29
N MET B 187 -15.40 8.10 -15.43
CA MET B 187 -14.56 6.91 -15.33
C MET B 187 -14.66 6.28 -13.93
N ALA B 188 -14.66 7.12 -12.89
CA ALA B 188 -14.79 6.60 -11.53
C ALA B 188 -16.15 5.95 -11.32
N GLU B 189 -17.22 6.57 -11.80
CA GLU B 189 -18.55 5.97 -11.66
C GLU B 189 -18.63 4.65 -12.41
N ILE B 190 -18.02 4.56 -13.59
CA ILE B 190 -18.04 3.32 -14.36
C ILE B 190 -17.29 2.23 -13.60
N LEU B 191 -16.10 2.56 -13.09
CA LEU B 191 -15.30 1.56 -12.38
C LEU B 191 -15.94 1.14 -11.06
N ARG B 192 -16.71 2.03 -10.43
CA ARG B 192 -17.42 1.67 -9.22
C ARG B 192 -18.68 0.86 -9.51
N PHE B 193 -19.30 1.07 -10.68
CA PHE B 193 -20.51 0.34 -11.02
C PHE B 193 -20.22 -1.15 -11.20
N PHE B 194 -19.05 -1.50 -11.72
CA PHE B 194 -18.66 -2.89 -11.93
C PHE B 194 -17.86 -3.46 -10.77
N ASN B 195 -17.78 -2.76 -9.64
CA ASN B 195 -17.07 -3.21 -8.45
C ASN B 195 -15.60 -3.52 -8.76
N TRP B 196 -14.99 -2.65 -9.55
CA TRP B 196 -13.58 -2.79 -9.91
C TRP B 196 -12.74 -2.01 -8.90
N THR B 197 -11.93 -2.72 -8.13
CA THR B 197 -11.11 -2.13 -7.07
C THR B 197 -9.63 -2.04 -7.43
N TYR B 198 -9.03 -3.17 -7.83
CA TYR B 198 -7.62 -3.18 -8.22
C TYR B 198 -7.53 -2.68 -9.66
N VAL B 199 -6.86 -1.55 -9.85
CA VAL B 199 -6.90 -0.82 -11.12
C VAL B 199 -5.47 -0.50 -11.55
N SER B 200 -5.23 -0.58 -12.87
CA SER B 200 -3.97 -0.16 -13.46
C SER B 200 -4.25 0.89 -14.53
N THR B 201 -3.41 1.93 -14.58
CA THR B 201 -3.61 3.04 -15.48
C THR B 201 -2.45 3.18 -16.44
N VAL B 202 -2.74 3.70 -17.63
CA VAL B 202 -1.74 3.99 -18.66
C VAL B 202 -1.91 5.45 -19.08
N ALA B 203 -0.81 6.18 -19.13
CA ALA B 203 -0.82 7.60 -19.43
C ALA B 203 0.07 7.89 -20.65
N SER B 204 0.22 9.17 -20.96
CA SER B 204 1.06 9.63 -22.05
C SER B 204 1.82 10.87 -21.61
N GLU B 205 2.95 11.13 -22.27
CA GLU B 205 3.81 12.26 -21.93
C GLU B 205 3.14 13.52 -22.47
N GLY B 206 2.41 14.21 -21.60
CA GLY B 206 1.69 15.41 -21.98
C GLY B 206 0.75 15.86 -20.89
N ASP B 207 0.28 17.12 -20.98
CA ASP B 207 -0.63 17.64 -19.96
C ASP B 207 -1.88 16.79 -19.83
N TYR B 208 -2.45 16.36 -20.96
CA TYR B 208 -3.70 15.61 -20.94
C TYR B 208 -3.57 14.35 -20.10
N GLY B 209 -2.54 13.54 -20.38
CA GLY B 209 -2.39 12.29 -19.65
C GLY B 209 -2.16 12.49 -18.17
N GLU B 210 -1.26 13.41 -17.81
CA GLU B 210 -0.95 13.64 -16.40
C GLU B 210 -2.16 14.15 -15.63
N THR B 211 -2.85 15.17 -16.17
CA THR B 211 -4.00 15.70 -15.45
C THR B 211 -5.13 14.67 -15.37
N GLY B 212 -5.36 13.92 -16.46
CA GLY B 212 -6.39 12.90 -16.41
C GLY B 212 -6.08 11.82 -15.39
N ILE B 213 -4.82 11.39 -15.32
CA ILE B 213 -4.44 10.36 -14.36
C ILE B 213 -4.58 10.88 -12.92
N GLU B 214 -4.13 12.12 -12.67
CA GLU B 214 -4.25 12.66 -11.32
C GLU B 214 -5.71 12.80 -10.90
N ALA B 215 -6.56 13.30 -11.80
CA ALA B 215 -7.98 13.39 -11.49
C ALA B 215 -8.59 12.01 -11.26
N PHE B 216 -8.16 11.02 -12.05
CA PHE B 216 -8.67 9.66 -11.86
C PHE B 216 -8.27 9.10 -10.51
N GLU B 217 -7.02 9.32 -10.09
CA GLU B 217 -6.60 8.85 -8.77
C GLU B 217 -7.38 9.56 -7.67
N LEU B 218 -7.65 10.86 -7.84
CA LEU B 218 -8.46 11.58 -6.85
C LEU B 218 -9.84 10.96 -6.73
N GLU B 219 -10.53 10.78 -7.86
CA GLU B 219 -11.89 10.25 -7.81
C GLU B 219 -11.91 8.78 -7.39
N ALA B 220 -10.82 8.05 -7.61
CA ALA B 220 -10.75 6.67 -7.15
C ALA B 220 -10.56 6.60 -5.65
N ARG B 221 -9.67 7.44 -5.10
CA ARG B 221 -9.51 7.51 -3.65
C ARG B 221 -10.79 8.02 -2.99
N ALA B 222 -11.56 8.85 -3.70
CA ALA B 222 -12.86 9.26 -3.21
C ALA B 222 -13.92 8.17 -3.31
N ARG B 223 -13.66 7.10 -4.07
CA ARG B 223 -14.60 6.01 -4.25
C ARG B 223 -14.04 4.68 -3.74
N ASN B 224 -13.08 4.72 -2.83
CA ASN B 224 -12.47 3.52 -2.24
C ASN B 224 -11.86 2.62 -3.32
N ILE B 225 -11.19 3.23 -4.30
CA ILE B 225 -10.52 2.52 -5.38
C ILE B 225 -9.06 2.96 -5.41
N CYS B 226 -8.17 1.99 -5.58
CA CYS B 226 -6.73 2.24 -5.60
C CYS B 226 -6.13 1.77 -6.90
N VAL B 227 -4.93 2.27 -7.20
CA VAL B 227 -4.17 1.91 -8.38
C VAL B 227 -2.75 1.54 -7.94
N ALA B 228 -2.30 0.35 -8.35
CA ALA B 228 -0.98 -0.13 -7.94
C ALA B 228 0.12 0.63 -8.67
N THR B 229 0.16 0.50 -10.00
CA THR B 229 1.18 1.14 -10.81
C THR B 229 0.53 1.96 -11.92
N SER B 230 1.10 3.13 -12.19
CA SER B 230 0.64 4.02 -13.25
C SER B 230 1.73 4.11 -14.31
N GLU B 231 1.40 3.66 -15.52
CA GLU B 231 2.35 3.66 -16.62
C GLU B 231 2.13 4.88 -17.51
N LYS B 232 3.22 5.32 -18.14
CA LYS B 232 3.20 6.47 -19.04
C LYS B 232 3.95 6.11 -20.31
N VAL B 233 3.64 6.83 -21.40
CA VAL B 233 4.31 6.66 -22.67
C VAL B 233 4.72 8.03 -23.19
N GLY B 234 5.72 8.05 -24.07
CA GLY B 234 6.23 9.27 -24.65
C GLY B 234 5.56 9.59 -25.98
N ARG B 235 6.15 10.56 -26.67
CA ARG B 235 5.65 10.94 -27.99
C ARG B 235 6.22 10.02 -29.07
N ALA B 236 7.54 9.99 -29.20
CA ALA B 236 8.20 9.08 -30.13
C ALA B 236 8.26 7.70 -29.48
N MET B 237 7.46 6.77 -30.01
CA MET B 237 7.31 5.45 -29.40
C MET B 237 7.53 4.38 -30.47
N SER B 238 7.85 3.17 -29.99
CA SER B 238 8.05 2.02 -30.85
C SER B 238 7.26 0.85 -30.30
N ARG B 239 7.07 -0.16 -31.15
CA ARG B 239 6.31 -1.35 -30.75
C ARG B 239 6.98 -2.07 -29.58
N ALA B 240 8.31 -1.99 -29.48
CA ALA B 240 9.01 -2.64 -28.39
C ALA B 240 8.68 -2.00 -27.04
N ALA B 241 8.58 -0.68 -27.00
CA ALA B 241 8.22 0.00 -25.75
C ALA B 241 6.79 -0.35 -25.34
N PHE B 242 5.88 -0.44 -26.31
CA PHE B 242 4.51 -0.83 -25.99
C PHE B 242 4.45 -2.27 -25.49
N GLU B 243 5.23 -3.16 -26.11
CA GLU B 243 5.29 -4.54 -25.63
C GLU B 243 5.83 -4.60 -24.20
N GLY B 244 6.84 -3.78 -23.91
CA GLY B 244 7.35 -3.71 -22.55
C GLY B 244 6.34 -3.18 -21.56
N VAL B 245 5.52 -2.21 -22.01
CA VAL B 245 4.47 -1.67 -21.15
C VAL B 245 3.43 -2.75 -20.84
N VAL B 246 3.02 -3.50 -21.86
CA VAL B 246 2.06 -4.58 -21.65
C VAL B 246 2.66 -5.66 -20.75
N ARG B 247 3.96 -5.93 -20.90
CA ARG B 247 4.61 -6.92 -20.04
C ARG B 247 4.65 -6.46 -18.59
N ALA B 248 4.93 -5.16 -18.37
CA ALA B 248 4.91 -4.62 -17.02
C ALA B 248 3.51 -4.66 -16.43
N LEU B 249 2.49 -4.42 -17.26
CA LEU B 249 1.11 -4.54 -16.81
C LEU B 249 0.78 -5.98 -16.45
N LEU B 250 1.34 -6.94 -17.18
CA LEU B 250 1.12 -8.35 -16.93
C LEU B 250 1.86 -8.87 -15.70
N GLN B 251 2.75 -8.07 -15.11
CA GLN B 251 3.47 -8.51 -13.93
C GLN B 251 2.55 -8.77 -12.74
N LYS B 252 1.39 -8.13 -12.71
CA LYS B 252 0.40 -8.36 -11.66
C LYS B 252 -0.85 -8.99 -12.27
N PRO B 253 -1.08 -10.28 -12.06
CA PRO B 253 -2.24 -10.93 -12.71
C PRO B 253 -3.58 -10.38 -12.26
N SER B 254 -3.65 -9.79 -11.08
CA SER B 254 -4.92 -9.25 -10.59
C SER B 254 -5.35 -7.99 -11.33
N ALA B 255 -4.48 -7.39 -12.15
CA ALA B 255 -4.81 -6.17 -12.89
C ALA B 255 -5.52 -6.55 -14.19
N ARG B 256 -6.80 -6.94 -14.04
CA ARG B 256 -7.59 -7.27 -15.21
C ARG B 256 -8.02 -6.04 -15.99
N VAL B 257 -8.29 -4.94 -15.30
CA VAL B 257 -8.73 -3.70 -15.92
C VAL B 257 -7.52 -2.82 -16.20
N ALA B 258 -7.62 -1.99 -17.23
CA ALA B 258 -6.54 -1.11 -17.64
C ALA B 258 -7.12 0.23 -18.07
N VAL B 259 -6.89 1.27 -17.29
CA VAL B 259 -7.32 2.61 -17.63
C VAL B 259 -6.34 3.23 -18.61
N LEU B 260 -6.86 3.83 -19.68
CA LEU B 260 -6.04 4.43 -20.72
C LEU B 260 -6.42 5.89 -20.89
N PHE B 261 -5.42 6.77 -20.86
CA PHE B 261 -5.58 8.18 -21.19
C PHE B 261 -4.72 8.55 -22.40
N THR B 262 -4.54 7.59 -23.31
CA THR B 262 -3.65 7.76 -24.44
C THR B 262 -4.38 8.41 -25.62
N ARG B 263 -3.68 8.51 -26.74
CA ARG B 263 -4.22 9.10 -27.96
C ARG B 263 -4.88 8.00 -28.80
N SER B 264 -5.23 8.34 -30.04
CA SER B 264 -5.85 7.36 -30.94
C SER B 264 -4.83 6.34 -31.44
N GLU B 265 -3.80 6.83 -32.16
CA GLU B 265 -2.74 5.94 -32.61
C GLU B 265 -1.98 5.34 -31.43
N ASP B 266 -1.90 6.07 -30.31
CA ASP B 266 -1.31 5.53 -29.10
C ASP B 266 -2.04 4.27 -28.64
N ALA B 267 -3.37 4.36 -28.51
CA ALA B 267 -4.16 3.20 -28.14
C ALA B 267 -4.10 2.11 -29.22
N ARG B 268 -3.95 2.50 -30.48
CA ARG B 268 -3.83 1.52 -31.54
C ARG B 268 -2.58 0.67 -31.38
N GLU B 269 -1.43 1.33 -31.17
CA GLU B 269 -0.20 0.58 -30.95
C GLU B 269 -0.24 -0.20 -29.63
N LEU B 270 -0.91 0.34 -28.61
CA LEU B 270 -1.05 -0.41 -27.36
C LEU B 270 -1.85 -1.69 -27.58
N LEU B 271 -2.94 -1.61 -28.35
CA LEU B 271 -3.72 -2.80 -28.67
C LEU B 271 -2.91 -3.78 -29.51
N ALA B 272 -2.12 -3.27 -30.46
CA ALA B 272 -1.28 -4.15 -31.26
C ALA B 272 -0.27 -4.90 -30.40
N ALA B 273 0.35 -4.20 -29.45
CA ALA B 273 1.31 -4.85 -28.56
C ALA B 273 0.62 -5.85 -27.64
N SER B 274 -0.58 -5.53 -27.17
CA SER B 274 -1.31 -6.46 -26.31
C SER B 274 -1.71 -7.71 -27.08
N GLN B 275 -2.07 -7.56 -28.35
CA GLN B 275 -2.45 -8.72 -29.16
C GLN B 275 -1.22 -9.55 -29.51
N ARG B 276 -0.08 -8.90 -29.75
CA ARG B 276 1.14 -9.63 -30.06
C ARG B 276 1.62 -10.49 -28.88
N LEU B 277 1.33 -10.04 -27.65
CA LEU B 277 1.74 -10.78 -26.46
C LEU B 277 0.64 -11.67 -25.91
N ASN B 278 -0.49 -11.79 -26.61
CA ASN B 278 -1.62 -12.62 -26.18
C ASN B 278 -2.10 -12.24 -24.79
N ALA B 279 -2.17 -10.94 -24.53
CA ALA B 279 -2.60 -10.42 -23.24
C ALA B 279 -4.07 -10.03 -23.32
N SER B 280 -4.84 -10.47 -22.33
CA SER B 280 -6.28 -10.20 -22.27
C SER B 280 -6.55 -9.14 -21.21
N PHE B 281 -7.26 -8.08 -21.60
CA PHE B 281 -7.59 -7.00 -20.69
C PHE B 281 -8.97 -6.45 -21.06
N THR B 282 -9.68 -5.97 -20.03
CA THR B 282 -10.94 -5.26 -20.23
C THR B 282 -10.61 -3.77 -20.30
N TRP B 283 -10.32 -3.30 -21.51
CA TRP B 283 -9.80 -1.96 -21.71
C TRP B 283 -10.86 -0.91 -21.45
N VAL B 284 -10.55 0.02 -20.54
CA VAL B 284 -11.35 1.23 -20.34
C VAL B 284 -10.46 2.42 -20.65
N ALA B 285 -10.94 3.32 -21.51
CA ALA B 285 -10.14 4.41 -22.01
C ALA B 285 -10.91 5.72 -21.95
N SER B 286 -10.21 6.80 -22.25
CA SER B 286 -10.79 8.14 -22.29
C SER B 286 -11.30 8.44 -23.70
N ASP B 287 -11.60 9.72 -23.95
CA ASP B 287 -12.11 10.13 -25.26
C ASP B 287 -11.09 9.98 -26.39
N GLY B 288 -9.84 9.66 -26.07
CA GLY B 288 -8.86 9.45 -27.12
C GLY B 288 -9.19 8.26 -28.01
N TRP B 289 -9.74 7.20 -27.41
CA TRP B 289 -10.16 6.04 -28.20
C TRP B 289 -11.35 6.39 -29.08
N GLY B 290 -12.47 6.77 -28.46
CA GLY B 290 -13.67 7.09 -29.21
C GLY B 290 -14.24 5.90 -29.95
N ALA B 291 -15.01 6.20 -31.00
CA ALA B 291 -15.60 5.20 -31.86
C ALA B 291 -14.80 4.98 -33.14
N LEU B 292 -13.48 5.13 -33.07
CA LEU B 292 -12.64 5.02 -34.24
C LEU B 292 -12.44 3.56 -34.63
N GLU B 293 -12.34 3.32 -35.94
CA GLU B 293 -12.08 1.99 -36.45
C GLU B 293 -10.61 1.74 -36.76
N SER B 294 -9.83 2.80 -37.02
CA SER B 294 -8.41 2.63 -37.28
C SER B 294 -7.65 2.24 -36.02
N VAL B 295 -8.13 2.67 -34.85
CA VAL B 295 -7.47 2.31 -33.60
C VAL B 295 -7.61 0.82 -33.33
N VAL B 296 -8.81 0.26 -33.56
CA VAL B 296 -9.04 -1.16 -33.34
C VAL B 296 -8.69 -2.00 -34.56
N ALA B 297 -8.30 -1.38 -35.67
CA ALA B 297 -7.98 -2.13 -36.87
C ALA B 297 -6.75 -3.00 -36.64
N GLY B 298 -6.86 -4.29 -36.97
CA GLY B 298 -5.79 -5.23 -36.78
C GLY B 298 -5.66 -5.80 -35.38
N SER B 299 -6.46 -5.31 -34.43
CA SER B 299 -6.44 -5.79 -33.05
C SER B 299 -7.87 -6.02 -32.55
N GLU B 300 -8.66 -6.72 -33.36
CA GLU B 300 -10.05 -6.99 -32.98
C GLU B 300 -10.13 -7.85 -31.72
N GLY B 301 -9.29 -8.88 -31.64
CA GLY B 301 -9.33 -9.76 -30.49
C GLY B 301 -8.90 -9.08 -29.21
N ALA B 302 -7.89 -8.22 -29.28
CA ALA B 302 -7.40 -7.52 -28.09
C ALA B 302 -8.38 -6.47 -27.61
N ALA B 303 -9.25 -5.96 -28.48
CA ALA B 303 -10.21 -4.94 -28.11
C ALA B 303 -11.58 -5.51 -27.72
N GLU B 304 -11.70 -6.83 -27.63
CA GLU B 304 -12.98 -7.44 -27.30
C GLU B 304 -13.37 -7.10 -25.86
N GLY B 305 -14.61 -6.67 -25.68
CA GLY B 305 -15.09 -6.30 -24.36
C GLY B 305 -14.40 -5.08 -23.78
N ALA B 306 -14.22 -4.03 -24.58
CA ALA B 306 -13.55 -2.82 -24.16
C ALA B 306 -14.57 -1.70 -24.00
N ILE B 307 -14.50 -1.02 -22.86
CA ILE B 307 -15.39 0.11 -22.56
C ILE B 307 -14.70 1.39 -23.01
N THR B 308 -15.42 2.21 -23.78
CA THR B 308 -14.89 3.46 -24.28
C THR B 308 -15.88 4.59 -23.95
N ILE B 309 -15.36 5.71 -23.49
CA ILE B 309 -16.16 6.89 -23.19
C ILE B 309 -15.93 7.93 -24.27
N GLU B 310 -17.01 8.52 -24.76
CA GLU B 310 -16.97 9.50 -25.84
C GLU B 310 -17.73 10.74 -25.40
N LEU B 311 -17.36 11.88 -25.99
CA LEU B 311 -18.08 13.11 -25.71
C LEU B 311 -19.43 13.08 -26.40
N ALA B 312 -20.46 13.59 -25.72
CA ALA B 312 -21.82 13.52 -26.22
C ALA B 312 -21.97 14.36 -27.48
N SER B 313 -22.50 13.75 -28.54
CA SER B 313 -22.69 14.42 -29.82
C SER B 313 -23.62 13.56 -30.66
N TYR B 314 -24.05 14.12 -31.79
CA TYR B 314 -24.92 13.45 -32.73
C TYR B 314 -24.40 13.62 -34.15
N PRO B 315 -24.63 12.64 -35.02
CA PRO B 315 -24.19 12.77 -36.41
C PRO B 315 -24.96 13.87 -37.14
N ILE B 316 -24.32 14.44 -38.15
CA ILE B 316 -24.91 15.49 -38.97
C ILE B 316 -25.20 14.92 -40.35
N SER B 317 -26.46 15.00 -40.77
CA SER B 317 -26.85 14.48 -42.07
C SER B 317 -26.39 15.39 -43.20
N ASP B 318 -26.38 16.70 -42.97
CA ASP B 318 -25.97 17.63 -44.01
C ASP B 318 -24.48 17.50 -44.32
N PHE B 319 -23.65 17.38 -43.27
CA PHE B 319 -22.22 17.24 -43.50
C PHE B 319 -21.87 15.90 -44.13
N ALA B 320 -22.62 14.84 -43.80
CA ALA B 320 -22.35 13.53 -44.39
C ALA B 320 -22.55 13.54 -45.89
N SER B 321 -23.65 14.16 -46.36
CA SER B 321 -23.88 14.25 -47.80
C SER B 321 -22.81 15.10 -48.48
N TYR B 322 -22.37 16.17 -47.82
CA TYR B 322 -21.32 16.99 -48.38
C TYR B 322 -19.98 16.26 -48.39
N PHE B 323 -19.70 15.46 -47.35
CA PHE B 323 -18.45 14.73 -47.30
C PHE B 323 -18.41 13.62 -48.35
N GLN B 324 -19.53 12.93 -48.54
CA GLN B 324 -19.56 11.84 -49.52
C GLN B 324 -19.37 12.38 -50.94
N SER B 325 -19.97 13.53 -51.25
CA SER B 325 -19.86 14.13 -52.58
C SER B 325 -18.61 15.01 -52.64
N LEU B 326 -17.46 14.35 -52.54
CA LEU B 326 -16.17 15.01 -52.57
C LEU B 326 -15.23 14.26 -53.50
N ASP B 327 -14.55 15.02 -54.36
CA ASP B 327 -13.58 14.47 -55.29
C ASP B 327 -12.38 15.39 -55.36
N PRO B 328 -11.17 14.84 -55.56
CA PRO B 328 -9.97 15.70 -55.57
C PRO B 328 -9.96 16.72 -56.70
N TRP B 329 -10.66 16.44 -57.80
CA TRP B 329 -10.66 17.39 -58.92
C TRP B 329 -11.42 18.66 -58.58
N ASN B 330 -12.64 18.52 -58.06
CA ASN B 330 -13.43 19.70 -57.72
C ASN B 330 -12.97 20.34 -56.42
N ASN B 331 -12.47 19.55 -55.47
CA ASN B 331 -12.01 20.08 -54.18
C ASN B 331 -10.53 20.47 -54.32
N SER B 332 -10.31 21.57 -55.03
CA SER B 332 -8.98 22.11 -55.23
C SER B 332 -8.53 23.05 -54.12
N ARG B 333 -9.44 23.43 -53.21
CA ARG B 333 -9.10 24.32 -52.12
C ARG B 333 -8.42 23.61 -50.96
N ASN B 334 -8.42 22.27 -50.94
CA ASN B 334 -7.78 21.52 -49.88
C ASN B 334 -6.48 20.93 -50.40
N PRO B 335 -5.32 21.42 -49.95
CA PRO B 335 -4.05 20.88 -50.49
C PRO B 335 -3.78 19.45 -50.07
N TRP B 336 -4.29 19.02 -48.93
CA TRP B 336 -4.05 17.66 -48.43
C TRP B 336 -5.08 16.66 -48.92
N PHE B 337 -6.12 17.11 -49.64
CA PHE B 337 -7.18 16.19 -50.06
C PHE B 337 -6.67 15.17 -51.07
N ARG B 338 -5.76 15.58 -51.96
CA ARG B 338 -5.23 14.65 -52.96
C ARG B 338 -4.43 13.54 -52.29
N GLU B 339 -3.53 13.91 -51.37
CA GLU B 339 -2.75 12.89 -50.69
C GLU B 339 -3.62 12.05 -49.74
N PHE B 340 -4.70 12.63 -49.21
CA PHE B 340 -5.63 11.83 -48.43
C PHE B 340 -6.32 10.79 -49.30
N TRP B 341 -6.72 11.17 -50.51
CA TRP B 341 -7.29 10.20 -51.44
C TRP B 341 -6.28 9.11 -51.78
N GLU B 342 -5.03 9.49 -52.02
CA GLU B 342 -3.99 8.51 -52.31
C GLU B 342 -3.82 7.52 -51.16
N GLN B 343 -3.77 8.04 -49.93
CA GLN B 343 -3.54 7.18 -48.77
C GLN B 343 -4.76 6.30 -48.48
N ARG B 344 -5.97 6.81 -48.73
CA ARG B 344 -7.17 6.05 -48.42
C ARG B 344 -7.41 4.95 -49.46
N PHE B 345 -7.25 5.27 -50.74
CA PHE B 345 -7.51 4.30 -51.79
C PHE B 345 -6.27 3.52 -52.22
N ARG B 346 -5.13 3.75 -51.54
CA ARG B 346 -3.88 3.02 -51.81
C ARG B 346 -3.48 3.13 -53.28
N CYS B 347 -3.56 4.34 -53.82
CA CYS B 347 -3.25 4.62 -55.21
C CYS B 347 -2.32 5.82 -55.29
N SER B 348 -1.93 6.16 -56.52
CA SER B 348 -1.07 7.31 -56.78
C SER B 348 -1.61 8.05 -57.99
N PHE B 349 -1.71 9.38 -57.88
CA PHE B 349 -2.23 10.18 -58.97
C PHE B 349 -1.25 10.31 -60.14
N ARG B 350 0.00 9.92 -59.94
CA ARG B 350 0.96 9.97 -61.05
C ARG B 350 0.61 8.96 -62.13
N GLN B 351 0.16 7.77 -61.74
CA GLN B 351 -0.23 6.75 -62.71
C GLN B 351 -1.61 6.99 -63.29
N ARG B 352 -2.43 7.83 -62.65
CA ARG B 352 -3.78 8.14 -63.11
C ARG B 352 -4.62 6.88 -63.26
N ASP B 353 -4.81 6.20 -62.13
CA ASP B 353 -5.56 4.94 -62.10
C ASP B 353 -6.81 4.99 -61.22
N CYS B 354 -6.80 5.76 -60.13
CA CYS B 354 -7.93 5.82 -59.21
C CYS B 354 -8.82 7.03 -59.46
N ALA B 355 -8.91 7.47 -60.72
CA ALA B 355 -9.78 8.61 -61.03
C ALA B 355 -11.25 8.23 -60.98
N ALA B 356 -11.57 6.95 -61.21
CA ALA B 356 -12.95 6.49 -61.22
C ALA B 356 -13.47 6.14 -59.83
N HIS B 357 -12.62 6.10 -58.82
CA HIS B 357 -13.06 5.78 -57.48
C HIS B 357 -13.89 6.92 -56.89
N SER B 358 -14.93 6.55 -56.15
CA SER B 358 -15.82 7.52 -55.53
C SER B 358 -16.03 7.17 -54.06
N LEU B 359 -16.26 8.20 -53.25
CA LEU B 359 -16.47 8.00 -51.82
C LEU B 359 -17.88 7.54 -51.49
N ARG B 360 -18.82 7.67 -52.43
CA ARG B 360 -20.20 7.28 -52.15
C ARG B 360 -20.32 5.78 -51.95
N ALA B 361 -19.62 4.99 -52.77
CA ALA B 361 -19.71 3.54 -52.64
C ALA B 361 -19.10 3.05 -51.33
N VAL B 362 -17.95 3.61 -50.94
CA VAL B 362 -17.30 3.21 -49.69
C VAL B 362 -18.11 3.75 -48.52
N PRO B 363 -18.42 2.93 -47.51
CA PRO B 363 -19.16 3.44 -46.35
C PRO B 363 -18.33 4.46 -45.58
N PHE B 364 -19.01 5.52 -45.14
CA PHE B 364 -18.36 6.64 -44.47
C PHE B 364 -18.77 6.67 -43.00
N GLU B 365 -17.79 6.71 -42.11
CA GLU B 365 -18.02 6.83 -40.68
C GLU B 365 -17.69 8.24 -40.23
N GLN B 366 -18.65 8.89 -39.57
CA GLN B 366 -18.47 10.27 -39.14
C GLN B 366 -17.84 10.33 -37.76
N GLU B 367 -16.86 11.22 -37.62
CA GLU B 367 -16.24 11.44 -36.32
C GLU B 367 -17.24 12.02 -35.34
N SER B 368 -17.17 11.57 -34.09
CA SER B 368 -18.14 12.01 -33.09
C SER B 368 -18.03 13.50 -32.81
N LYS B 369 -16.80 14.03 -32.78
CA LYS B 369 -16.58 15.42 -32.42
C LYS B 369 -16.85 16.40 -33.56
N ILE B 370 -17.27 15.91 -34.73
CA ILE B 370 -17.42 16.77 -35.90
C ILE B 370 -18.28 17.98 -35.58
N MET B 371 -19.55 17.74 -35.22
CA MET B 371 -20.46 18.83 -34.92
C MET B 371 -19.84 19.82 -33.95
N PHE B 372 -19.05 19.32 -32.99
CA PHE B 372 -18.35 20.17 -32.04
C PHE B 372 -17.69 21.36 -32.74
N VAL B 373 -16.73 21.08 -33.63
CA VAL B 373 -16.02 22.18 -34.26
C VAL B 373 -16.97 23.04 -35.07
N VAL B 374 -17.97 22.39 -35.70
CA VAL B 374 -18.99 23.13 -36.42
C VAL B 374 -19.63 24.16 -35.50
N ASN B 375 -20.11 23.69 -34.35
CA ASN B 375 -20.68 24.59 -33.35
C ASN B 375 -19.69 25.71 -33.03
N ALA B 376 -18.43 25.33 -32.78
CA ALA B 376 -17.39 26.32 -32.49
C ALA B 376 -17.38 27.39 -33.57
N VAL B 377 -17.33 26.98 -34.84
CA VAL B 377 -17.35 27.95 -35.94
C VAL B 377 -18.53 28.89 -35.77
N TYR B 378 -19.74 28.33 -35.65
CA TYR B 378 -20.93 29.15 -35.48
C TYR B 378 -20.76 30.08 -34.30
N ALA B 379 -20.27 29.55 -33.18
CA ALA B 379 -20.04 30.38 -32.00
C ALA B 379 -19.18 31.59 -32.38
N MET B 380 -18.02 31.33 -32.99
CA MET B 380 -17.17 32.43 -33.42
C MET B 380 -17.93 33.38 -34.33
N ALA B 381 -18.65 32.82 -35.31
CA ALA B 381 -19.44 33.65 -36.20
C ALA B 381 -20.42 34.52 -35.42
N HIS B 382 -21.11 33.91 -34.44
CA HIS B 382 -22.05 34.69 -33.64
C HIS B 382 -21.32 35.80 -32.90
N ALA B 383 -20.13 35.50 -32.38
CA ALA B 383 -19.31 36.55 -31.77
C ALA B 383 -19.09 37.69 -32.77
N LEU B 384 -18.71 37.34 -34.00
CA LEU B 384 -18.57 38.36 -35.04
C LEU B 384 -19.88 39.11 -35.23
N HIS B 385 -21.00 38.38 -35.24
CA HIS B 385 -22.30 39.04 -35.35
C HIS B 385 -22.50 40.02 -34.22
N ASN B 386 -22.11 39.63 -32.99
CA ASN B 386 -22.19 40.54 -31.87
C ASN B 386 -21.36 41.81 -32.13
N MET B 387 -20.19 41.65 -32.74
CA MET B 387 -19.41 42.82 -33.13
C MET B 387 -20.19 43.71 -34.07
N HIS B 388 -20.91 43.11 -35.03
CA HIS B 388 -21.73 43.90 -35.95
C HIS B 388 -22.85 44.62 -35.23
N ARG B 389 -23.22 44.16 -34.02
CA ARG B 389 -24.23 44.83 -33.22
C ARG B 389 -23.61 45.65 -32.09
N ALA B 390 -22.29 45.82 -32.08
CA ALA B 390 -21.60 46.53 -31.01
C ALA B 390 -20.95 47.82 -31.45
N LEU B 391 -20.36 47.86 -32.64
CA LEU B 391 -19.63 49.03 -33.11
C LEU B 391 -20.33 49.75 -34.26
N CYS B 392 -20.72 49.02 -35.31
CA CYS B 392 -21.40 49.59 -36.47
C CYS B 392 -22.69 48.83 -36.72
N PRO B 393 -23.75 49.14 -35.97
CA PRO B 393 -25.03 48.45 -36.18
C PRO B 393 -25.82 48.97 -37.36
N ASN B 394 -25.55 50.19 -37.83
CA ASN B 394 -26.31 50.75 -38.94
C ASN B 394 -25.94 50.06 -40.26
N THR B 395 -24.67 50.14 -40.64
CA THR B 395 -24.24 49.55 -41.89
C THR B 395 -24.18 48.02 -41.78
N THR B 396 -24.10 47.37 -42.94
CA THR B 396 -24.05 45.91 -43.04
C THR B 396 -22.71 45.38 -43.51
N ARG B 397 -22.05 46.10 -44.42
CA ARG B 397 -20.78 45.66 -44.96
C ARG B 397 -19.64 45.95 -43.99
N LEU B 398 -18.41 45.81 -44.44
CA LEU B 398 -17.23 46.03 -43.60
C LEU B 398 -17.14 47.51 -43.24
N CYS B 399 -17.39 47.83 -41.97
CA CYS B 399 -17.32 49.20 -41.51
C CYS B 399 -15.89 49.55 -41.07
N ASP B 400 -15.64 50.85 -40.93
CA ASP B 400 -14.32 51.32 -40.51
C ASP B 400 -13.99 50.92 -39.08
N ALA B 401 -15.00 50.64 -38.25
CA ALA B 401 -14.75 50.25 -36.87
C ALA B 401 -14.22 48.83 -36.76
N MET B 402 -14.35 48.02 -37.81
CA MET B 402 -13.86 46.65 -37.78
C MET B 402 -12.38 46.54 -38.11
N ARG B 403 -11.73 47.63 -38.51
CA ARG B 403 -10.30 47.56 -38.81
C ARG B 403 -9.47 47.22 -37.59
N PRO B 404 -9.57 47.92 -36.44
CA PRO B 404 -8.84 47.48 -35.25
C PRO B 404 -9.63 46.45 -34.47
N VAL B 405 -9.10 45.23 -34.38
CA VAL B 405 -9.76 44.12 -33.70
C VAL B 405 -8.97 43.80 -32.44
N ASN B 406 -9.60 43.98 -31.28
CA ASN B 406 -8.99 43.69 -30.00
C ASN B 406 -9.60 42.42 -29.43
N GLY B 407 -8.73 41.50 -28.98
CA GLY B 407 -9.22 40.23 -28.49
C GLY B 407 -9.84 40.32 -27.11
N ARG B 408 -9.42 41.29 -26.31
CA ARG B 408 -9.90 41.39 -24.93
C ARG B 408 -11.40 41.67 -24.89
N ARG B 409 -11.84 42.72 -25.59
CA ARG B 409 -13.24 43.10 -25.56
C ARG B 409 -14.11 42.00 -26.18
N LEU B 410 -13.70 41.48 -27.33
CA LEU B 410 -14.47 40.44 -27.99
C LEU B 410 -14.59 39.20 -27.12
N TYR B 411 -13.50 38.80 -26.47
CA TYR B 411 -13.52 37.60 -25.65
C TYR B 411 -14.34 37.79 -24.38
N LYS B 412 -14.22 38.95 -23.74
CA LYS B 412 -14.85 39.17 -22.45
C LYS B 412 -16.29 39.66 -22.56
N ASP B 413 -16.75 40.05 -23.75
CA ASP B 413 -18.10 40.56 -23.90
C ASP B 413 -18.95 39.82 -24.93
N PHE B 414 -18.35 39.11 -25.87
CA PHE B 414 -19.15 38.49 -26.92
C PHE B 414 -18.89 37.00 -27.08
N VAL B 415 -17.65 36.54 -26.93
CA VAL B 415 -17.37 35.12 -27.05
C VAL B 415 -17.91 34.36 -25.85
N LEU B 416 -17.72 34.89 -24.64
CA LEU B 416 -18.20 34.22 -23.44
C LEU B 416 -19.70 34.39 -23.22
N ASN B 417 -20.39 35.17 -24.04
CA ASN B 417 -21.82 35.42 -23.91
C ASN B 417 -22.60 34.80 -25.06
N VAL B 418 -22.19 33.62 -25.51
CA VAL B 418 -22.86 32.93 -26.61
C VAL B 418 -23.89 31.96 -26.04
N LYS B 419 -25.10 32.00 -26.61
CA LYS B 419 -26.17 31.09 -26.22
C LYS B 419 -27.11 30.97 -27.42
N PHE B 420 -27.02 29.87 -28.15
CA PHE B 420 -27.76 29.75 -29.40
C PHE B 420 -28.08 28.30 -29.68
N ASP B 421 -29.17 28.07 -30.41
CA ASP B 421 -29.55 26.73 -30.80
C ASP B 421 -28.45 26.10 -31.65
N ALA B 422 -28.14 24.84 -31.35
CA ALA B 422 -27.06 24.15 -32.04
C ALA B 422 -27.42 23.95 -33.51
N PRO B 423 -26.54 24.31 -34.44
CA PRO B 423 -26.86 24.12 -35.86
C PRO B 423 -26.87 22.64 -36.25
N PHE B 424 -27.74 22.32 -37.20
CA PHE B 424 -27.89 20.95 -37.72
C PHE B 424 -28.24 19.96 -36.61
N ARG B 425 -28.97 20.41 -35.61
CA ARG B 425 -29.38 19.53 -34.53
C ARG B 425 -30.64 18.77 -34.92
N PRO B 426 -30.83 17.55 -34.39
CA PRO B 426 -32.06 16.80 -34.69
C PRO B 426 -33.29 17.49 -34.11
N ALA B 427 -34.42 17.27 -34.77
CA ALA B 427 -35.67 17.88 -34.34
C ALA B 427 -36.23 17.24 -33.08
N ASP B 428 -35.78 16.03 -32.74
CA ASP B 428 -36.30 15.35 -31.56
C ASP B 428 -35.86 16.03 -30.28
N THR B 429 -34.60 16.45 -30.22
CA THR B 429 -34.03 17.10 -29.04
C THR B 429 -33.78 18.58 -29.31
N HIS B 430 -33.60 19.32 -28.23
CA HIS B 430 -33.32 20.76 -28.28
C HIS B 430 -31.96 20.99 -27.63
N ASN B 431 -30.90 20.89 -28.42
CA ASN B 431 -29.55 21.12 -27.95
C ASN B 431 -29.16 22.57 -28.17
N GLU B 432 -28.62 23.21 -27.13
CA GLU B 432 -28.24 24.61 -27.18
C GLU B 432 -26.77 24.75 -26.83
N VAL B 433 -26.02 25.41 -27.71
CA VAL B 433 -24.60 25.66 -27.49
C VAL B 433 -24.46 26.95 -26.69
N ARG B 434 -23.73 26.86 -25.58
CA ARG B 434 -23.47 28.00 -24.72
C ARG B 434 -22.11 27.81 -24.05
N PHE B 435 -21.57 28.90 -23.51
CA PHE B 435 -20.31 28.88 -22.80
C PHE B 435 -20.57 29.10 -21.32
N ASP B 436 -19.93 28.29 -20.47
CA ASP B 436 -20.13 28.36 -19.04
C ASP B 436 -19.30 29.51 -18.46
N ARG B 437 -19.19 29.55 -17.13
CA ARG B 437 -18.46 30.62 -16.48
C ARG B 437 -16.96 30.58 -16.81
N PHE B 438 -16.41 29.40 -17.03
CA PHE B 438 -14.99 29.24 -17.30
C PHE B 438 -14.69 28.97 -18.77
N GLY B 439 -15.67 29.17 -19.65
CA GLY B 439 -15.45 28.98 -21.08
C GLY B 439 -15.26 27.54 -21.50
N ASP B 440 -15.93 26.61 -20.83
CA ASP B 440 -15.88 25.19 -21.16
C ASP B 440 -17.22 24.75 -21.73
N GLY B 441 -17.32 23.45 -22.01
CA GLY B 441 -18.53 22.87 -22.53
C GLY B 441 -19.35 22.16 -21.47
N ILE B 442 -20.53 21.69 -21.87
CA ILE B 442 -21.41 20.98 -20.97
C ILE B 442 -20.88 19.58 -20.74
N GLY B 443 -21.00 19.09 -19.50
CA GLY B 443 -20.50 17.78 -19.15
C GLY B 443 -21.48 16.67 -19.46
N ARG B 444 -21.25 15.96 -20.56
CA ARG B 444 -22.11 14.84 -20.95
C ARG B 444 -21.30 13.90 -21.83
N TYR B 445 -21.42 12.61 -21.56
CA TYR B 445 -20.65 11.60 -22.27
C TYR B 445 -21.53 10.38 -22.57
N ASN B 446 -21.16 9.66 -23.62
CA ASN B 446 -21.78 8.39 -23.97
C ASN B 446 -20.75 7.28 -23.83
N ILE B 447 -21.25 6.04 -23.79
CA ILE B 447 -20.40 4.87 -23.58
C ILE B 447 -20.60 3.89 -24.73
N PHE B 448 -19.51 3.38 -25.28
CA PHE B 448 -19.52 2.31 -26.26
C PHE B 448 -18.82 1.08 -25.70
N THR B 449 -19.22 -0.08 -26.21
CA THR B 449 -18.59 -1.35 -25.88
C THR B 449 -18.29 -2.10 -27.17
N TYR B 450 -17.02 -2.50 -27.34
CA TYR B 450 -16.61 -3.24 -28.53
C TYR B 450 -17.13 -4.68 -28.41
N LEU B 451 -18.13 -5.00 -29.22
CA LEU B 451 -18.77 -6.32 -29.18
C LEU B 451 -18.95 -6.84 -30.60
N ARG B 452 -19.11 -8.16 -30.69
CA ARG B 452 -19.35 -8.82 -31.97
C ARG B 452 -20.85 -8.90 -32.23
N ALA B 453 -21.43 -7.73 -32.53
CA ALA B 453 -22.86 -7.66 -32.79
C ALA B 453 -23.22 -8.41 -34.07
N GLY B 454 -22.43 -8.25 -35.13
CA GLY B 454 -22.66 -8.95 -36.37
C GLY B 454 -22.06 -10.34 -36.36
N SER B 455 -22.10 -10.97 -37.55
CA SER B 455 -21.54 -12.31 -37.68
C SER B 455 -20.02 -12.28 -37.54
N GLY B 456 -19.36 -11.43 -38.33
CA GLY B 456 -17.91 -11.32 -38.27
C GLY B 456 -17.43 -9.89 -38.09
N ARG B 457 -18.31 -8.92 -38.34
CA ARG B 457 -17.93 -7.52 -38.22
C ARG B 457 -18.04 -7.06 -36.76
N TYR B 458 -17.47 -5.88 -36.51
CA TYR B 458 -17.47 -5.27 -35.19
C TYR B 458 -17.94 -3.82 -35.31
N ARG B 459 -18.53 -3.32 -34.23
CA ARG B 459 -19.04 -1.95 -34.21
C ARG B 459 -19.12 -1.49 -32.76
N TYR B 460 -19.56 -0.26 -32.57
CA TYR B 460 -19.72 0.34 -31.25
C TYR B 460 -21.21 0.55 -30.98
N GLN B 461 -21.64 0.20 -29.77
CA GLN B 461 -23.04 0.30 -29.38
C GLN B 461 -23.17 1.09 -28.09
N LYS B 462 -24.14 2.00 -28.05
CA LYS B 462 -24.39 2.78 -26.84
C LYS B 462 -24.85 1.86 -25.72
N VAL B 463 -24.16 1.94 -24.58
CA VAL B 463 -24.49 1.08 -23.44
C VAL B 463 -24.67 1.94 -22.20
N GLY B 464 -24.82 3.25 -22.38
CA GLY B 464 -25.08 4.12 -21.26
C GLY B 464 -24.54 5.52 -21.51
N TYR B 465 -24.86 6.41 -20.58
CA TYR B 465 -24.45 7.80 -20.69
C TYR B 465 -24.28 8.41 -19.31
N TRP B 466 -23.42 9.42 -19.24
CA TRP B 466 -23.12 10.13 -18.00
C TRP B 466 -23.42 11.61 -18.19
N ALA B 467 -24.39 12.12 -17.43
CA ALA B 467 -24.73 13.54 -17.46
C ALA B 467 -25.20 13.90 -16.03
N GLU B 468 -24.25 14.40 -15.23
CA GLU B 468 -24.49 14.63 -13.81
C GLU B 468 -25.05 13.38 -13.13
N GLY B 469 -24.50 12.23 -13.53
CA GLY B 469 -24.99 10.94 -13.06
C GLY B 469 -24.89 9.90 -14.15
N LEU B 470 -24.38 8.71 -13.80
CA LEU B 470 -24.12 7.66 -14.76
C LEU B 470 -25.32 6.71 -14.83
N THR B 471 -25.75 6.40 -16.06
CA THR B 471 -26.82 5.44 -16.29
C THR B 471 -26.33 4.41 -17.30
N LEU B 472 -26.33 3.14 -16.91
CA LEU B 472 -25.86 2.06 -17.75
C LEU B 472 -26.88 0.93 -17.75
N ASP B 473 -26.84 0.11 -18.79
CA ASP B 473 -27.68 -1.08 -18.90
C ASP B 473 -26.80 -2.26 -19.30
N THR B 474 -26.94 -3.36 -18.56
CA THR B 474 -26.14 -4.56 -18.82
C THR B 474 -26.74 -5.45 -19.90
N SER B 475 -27.93 -5.12 -20.42
CA SER B 475 -28.53 -5.94 -21.46
C SER B 475 -27.74 -5.85 -22.76
N LEU B 476 -27.19 -4.68 -23.07
CA LEU B 476 -26.43 -4.47 -24.29
C LEU B 476 -24.94 -4.77 -24.12
N ILE B 477 -24.50 -5.09 -22.92
CA ILE B 477 -23.10 -5.43 -22.66
C ILE B 477 -22.99 -6.94 -22.61
N PRO B 478 -22.19 -7.57 -23.48
CA PRO B 478 -22.12 -9.04 -23.51
C PRO B 478 -21.52 -9.65 -22.25
N TRP B 479 -20.35 -9.16 -21.84
CA TRP B 479 -19.67 -9.74 -20.69
C TRP B 479 -20.37 -9.42 -19.38
N ALA B 480 -21.10 -8.31 -19.32
CA ALA B 480 -21.84 -7.95 -18.13
C ALA B 480 -23.18 -8.66 -18.02
N SER B 481 -23.65 -9.29 -19.10
CA SER B 481 -24.92 -10.00 -19.07
C SER B 481 -24.78 -11.30 -18.28
N PRO B 482 -25.84 -11.74 -17.60
CA PRO B 482 -25.76 -12.99 -16.84
C PRO B 482 -25.64 -14.22 -17.73
N SER B 483 -25.95 -14.13 -19.03
CA SER B 483 -25.83 -15.28 -19.90
C SER B 483 -24.37 -15.67 -20.09
N ALA B 484 -23.48 -14.69 -20.22
CA ALA B 484 -22.06 -14.96 -20.40
C ALA B 484 -21.37 -15.36 -19.10
N GLY B 485 -22.05 -15.26 -17.96
CA GLY B 485 -21.46 -15.62 -16.70
C GLY B 485 -21.06 -14.41 -15.89
N PRO B 486 -20.16 -14.61 -14.91
CA PRO B 486 -19.70 -13.47 -14.11
C PRO B 486 -18.86 -12.52 -14.92
N LEU B 487 -19.03 -11.22 -14.63
CA LEU B 487 -18.28 -10.21 -15.36
C LEU B 487 -16.82 -10.21 -14.90
N PRO B 488 -15.89 -9.87 -15.81
CA PRO B 488 -14.47 -9.82 -15.41
C PRO B 488 -14.21 -8.73 -14.37
N ALA B 489 -13.83 -9.15 -13.16
CA ALA B 489 -13.56 -8.23 -12.07
C ALA B 489 -12.07 -8.21 -11.76
N SER B 490 -11.56 -7.04 -11.41
CA SER B 490 -10.14 -6.86 -11.09
C SER B 490 -10.04 -6.44 -9.63
N ARG B 491 -9.70 -7.39 -8.76
CA ARG B 491 -9.53 -7.14 -7.34
C ARG B 491 -8.22 -7.77 -6.88
N CYS B 492 -7.56 -7.09 -5.93
CA CYS B 492 -6.28 -7.60 -5.43
C CYS B 492 -6.47 -8.87 -4.62
N SER B 493 -7.49 -8.90 -3.75
CA SER B 493 -7.78 -10.06 -2.92
C SER B 493 -9.25 -10.43 -3.10
N GLU B 494 -9.50 -11.71 -3.35
CA GLU B 494 -10.86 -12.19 -3.51
C GLU B 494 -11.58 -12.18 -2.16
N PRO B 495 -12.89 -11.99 -2.15
CA PRO B 495 -13.64 -12.01 -0.88
C PRO B 495 -13.68 -13.40 -0.28
N CYS B 496 -12.97 -13.60 0.82
CA CYS B 496 -12.90 -14.90 1.46
C CYS B 496 -14.15 -15.13 2.33
N LEU B 497 -14.21 -16.30 2.95
CA LEU B 497 -15.37 -16.68 3.75
C LEU B 497 -15.37 -15.88 5.05
N GLN B 498 -16.33 -14.96 5.19
CA GLN B 498 -16.44 -14.15 6.39
C GLN B 498 -16.87 -14.97 7.61
N ASN B 499 -17.33 -16.20 7.41
CA ASN B 499 -17.81 -17.00 8.54
C ASN B 499 -16.69 -17.33 9.52
N GLU B 500 -15.51 -17.70 9.01
CA GLU B 500 -14.41 -18.10 9.89
C GLU B 500 -13.08 -17.49 9.49
N VAL B 501 -13.05 -16.54 8.56
CA VAL B 501 -11.82 -15.87 8.13
C VAL B 501 -12.01 -14.38 8.31
N LYS B 502 -11.16 -13.76 9.12
CA LYS B 502 -11.23 -12.33 9.39
C LYS B 502 -10.09 -11.61 8.68
N SER B 503 -10.37 -10.42 8.16
CA SER B 503 -9.40 -9.65 7.39
C SER B 503 -8.71 -8.63 8.28
N VAL B 504 -7.39 -8.53 8.14
CA VAL B 504 -6.62 -7.56 8.90
C VAL B 504 -6.69 -6.21 8.18
N GLN B 505 -6.53 -5.13 8.95
CA GLN B 505 -6.58 -3.77 8.41
C GLN B 505 -5.19 -3.15 8.44
N PRO B 506 -4.39 -3.34 7.38
CA PRO B 506 -3.07 -2.70 7.35
C PRO B 506 -3.16 -1.21 7.06
N GLY B 507 -2.02 -0.56 6.85
CA GLY B 507 -2.02 0.85 6.52
C GLY B 507 -2.48 1.14 5.11
N GLU B 508 -3.69 0.67 4.79
CA GLU B 508 -4.29 0.88 3.48
C GLU B 508 -5.81 0.98 3.65
N VAL B 509 -6.50 1.26 2.55
CA VAL B 509 -7.95 1.34 2.55
C VAL B 509 -8.49 0.52 1.40
N CYS B 510 -7.59 0.09 0.49
CA CYS B 510 -7.97 -0.59 -0.73
C CYS B 510 -7.82 -2.11 -0.62
N CYS B 511 -6.61 -2.58 -0.33
CA CYS B 511 -6.31 -4.00 -0.31
C CYS B 511 -6.21 -4.51 1.12
N TRP B 512 -6.44 -5.81 1.28
CA TRP B 512 -6.40 -6.45 2.58
C TRP B 512 -6.14 -7.94 2.40
N LEU B 513 -5.71 -8.58 3.49
CA LEU B 513 -5.54 -10.02 3.53
C LEU B 513 -6.30 -10.56 4.74
N CYS B 514 -6.88 -11.74 4.57
CA CYS B 514 -7.71 -12.35 5.61
C CYS B 514 -7.14 -13.70 6.02
N ILE B 515 -7.10 -13.93 7.33
CA ILE B 515 -6.63 -15.20 7.88
C ILE B 515 -7.68 -15.70 8.85
N PRO B 516 -7.72 -17.02 9.11
CA PRO B 516 -8.66 -17.53 10.11
C PRO B 516 -8.24 -17.13 11.50
N CYS B 517 -9.18 -16.54 12.25
CA CYS B 517 -8.91 -16.12 13.62
C CYS B 517 -9.00 -17.33 14.55
N GLN B 518 -9.01 -17.09 15.84
CA GLN B 518 -9.03 -18.19 16.80
C GLN B 518 -10.31 -19.00 16.66
N PRO B 519 -10.24 -20.33 16.72
CA PRO B 519 -11.45 -21.14 16.54
C PRO B 519 -12.55 -20.85 17.55
N TYR B 520 -12.19 -20.47 18.78
CA TYR B 520 -13.17 -20.27 19.83
C TYR B 520 -13.86 -18.91 19.75
N GLU B 521 -13.55 -18.09 18.75
CA GLU B 521 -14.19 -16.80 18.57
C GLU B 521 -14.73 -16.67 17.15
N TYR B 522 -15.94 -16.13 17.03
CA TYR B 522 -16.58 -15.94 15.74
C TYR B 522 -16.37 -14.51 15.25
N ARG B 523 -16.52 -14.33 13.94
CA ARG B 523 -16.28 -13.03 13.30
C ARG B 523 -17.60 -12.28 13.19
N LEU B 524 -17.75 -11.24 14.00
CA LEU B 524 -18.92 -10.37 13.97
C LEU B 524 -18.56 -8.94 13.61
N ASP B 525 -17.53 -8.38 14.23
CA ASP B 525 -17.12 -7.02 13.96
C ASP B 525 -16.39 -6.93 12.62
N GLU B 526 -16.06 -5.70 12.23
CA GLU B 526 -15.36 -5.45 10.98
C GLU B 526 -13.84 -5.44 11.14
N PHE B 527 -13.34 -5.53 12.38
CA PHE B 527 -11.90 -5.50 12.64
C PHE B 527 -11.39 -6.77 13.29
N THR B 528 -12.07 -7.25 14.33
CA THR B 528 -11.59 -8.39 15.11
C THR B 528 -12.75 -9.34 15.37
N CYS B 529 -12.46 -10.65 15.33
CA CYS B 529 -13.48 -11.65 15.62
C CYS B 529 -14.06 -11.44 17.01
N ALA B 530 -15.39 -11.52 17.11
CA ALA B 530 -16.06 -11.33 18.39
C ALA B 530 -15.78 -12.48 19.33
N ASP B 531 -15.67 -12.16 20.63
CA ASP B 531 -15.31 -13.15 21.63
C ASP B 531 -16.45 -14.09 22.00
N CYS B 532 -17.68 -13.77 21.61
CA CYS B 532 -18.86 -14.59 21.92
C CYS B 532 -19.05 -14.79 23.43
N GLY B 533 -18.52 -13.88 24.24
CA GLY B 533 -18.69 -13.98 25.68
C GLY B 533 -17.92 -15.16 26.26
N LEU B 534 -18.41 -15.61 27.42
CA LEU B 534 -17.82 -16.73 28.13
C LEU B 534 -18.83 -17.87 28.22
N GLY B 535 -18.39 -19.08 27.88
CA GLY B 535 -19.25 -20.24 27.95
C GLY B 535 -20.18 -20.42 26.77
N TYR B 536 -19.98 -19.69 25.68
CA TYR B 536 -20.82 -19.77 24.51
C TYR B 536 -20.00 -20.25 23.32
N TRP B 537 -20.52 -21.22 22.58
CA TRP B 537 -19.78 -21.81 21.47
C TRP B 537 -19.86 -20.90 20.25
N PRO B 538 -18.74 -20.67 19.55
CA PRO B 538 -18.78 -19.83 18.35
C PRO B 538 -19.48 -20.55 17.20
N ASN B 539 -20.52 -19.91 16.67
CA ASN B 539 -21.31 -20.46 15.57
C ASN B 539 -22.00 -19.30 14.87
N ALA B 540 -23.01 -19.61 14.06
CA ALA B 540 -23.83 -18.59 13.41
C ALA B 540 -25.31 -18.96 13.51
N SER B 541 -25.72 -19.58 14.62
CA SER B 541 -27.07 -20.11 14.75
C SER B 541 -28.13 -19.01 14.73
N LEU B 542 -28.17 -18.17 15.76
CA LEU B 542 -29.23 -17.16 15.81
C LEU B 542 -28.77 -15.80 15.29
N THR B 543 -27.83 -15.16 15.99
CA THR B 543 -27.32 -13.86 15.56
C THR B 543 -25.81 -13.87 15.36
N GLY B 544 -25.04 -14.23 16.39
CA GLY B 544 -23.59 -14.18 16.30
C GLY B 544 -22.88 -15.46 16.63
N CYS B 545 -23.50 -16.30 17.46
CA CYS B 545 -22.97 -17.59 17.89
C CYS B 545 -24.02 -18.28 18.74
N PHE B 546 -23.75 -19.55 19.05
CA PHE B 546 -24.71 -20.44 19.69
C PHE B 546 -24.30 -20.76 21.13
N GLU B 547 -25.28 -21.22 21.91
CA GLU B 547 -25.07 -21.62 23.30
C GLU B 547 -25.43 -23.09 23.45
N LEU B 548 -24.57 -23.86 24.09
CA LEU B 548 -24.80 -25.27 24.32
C LEU B 548 -24.99 -25.55 25.81
N PRO B 549 -26.23 -25.63 26.30
CA PRO B 549 -26.44 -25.89 27.73
C PRO B 549 -26.44 -27.38 28.08
N GLN B 550 -25.96 -28.21 27.16
CA GLN B 550 -25.96 -29.65 27.35
C GLN B 550 -24.86 -30.14 28.27
N GLU B 551 -24.16 -29.25 28.98
CA GLU B 551 -23.13 -29.67 29.91
C GLU B 551 -23.72 -30.23 31.20
N TYR B 552 -24.80 -29.63 31.69
CA TYR B 552 -25.43 -30.11 32.92
C TYR B 552 -26.06 -31.48 32.72
N ILE B 553 -26.70 -31.70 31.57
CA ILE B 553 -27.31 -32.99 31.27
C ILE B 553 -26.23 -33.93 30.76
N ARG B 554 -25.65 -34.71 31.68
CA ARG B 554 -24.53 -35.60 31.38
C ARG B 554 -24.92 -37.06 31.55
N TRP B 555 -26.10 -37.43 31.03
CA TRP B 555 -26.53 -38.82 31.08
C TRP B 555 -25.53 -39.71 30.34
N GLY B 556 -25.40 -39.50 29.03
CA GLY B 556 -24.42 -40.23 28.23
C GLY B 556 -24.51 -41.73 28.33
N ASP B 557 -23.52 -42.34 28.99
CA ASP B 557 -23.47 -43.79 29.21
C ASP B 557 -23.43 -44.54 27.88
N ALA B 558 -22.62 -44.04 26.94
CA ALA B 558 -22.42 -44.76 25.69
C ALA B 558 -21.61 -46.03 25.91
N TRP B 559 -20.57 -45.96 26.73
CA TRP B 559 -19.80 -47.13 27.10
C TRP B 559 -19.85 -47.42 28.60
N ALA B 560 -20.43 -46.55 29.40
CA ALA B 560 -20.57 -46.75 30.83
C ALA B 560 -21.91 -47.35 31.23
N VAL B 561 -22.74 -47.71 30.26
CA VAL B 561 -24.04 -48.32 30.58
C VAL B 561 -23.85 -49.71 31.19
N GLY B 562 -22.79 -50.41 30.81
CA GLY B 562 -22.49 -51.72 31.33
C GLY B 562 -22.32 -51.75 32.85
N PRO B 563 -21.38 -50.97 33.37
CA PRO B 563 -21.17 -50.99 34.84
C PRO B 563 -22.38 -50.52 35.63
N VAL B 564 -23.09 -49.49 35.17
CA VAL B 564 -24.25 -49.02 35.94
C VAL B 564 -25.38 -50.05 35.88
N THR B 565 -25.55 -50.71 34.73
CA THR B 565 -26.56 -51.76 34.62
C THR B 565 -26.21 -52.93 35.52
N ILE B 566 -24.93 -53.29 35.59
CA ILE B 566 -24.51 -54.37 36.48
C ILE B 566 -24.73 -53.99 37.93
N ALA B 567 -24.50 -52.71 38.26
CA ALA B 567 -24.74 -52.26 39.63
C ALA B 567 -26.21 -52.31 39.99
N CYS B 568 -27.08 -51.88 39.08
CA CYS B 568 -28.53 -51.98 39.34
C CYS B 568 -28.97 -53.43 39.47
N LEU B 569 -28.42 -54.32 38.64
CA LEU B 569 -28.75 -55.73 38.74
C LEU B 569 -28.31 -56.31 40.07
N GLY B 570 -27.11 -55.96 40.51
CA GLY B 570 -26.64 -56.41 41.81
C GLY B 570 -27.49 -55.88 42.96
N ALA B 571 -27.92 -54.62 42.85
CA ALA B 571 -28.78 -54.06 43.88
C ALA B 571 -30.14 -54.75 43.91
N LEU B 572 -30.70 -55.06 42.74
CA LEU B 572 -31.97 -55.78 42.70
C LEU B 572 -31.83 -57.17 43.29
N ALA B 573 -30.73 -57.86 42.96
CA ALA B 573 -30.48 -59.17 43.56
C ALA B 573 -30.32 -59.08 45.07
N THR B 574 -29.69 -57.99 45.54
CA THR B 574 -29.52 -57.79 46.98
C THR B 574 -30.87 -57.59 47.66
N LEU B 575 -31.73 -56.76 47.07
CA LEU B 575 -33.08 -56.60 47.60
C LEU B 575 -33.81 -57.93 47.64
N PHE B 576 -33.68 -58.73 46.57
CA PHE B 576 -34.38 -60.01 46.51
C PHE B 576 -33.91 -60.95 47.60
N VAL B 577 -32.59 -61.10 47.75
CA VAL B 577 -32.09 -62.05 48.75
C VAL B 577 -32.37 -61.54 50.16
N LEU B 578 -32.34 -60.23 50.38
CA LEU B 578 -32.66 -59.70 51.70
C LEU B 578 -34.12 -59.92 52.04
N GLY B 579 -35.02 -59.75 51.06
CA GLY B 579 -36.42 -60.06 51.31
C GLY B 579 -36.65 -61.53 51.58
N VAL B 580 -35.96 -62.39 50.83
CA VAL B 580 -36.09 -63.83 51.07
C VAL B 580 -35.56 -64.20 52.46
N PHE B 581 -34.52 -63.50 52.91
CA PHE B 581 -33.95 -63.80 54.23
C PHE B 581 -34.88 -63.32 55.35
N VAL B 582 -35.38 -62.09 55.24
CA VAL B 582 -36.26 -61.57 56.28
C VAL B 582 -37.60 -62.30 56.29
N ARG B 583 -38.00 -62.86 55.15
CA ARG B 583 -39.20 -63.69 55.12
C ARG B 583 -38.97 -65.05 55.77
N HIS B 584 -37.71 -65.45 55.95
CA HIS B 584 -37.36 -66.72 56.58
C HIS B 584 -37.03 -66.56 58.06
N ASN B 585 -37.66 -65.59 58.72
CA ASN B 585 -37.38 -65.34 60.14
C ASN B 585 -37.87 -66.47 61.04
N ALA B 586 -38.71 -67.38 60.53
CA ALA B 586 -39.19 -68.50 61.34
C ALA B 586 -38.11 -69.51 61.64
N THR B 587 -36.96 -69.44 60.97
CA THR B 587 -35.87 -70.37 61.24
C THR B 587 -35.29 -70.13 62.63
N PRO B 588 -34.83 -71.19 63.31
CA PRO B 588 -34.25 -71.00 64.65
C PRO B 588 -32.97 -70.17 64.63
N VAL B 589 -32.19 -70.23 63.54
CA VAL B 589 -30.98 -69.42 63.48
C VAL B 589 -31.32 -67.95 63.34
N VAL B 590 -32.44 -67.62 62.69
CA VAL B 590 -32.83 -66.22 62.54
C VAL B 590 -33.31 -65.65 63.87
N LYS B 591 -33.93 -66.49 64.71
CA LYS B 591 -34.44 -66.01 65.99
C LYS B 591 -33.33 -65.66 66.96
N ALA B 592 -32.09 -66.07 66.70
CA ALA B 592 -30.97 -65.78 67.57
C ALA B 592 -30.44 -64.36 67.40
N ALA B 593 -30.92 -63.63 66.39
CA ALA B 593 -30.49 -62.26 66.14
C ALA B 593 -31.66 -61.31 66.24
N GLY B 594 -31.37 -60.05 66.58
CA GLY B 594 -32.41 -59.06 66.71
C GLY B 594 -33.00 -58.66 65.37
N ARG B 595 -34.17 -58.03 65.45
CA ARG B 595 -34.89 -57.58 64.26
C ARG B 595 -34.44 -56.21 63.78
N GLU B 596 -33.66 -55.47 64.58
CA GLU B 596 -33.21 -54.15 64.18
C GLU B 596 -32.09 -54.20 63.15
N LEU B 597 -31.23 -55.22 63.23
CA LEU B 597 -30.15 -55.35 62.26
C LEU B 597 -30.69 -55.56 60.85
N CYS B 598 -31.71 -56.41 60.71
CA CYS B 598 -32.32 -56.63 59.41
C CYS B 598 -32.93 -55.35 58.85
N TYR B 599 -33.58 -54.56 59.71
CA TYR B 599 -34.22 -53.33 59.25
C TYR B 599 -33.19 -52.30 58.78
N ILE B 600 -32.13 -52.10 59.56
CA ILE B 600 -31.14 -51.11 59.18
C ILE B 600 -30.35 -51.56 57.96
N LEU B 601 -30.12 -52.88 57.83
CA LEU B 601 -29.42 -53.36 56.65
C LEU B 601 -30.29 -53.25 55.40
N LEU B 602 -31.60 -53.50 55.54
CA LEU B 602 -32.51 -53.28 54.42
C LEU B 602 -32.53 -51.81 54.02
N GLY B 603 -32.57 -50.92 55.01
CA GLY B 603 -32.51 -49.49 54.71
C GLY B 603 -31.24 -49.11 53.99
N GLY B 604 -30.10 -49.66 54.42
CA GLY B 604 -28.84 -49.35 53.76
C GLY B 604 -28.77 -49.89 52.33
N VAL B 605 -29.30 -51.09 52.11
CA VAL B 605 -29.29 -51.65 50.75
C VAL B 605 -30.21 -50.86 49.84
N PHE B 606 -31.39 -50.48 50.34
CA PHE B 606 -32.27 -49.61 49.56
C PHE B 606 -31.60 -48.26 49.29
N LEU B 607 -30.85 -47.75 50.26
CA LEU B 607 -30.16 -46.47 50.08
C LEU B 607 -29.11 -46.57 48.98
N CYS B 608 -28.28 -47.63 49.00
CA CYS B 608 -27.26 -47.75 47.98
C CYS B 608 -27.87 -48.03 46.61
N TYR B 609 -29.00 -48.74 46.57
CA TYR B 609 -29.71 -48.90 45.30
C TYR B 609 -30.20 -47.55 44.78
N CYS B 610 -30.72 -46.70 45.67
CA CYS B 610 -31.16 -45.38 45.25
C CYS B 610 -29.98 -44.52 44.80
N MET B 611 -28.82 -44.69 45.42
CA MET B 611 -27.63 -43.96 44.98
C MET B 611 -27.19 -44.41 43.60
N THR B 612 -27.22 -45.72 43.35
CA THR B 612 -26.92 -46.24 42.01
C THR B 612 -27.90 -45.70 40.98
N PHE B 613 -29.19 -45.65 41.33
CA PHE B 613 -30.19 -45.15 40.39
C PHE B 613 -30.16 -43.64 40.23
N ILE B 614 -29.54 -42.92 41.17
CA ILE B 614 -29.54 -41.46 41.14
C ILE B 614 -28.28 -40.87 40.52
N PHE B 615 -27.22 -41.65 40.37
CA PHE B 615 -25.96 -41.13 39.85
C PHE B 615 -26.00 -40.85 38.36
N ILE B 616 -27.03 -41.31 37.65
CA ILE B 616 -27.11 -41.16 36.21
C ILE B 616 -28.27 -40.27 35.79
N ALA B 617 -29.41 -40.38 36.46
CA ALA B 617 -30.62 -39.66 36.04
C ALA B 617 -30.77 -38.29 36.69
N LYS B 618 -30.19 -38.08 37.86
CA LYS B 618 -30.38 -36.81 38.55
C LYS B 618 -29.58 -35.70 37.86
N PRO B 619 -30.14 -34.49 37.78
CA PRO B 619 -29.38 -33.37 37.22
C PRO B 619 -28.37 -32.80 38.20
N SER B 620 -27.72 -31.70 37.84
CA SER B 620 -26.71 -31.07 38.69
C SER B 620 -27.05 -29.63 39.01
N THR B 621 -28.32 -29.24 38.90
CA THR B 621 -28.72 -27.86 39.19
C THR B 621 -28.82 -27.61 40.69
N ALA B 622 -29.74 -28.30 41.36
CA ALA B 622 -29.94 -28.19 42.80
C ALA B 622 -29.98 -29.57 43.44
N VAL B 623 -29.12 -30.47 42.96
CA VAL B 623 -29.11 -31.85 43.42
C VAL B 623 -27.77 -32.22 44.08
N CYS B 624 -26.76 -31.36 43.99
CA CYS B 624 -25.43 -31.70 44.49
C CYS B 624 -25.42 -31.84 46.01
N THR B 625 -26.13 -30.95 46.72
CA THR B 625 -26.19 -31.05 48.18
C THR B 625 -26.90 -32.32 48.62
N LEU B 626 -27.99 -32.66 47.93
CA LEU B 626 -28.68 -33.91 48.22
C LEU B 626 -27.78 -35.10 47.93
N ARG B 627 -26.95 -35.01 46.88
CA ARG B 627 -26.02 -36.09 46.57
C ARG B 627 -24.95 -36.23 47.64
N ARG B 628 -24.46 -35.11 48.16
CA ARG B 628 -23.47 -35.16 49.24
C ARG B 628 -24.08 -35.78 50.49
N LEU B 629 -25.31 -35.36 50.85
CA LEU B 629 -26.00 -35.99 51.96
C LEU B 629 -26.24 -37.47 51.71
N GLY B 630 -26.49 -37.85 50.46
CA GLY B 630 -26.70 -39.25 50.15
C GLY B 630 -25.44 -40.10 50.32
N LEU B 631 -24.30 -39.60 49.85
CA LEU B 631 -23.04 -40.28 50.11
C LEU B 631 -22.75 -40.34 51.60
N GLY B 632 -23.08 -39.27 52.34
CA GLY B 632 -22.92 -39.29 53.78
C GLY B 632 -23.73 -40.39 54.44
N THR B 633 -25.00 -40.53 54.03
CA THR B 633 -25.85 -41.58 54.59
C THR B 633 -25.39 -42.96 54.16
N ALA B 634 -24.90 -43.09 52.92
CA ALA B 634 -24.42 -44.38 52.45
C ALA B 634 -23.19 -44.83 53.25
N PHE B 635 -22.31 -43.89 53.60
CA PHE B 635 -21.18 -44.24 54.45
C PHE B 635 -21.63 -44.46 55.89
N SER B 636 -22.65 -43.73 56.34
CA SER B 636 -23.18 -43.91 57.68
C SER B 636 -23.85 -45.26 57.86
N VAL B 637 -24.30 -45.89 56.77
CA VAL B 637 -24.81 -47.25 56.86
C VAL B 637 -23.72 -48.18 57.40
N CYS B 638 -22.57 -48.21 56.72
CA CYS B 638 -21.45 -49.03 57.19
C CYS B 638 -20.94 -48.52 58.54
N TYR B 639 -21.04 -47.22 58.79
CA TYR B 639 -20.65 -46.69 60.09
C TYR B 639 -21.49 -47.31 61.21
N SER B 640 -22.82 -47.34 61.03
CA SER B 640 -23.70 -47.93 62.02
C SER B 640 -23.48 -49.44 62.13
N ALA B 641 -23.18 -50.09 61.01
CA ALA B 641 -22.84 -51.51 61.05
C ALA B 641 -21.62 -51.74 61.94
N LEU B 642 -20.56 -50.95 61.74
CA LEU B 642 -19.36 -51.10 62.55
C LEU B 642 -19.63 -50.74 64.00
N LEU B 643 -20.47 -49.74 64.25
CA LEU B 643 -20.78 -49.35 65.62
C LEU B 643 -21.53 -50.46 66.36
N THR B 644 -22.53 -51.07 65.71
CA THR B 644 -23.24 -52.15 66.38
C THR B 644 -22.35 -53.39 66.52
N LYS B 645 -21.42 -53.60 65.58
CA LYS B 645 -20.50 -54.73 65.71
C LYS B 645 -19.57 -54.53 66.90
N THR B 646 -19.04 -53.32 67.08
CA THR B 646 -18.15 -53.05 68.20
C THR B 646 -18.89 -52.85 69.51
N ASN B 647 -20.20 -52.62 69.47
CA ASN B 647 -21.00 -52.47 70.67
C ASN B 647 -21.48 -53.82 71.20
N ARG B 648 -21.87 -54.74 70.31
CA ARG B 648 -22.25 -56.07 70.76
C ARG B 648 -21.05 -56.80 71.37
N ILE B 649 -19.87 -56.62 70.80
CA ILE B 649 -18.68 -57.25 71.34
C ILE B 649 -18.14 -56.53 72.57
N ALA B 650 -18.53 -55.27 72.79
CA ALA B 650 -18.04 -54.54 73.95
C ALA B 650 -18.58 -55.12 75.25
N ARG B 651 -19.86 -55.51 75.26
CA ARG B 651 -20.47 -56.07 76.46
C ARG B 651 -19.98 -57.49 76.71
N ALA B 669 -33.57 -53.12 75.22
CA ALA B 669 -32.53 -52.74 76.17
C ALA B 669 -31.20 -52.52 75.47
N SER B 670 -30.45 -53.61 75.29
CA SER B 670 -29.15 -53.51 74.62
C SER B 670 -29.32 -53.17 73.14
N GLN B 671 -30.25 -53.85 72.46
CA GLN B 671 -30.50 -53.55 71.05
C GLN B 671 -31.05 -52.15 70.87
N VAL B 672 -31.93 -51.72 71.78
CA VAL B 672 -32.47 -50.35 71.70
C VAL B 672 -31.35 -49.33 71.89
N ALA B 673 -30.46 -49.57 72.84
CA ALA B 673 -29.35 -48.66 73.06
C ALA B 673 -28.42 -48.62 71.85
N ILE B 674 -28.17 -49.78 71.24
CA ILE B 674 -27.30 -49.83 70.07
C ILE B 674 -27.92 -49.07 68.91
N CYS B 675 -29.22 -49.27 68.67
CA CYS B 675 -29.88 -48.57 67.57
C CYS B 675 -29.94 -47.08 67.83
N LEU B 676 -30.15 -46.66 69.08
CA LEU B 676 -30.15 -45.25 69.41
C LEU B 676 -28.77 -44.64 69.19
N ALA B 677 -27.71 -45.35 69.59
CA ALA B 677 -26.36 -44.84 69.36
C ALA B 677 -26.05 -44.74 67.88
N LEU B 678 -26.48 -45.72 67.09
CA LEU B 678 -26.24 -45.67 65.65
C LEU B 678 -27.00 -44.52 65.01
N ILE B 679 -28.25 -44.30 65.43
CA ILE B 679 -29.04 -43.19 64.89
C ILE B 679 -28.41 -41.86 65.26
N SER B 680 -27.93 -41.74 66.49
CA SER B 680 -27.28 -40.51 66.92
C SER B 680 -26.00 -40.25 66.14
N GLY B 681 -25.21 -41.30 65.90
CA GLY B 681 -24.01 -41.14 65.11
C GLY B 681 -24.31 -40.72 63.68
N GLN B 682 -25.31 -41.35 63.06
CA GLN B 682 -25.69 -40.96 61.70
C GLN B 682 -26.19 -39.53 61.65
N LEU B 683 -26.98 -39.13 62.66
CA LEU B 683 -27.49 -37.77 62.70
C LEU B 683 -26.36 -36.76 62.87
N LEU B 684 -25.40 -37.06 63.75
CA LEU B 684 -24.25 -36.18 63.91
C LEU B 684 -23.44 -36.09 62.62
N ILE B 685 -23.29 -37.22 61.92
CA ILE B 685 -22.53 -37.23 60.68
C ILE B 685 -23.20 -36.35 59.63
N VAL B 686 -24.51 -36.51 59.45
CA VAL B 686 -25.19 -35.72 58.42
C VAL B 686 -25.26 -34.25 58.83
N VAL B 687 -25.37 -33.96 60.12
CA VAL B 687 -25.38 -32.58 60.58
C VAL B 687 -24.03 -31.92 60.31
N ALA B 688 -22.93 -32.64 60.59
CA ALA B 688 -21.61 -32.10 60.30
C ALA B 688 -21.42 -31.90 58.80
N TRP B 689 -21.90 -32.85 58.00
CA TRP B 689 -21.77 -32.73 56.54
C TRP B 689 -22.55 -31.54 56.01
N LEU B 690 -23.72 -31.27 56.59
CA LEU B 690 -24.50 -30.12 56.16
C LEU B 690 -23.90 -28.81 56.66
N VAL B 691 -23.26 -28.83 57.84
CA VAL B 691 -22.70 -27.61 58.40
C VAL B 691 -21.42 -27.21 57.68
N VAL B 692 -20.59 -28.20 57.30
CA VAL B 692 -19.31 -27.87 56.68
C VAL B 692 -19.52 -27.27 55.29
N GLU B 693 -20.59 -27.67 54.60
CA GLU B 693 -20.86 -27.13 53.27
C GLU B 693 -21.64 -25.82 53.37
N ALA B 694 -21.36 -24.92 52.43
CA ALA B 694 -22.03 -23.62 52.39
C ALA B 694 -22.75 -23.46 51.06
N PRO B 695 -24.08 -23.57 51.04
CA PRO B 695 -24.80 -23.41 49.77
C PRO B 695 -24.81 -21.97 49.28
N GLY B 696 -23.68 -21.51 48.76
CA GLY B 696 -23.53 -20.15 48.26
C GLY B 696 -23.81 -20.04 46.78
N THR B 697 -23.28 -18.99 46.18
CA THR B 697 -23.44 -18.72 44.76
C THR B 697 -22.09 -18.43 44.14
N GLY B 698 -21.94 -18.80 42.86
CA GLY B 698 -20.70 -18.59 42.15
C GLY B 698 -20.10 -19.88 41.62
N LYS B 699 -19.83 -19.93 40.32
CA LYS B 699 -19.26 -21.11 39.69
C LYS B 699 -18.22 -20.67 38.67
N GLU B 700 -17.39 -21.63 38.26
CA GLU B 700 -16.35 -21.35 37.27
C GLU B 700 -16.97 -21.04 35.92
N THR B 701 -16.38 -20.08 35.21
CA THR B 701 -16.90 -19.67 33.91
C THR B 701 -16.54 -20.68 32.83
N ALA B 702 -15.25 -20.89 32.59
CA ALA B 702 -14.80 -21.83 31.57
C ALA B 702 -13.35 -22.17 31.80
N PRO B 703 -12.92 -23.40 31.55
CA PRO B 703 -11.49 -23.75 31.69
C PRO B 703 -10.65 -23.17 30.56
N GLU B 704 -9.36 -23.54 30.53
CA GLU B 704 -8.50 -23.08 29.45
C GLU B 704 -9.01 -23.55 28.10
N ARG B 705 -9.45 -24.79 28.01
CA ARG B 705 -10.03 -25.31 26.78
C ARG B 705 -11.46 -24.77 26.62
N ARG B 706 -11.79 -24.36 25.39
CA ARG B 706 -13.04 -23.67 25.12
C ARG B 706 -13.97 -24.43 24.19
N GLU B 707 -13.66 -25.69 23.85
CA GLU B 707 -14.52 -26.42 22.94
C GLU B 707 -15.83 -26.85 23.60
N VAL B 708 -15.82 -27.05 24.90
CA VAL B 708 -16.99 -27.50 25.64
C VAL B 708 -17.12 -26.68 26.92
N VAL B 709 -18.35 -26.33 27.28
CA VAL B 709 -18.61 -25.57 28.50
C VAL B 709 -18.79 -26.54 29.67
N THR B 710 -18.62 -26.02 30.88
CA THR B 710 -18.73 -26.81 32.09
C THR B 710 -19.89 -26.29 32.93
N LEU B 711 -20.86 -27.15 33.22
CA LEU B 711 -21.98 -26.85 34.11
C LEU B 711 -21.83 -27.76 35.32
N ARG B 712 -21.06 -27.30 36.31
CA ARG B 712 -20.70 -28.12 37.47
C ARG B 712 -20.95 -27.34 38.74
N CYS B 713 -21.13 -28.07 39.84
CA CYS B 713 -21.32 -27.48 41.16
C CYS B 713 -19.99 -26.99 41.72
N ASN B 714 -19.42 -25.99 41.04
CA ASN B 714 -18.13 -25.41 41.42
C ASN B 714 -18.34 -24.42 42.55
N HIS B 715 -18.81 -24.94 43.68
CA HIS B 715 -19.05 -24.15 44.88
C HIS B 715 -18.14 -24.55 46.04
N ARG B 716 -18.15 -25.83 46.42
CA ARG B 716 -17.32 -26.28 47.54
C ARG B 716 -17.09 -27.79 47.41
N ASP B 717 -15.87 -28.17 47.03
CA ASP B 717 -15.46 -29.56 47.07
C ASP B 717 -14.50 -29.85 48.23
N ALA B 718 -13.81 -28.83 48.74
CA ALA B 718 -12.98 -29.01 49.92
C ALA B 718 -13.81 -29.48 51.10
N SER B 719 -15.02 -28.94 51.26
CA SER B 719 -15.91 -29.39 52.31
C SER B 719 -16.27 -30.86 52.14
N MET B 720 -16.54 -31.28 50.90
CA MET B 720 -16.89 -32.68 50.63
C MET B 720 -15.73 -33.60 50.99
N LEU B 721 -14.52 -33.26 50.55
CA LEU B 721 -13.38 -34.12 50.85
C LEU B 721 -13.04 -34.10 52.33
N GLY B 722 -13.25 -32.97 53.01
CA GLY B 722 -13.02 -32.94 54.45
C GLY B 722 -14.01 -33.78 55.22
N SER B 723 -15.28 -33.75 54.82
CA SER B 723 -16.28 -34.63 55.44
C SER B 723 -15.95 -36.09 55.18
N LEU B 724 -15.51 -36.42 53.96
CA LEU B 724 -15.11 -37.79 53.66
C LEU B 724 -13.93 -38.21 54.53
N ALA B 725 -12.95 -37.33 54.70
CA ALA B 725 -11.78 -37.66 55.52
C ALA B 725 -12.17 -37.84 56.98
N TYR B 726 -13.07 -36.99 57.49
CA TYR B 726 -13.51 -37.13 58.88
C TYR B 726 -14.26 -38.44 59.08
N ASN B 727 -15.14 -38.79 58.13
CA ASN B 727 -15.85 -40.06 58.23
C ASN B 727 -14.89 -41.24 58.16
N VAL B 728 -13.88 -41.16 57.29
CA VAL B 728 -12.90 -42.24 57.20
C VAL B 728 -12.11 -42.35 58.49
N LEU B 729 -11.81 -41.22 59.12
CA LEU B 729 -11.08 -41.24 60.38
C LEU B 729 -11.91 -41.88 61.49
N LEU B 730 -13.20 -41.53 61.57
CA LEU B 730 -14.04 -42.14 62.60
C LEU B 730 -14.23 -43.63 62.34
N ILE B 731 -14.33 -44.03 61.06
CA ILE B 731 -14.42 -45.45 60.73
C ILE B 731 -13.15 -46.18 61.13
N ALA B 732 -11.99 -45.56 60.90
CA ALA B 732 -10.73 -46.18 61.28
C ALA B 732 -10.63 -46.32 62.79
N LEU B 733 -11.07 -45.29 63.53
CA LEU B 733 -11.05 -45.37 64.99
C LEU B 733 -11.97 -46.48 65.49
N CYS B 734 -13.17 -46.59 64.92
CA CYS B 734 -14.09 -47.64 65.34
C CYS B 734 -13.54 -49.03 65.00
N THR B 735 -12.90 -49.16 63.83
CA THR B 735 -12.33 -50.45 63.46
C THR B 735 -11.16 -50.82 64.36
N LEU B 736 -10.34 -49.83 64.74
CA LEU B 736 -9.24 -50.10 65.67
C LEU B 736 -9.77 -50.50 67.04
N TYR B 737 -10.87 -49.89 67.48
CA TYR B 737 -11.48 -50.28 68.74
C TYR B 737 -12.07 -51.69 68.67
N ALA B 738 -12.66 -52.05 67.53
CA ALA B 738 -13.32 -53.34 67.39
C ALA B 738 -12.32 -54.48 67.18
N PHE B 739 -11.17 -54.19 66.57
CA PHE B 739 -10.21 -55.25 66.25
C PHE B 739 -9.59 -55.88 67.49
N LYS B 740 -9.68 -55.22 68.65
CA LYS B 740 -9.11 -55.79 69.87
C LYS B 740 -9.82 -57.08 70.26
N THR B 741 -11.15 -57.10 70.15
CA THR B 741 -11.94 -58.29 70.48
C THR B 741 -12.23 -59.09 69.21
N ARG B 742 -11.15 -59.63 68.65
CA ARG B 742 -11.28 -60.42 67.42
C ARG B 742 -12.06 -61.71 67.67
N LYS B 743 -11.87 -62.32 68.85
CA LYS B 743 -12.55 -63.56 69.19
C LYS B 743 -13.83 -63.23 69.96
N CYS B 744 -14.96 -63.69 69.44
CA CYS B 744 -16.26 -63.47 70.06
C CYS B 744 -16.87 -64.81 70.45
N PRO B 745 -16.77 -65.21 71.73
CA PRO B 745 -17.35 -66.50 72.13
C PRO B 745 -18.87 -66.48 72.21
N GLU B 746 -19.49 -65.30 72.30
CA GLU B 746 -20.94 -65.23 72.38
C GLU B 746 -21.59 -65.69 71.08
N ASN B 747 -21.02 -65.30 69.94
CA ASN B 747 -21.56 -65.65 68.63
C ASN B 747 -20.78 -66.83 68.04
N PHE B 748 -21.36 -67.43 67.01
CA PHE B 748 -20.76 -68.55 66.32
C PHE B 748 -19.82 -68.02 65.23
N ASN B 749 -19.41 -68.89 64.30
CA ASN B 749 -18.39 -68.55 63.32
C ASN B 749 -18.76 -67.37 62.42
N GLU B 750 -19.98 -66.84 62.54
CA GLU B 750 -20.33 -65.65 61.78
C GLU B 750 -19.63 -64.40 62.30
N ALA B 751 -19.21 -64.40 63.58
CA ALA B 751 -18.57 -63.22 64.15
C ALA B 751 -17.24 -62.92 63.47
N LYS B 752 -16.38 -63.93 63.33
CA LYS B 752 -15.11 -63.73 62.65
C LYS B 752 -15.33 -63.36 61.18
N PHE B 753 -16.38 -63.93 60.56
CA PHE B 753 -16.68 -63.62 59.17
C PHE B 753 -17.04 -62.15 59.00
N ILE B 754 -17.94 -61.64 59.86
CA ILE B 754 -18.34 -60.24 59.73
C ILE B 754 -17.21 -59.31 60.15
N GLY B 755 -16.35 -59.74 61.08
CA GLY B 755 -15.19 -58.94 61.42
C GLY B 755 -14.22 -58.82 60.26
N PHE B 756 -13.94 -59.94 59.59
CA PHE B 756 -13.07 -59.89 58.41
C PHE B 756 -13.70 -59.06 57.30
N THR B 757 -15.03 -59.14 57.17
CA THR B 757 -15.72 -58.33 56.16
C THR B 757 -15.56 -56.84 56.46
N MET B 758 -15.75 -56.44 57.72
CA MET B 758 -15.55 -55.05 58.09
C MET B 758 -14.10 -54.62 57.84
N TYR B 759 -13.15 -55.50 58.17
CA TYR B 759 -11.74 -55.17 57.98
C TYR B 759 -11.42 -54.96 56.50
N THR B 760 -11.88 -55.87 55.64
CA THR B 760 -11.57 -55.72 54.22
C THR B 760 -12.30 -54.55 53.60
N THR B 761 -13.50 -54.22 54.09
CA THR B 761 -14.17 -53.01 53.61
C THR B 761 -13.39 -51.76 54.00
N CYS B 762 -12.86 -51.73 55.23
CA CYS B 762 -12.04 -50.59 55.64
C CYS B 762 -10.77 -50.50 54.80
N ILE B 763 -10.14 -51.64 54.50
CA ILE B 763 -8.93 -51.64 53.68
C ILE B 763 -9.25 -51.15 52.27
N ILE B 764 -10.36 -51.61 51.69
CA ILE B 764 -10.68 -51.17 50.33
C ILE B 764 -11.09 -49.70 50.31
N TRP B 765 -11.67 -49.19 51.42
CA TRP B 765 -11.98 -47.77 51.49
C TRP B 765 -10.72 -46.93 51.56
N LEU B 766 -9.76 -47.33 52.41
CA LEU B 766 -8.51 -46.58 52.48
C LEU B 766 -7.69 -46.75 51.21
N ALA B 767 -7.95 -47.81 50.45
CA ALA B 767 -7.28 -47.96 49.15
C ALA B 767 -7.91 -47.08 48.08
N PHE B 768 -9.25 -46.95 48.09
CA PHE B 768 -9.93 -46.09 47.14
C PHE B 768 -9.86 -44.62 47.49
N LEU B 769 -9.46 -44.29 48.72
CA LEU B 769 -9.34 -42.88 49.09
C LEU B 769 -8.31 -42.11 48.27
N PRO B 770 -7.07 -42.58 48.09
CA PRO B 770 -6.10 -41.78 47.32
C PRO B 770 -6.48 -41.62 45.86
N ILE B 771 -6.95 -42.69 45.21
CA ILE B 771 -7.36 -42.55 43.81
C ILE B 771 -8.55 -41.61 43.69
N PHE B 772 -9.46 -41.62 44.67
CA PHE B 772 -10.57 -40.68 44.65
C PHE B 772 -10.08 -39.25 44.79
N TYR B 773 -9.09 -39.03 45.67
CA TYR B 773 -8.55 -37.69 45.84
C TYR B 773 -7.79 -37.21 44.61
N VAL B 774 -7.17 -38.14 43.88
CA VAL B 774 -6.36 -37.75 42.73
C VAL B 774 -7.19 -37.56 41.45
N THR B 775 -8.20 -38.41 41.22
CA THR B 775 -8.97 -38.36 39.99
C THR B 775 -9.99 -37.23 39.96
N SER B 776 -10.03 -36.38 40.99
CA SER B 776 -10.97 -35.28 41.03
C SER B 776 -10.77 -34.26 39.91
N SER B 777 -9.65 -34.33 39.19
CA SER B 777 -9.40 -33.37 38.11
C SER B 777 -10.38 -33.57 36.96
N ASP B 778 -10.72 -34.81 36.64
CA ASP B 778 -11.62 -35.13 35.54
C ASP B 778 -13.01 -35.40 36.10
N TYR B 779 -14.01 -34.66 35.60
CA TYR B 779 -15.36 -34.79 36.09
C TYR B 779 -16.09 -35.99 35.46
N ARG B 780 -15.75 -36.34 34.22
CA ARG B 780 -16.41 -37.48 33.58
C ARG B 780 -16.06 -38.79 34.29
N VAL B 781 -14.83 -38.90 34.79
CA VAL B 781 -14.40 -40.10 35.50
C VAL B 781 -15.01 -40.14 36.91
N GLN B 782 -15.49 -39.00 37.41
CA GLN B 782 -16.02 -38.95 38.77
C GLN B 782 -17.22 -39.87 38.93
N THR B 783 -18.19 -39.78 38.03
CA THR B 783 -19.38 -40.62 38.12
C THR B 783 -19.02 -42.09 37.99
N THR B 784 -18.08 -42.41 37.10
CA THR B 784 -17.68 -43.81 36.90
C THR B 784 -17.04 -44.38 38.16
N THR B 785 -16.11 -43.64 38.77
CA THR B 785 -15.44 -44.17 39.95
C THR B 785 -16.39 -44.20 41.15
N MET B 786 -17.32 -43.25 41.25
CA MET B 786 -18.32 -43.29 42.31
C MET B 786 -19.22 -44.52 42.17
N CYS B 787 -19.66 -44.80 40.93
CA CYS B 787 -20.48 -45.99 40.71
C CYS B 787 -19.69 -47.26 41.02
N VAL B 788 -18.42 -47.31 40.64
CA VAL B 788 -17.60 -48.48 40.94
C VAL B 788 -17.47 -48.66 42.45
N SER B 789 -17.26 -47.56 43.18
CA SER B 789 -17.11 -47.65 44.63
C SER B 789 -18.38 -48.12 45.31
N VAL B 790 -19.53 -47.56 44.91
CA VAL B 790 -20.78 -47.94 45.56
C VAL B 790 -21.14 -49.38 45.19
N SER B 791 -20.80 -49.81 43.96
CA SER B 791 -21.05 -51.19 43.57
C SER B 791 -20.18 -52.15 44.36
N LEU B 792 -18.91 -51.81 44.58
CA LEU B 792 -18.04 -52.63 45.40
C LEU B 792 -18.55 -52.72 46.83
N SER B 793 -18.99 -51.59 47.39
CA SER B 793 -19.53 -51.59 48.75
C SER B 793 -20.79 -52.44 48.82
N GLY B 794 -21.67 -52.32 47.83
CA GLY B 794 -22.88 -53.13 47.82
C GLY B 794 -22.60 -54.62 47.71
N SER B 795 -21.62 -54.98 46.87
CA SER B 795 -21.24 -56.39 46.77
C SER B 795 -20.63 -56.89 48.09
N VAL B 796 -19.88 -56.04 48.78
CA VAL B 796 -19.30 -56.43 50.05
C VAL B 796 -20.40 -56.69 51.09
N VAL B 797 -21.36 -55.77 51.18
CA VAL B 797 -22.47 -55.97 52.11
C VAL B 797 -23.31 -57.18 51.71
N LEU B 798 -23.47 -57.41 50.41
CA LEU B 798 -24.22 -58.56 49.94
C LEU B 798 -23.54 -59.87 50.37
N GLY B 799 -22.22 -59.95 50.20
CA GLY B 799 -21.51 -61.12 50.66
C GLY B 799 -21.56 -61.29 52.17
N CYS B 800 -21.45 -60.18 52.91
CA CYS B 800 -21.51 -60.26 54.36
C CYS B 800 -22.86 -60.78 54.84
N LEU B 801 -23.94 -60.34 54.19
CA LEU B 801 -25.27 -60.80 54.58
C LEU B 801 -25.58 -62.20 54.06
N PHE B 802 -24.97 -62.60 52.94
CA PHE B 802 -25.22 -63.93 52.40
C PHE B 802 -24.36 -64.99 53.07
N ALA B 803 -23.30 -64.60 53.76
CA ALA B 803 -22.50 -65.59 54.49
C ALA B 803 -23.32 -66.38 55.50
N PRO B 804 -24.17 -65.77 56.35
CA PRO B 804 -25.07 -66.59 57.18
C PRO B 804 -26.08 -67.36 56.35
N LYS B 805 -26.58 -66.76 55.27
CA LYS B 805 -27.52 -67.46 54.39
C LYS B 805 -26.85 -68.64 53.72
N LEU B 806 -25.60 -68.47 53.28
CA LEU B 806 -24.87 -69.59 52.69
C LEU B 806 -24.56 -70.66 53.72
N HIS B 807 -24.32 -70.26 54.97
CA HIS B 807 -24.08 -71.23 56.03
C HIS B 807 -25.35 -72.05 56.33
N ILE B 808 -26.51 -71.39 56.35
CA ILE B 808 -27.76 -72.09 56.60
C ILE B 808 -28.40 -72.63 55.34
N ILE B 809 -27.74 -72.49 54.19
CA ILE B 809 -28.29 -72.99 52.93
C ILE B 809 -28.26 -74.52 52.91
N GLN C 1 -11.88 24.35 -12.32
CA GLN C 1 -11.53 25.27 -11.24
C GLN C 1 -12.72 26.17 -10.90
N VAL C 2 -12.46 27.20 -10.10
CA VAL C 2 -13.51 28.12 -9.65
C VAL C 2 -12.92 29.53 -9.59
N GLN C 3 -13.76 30.52 -9.88
CA GLN C 3 -13.38 31.92 -9.77
C GLN C 3 -14.23 32.60 -8.70
N LEU C 4 -13.68 33.67 -8.13
CA LEU C 4 -14.31 34.37 -7.02
C LEU C 4 -14.80 35.73 -7.50
N VAL C 5 -16.02 36.08 -7.12
CA VAL C 5 -16.64 37.35 -7.48
C VAL C 5 -16.90 38.14 -6.21
N GLN C 6 -16.28 39.32 -6.10
CA GLN C 6 -16.41 40.18 -4.93
C GLN C 6 -17.18 41.44 -5.30
N SER C 7 -17.89 41.98 -4.31
CA SER C 7 -18.68 43.19 -4.52
C SER C 7 -18.88 43.88 -3.17
N GLY C 8 -19.36 45.12 -3.24
CA GLY C 8 -19.61 45.91 -2.04
C GLY C 8 -18.50 46.89 -1.72
N GLY C 9 -18.02 47.61 -2.73
CA GLY C 9 -16.96 48.57 -2.52
C GLY C 9 -17.38 49.76 -1.68
N GLY C 10 -18.28 50.58 -2.22
CA GLY C 10 -18.83 51.70 -1.47
C GLY C 10 -17.81 52.81 -1.21
N LEU C 11 -18.31 53.87 -0.59
CA LEU C 11 -17.48 55.02 -0.21
C LEU C 11 -18.16 55.70 0.98
N VAL C 12 -17.63 55.44 2.17
CA VAL C 12 -18.22 55.95 3.40
C VAL C 12 -17.15 56.68 4.20
N GLN C 13 -17.61 57.49 5.16
CA GLN C 13 -16.71 58.23 6.04
C GLN C 13 -16.12 57.29 7.09
N ALA C 14 -15.07 57.78 7.75
CA ALA C 14 -14.41 57.00 8.80
C ALA C 14 -15.36 56.74 9.95
N GLY C 15 -15.32 55.53 10.50
CA GLY C 15 -16.18 55.14 11.59
C GLY C 15 -17.51 54.55 11.18
N GLY C 16 -17.83 54.54 9.89
CA GLY C 16 -19.07 53.97 9.42
C GLY C 16 -18.99 52.46 9.23
N SER C 17 -20.09 51.90 8.75
CA SER C 17 -20.20 50.47 8.51
C SER C 17 -20.31 50.21 7.02
N LEU C 18 -19.72 49.11 6.57
CA LEU C 18 -19.72 48.76 5.16
C LEU C 18 -19.62 47.24 5.03
N ARG C 19 -20.08 46.71 3.92
CA ARG C 19 -20.17 45.27 3.70
C ARG C 19 -19.40 44.87 2.45
N LEU C 20 -18.59 43.82 2.56
CA LEU C 20 -17.93 43.19 1.42
C LEU C 20 -18.46 41.78 1.28
N SER C 21 -19.02 41.46 0.12
CA SER C 21 -19.62 40.16 -0.14
C SER C 21 -18.88 39.48 -1.28
N CYS C 22 -18.38 38.27 -1.04
CA CYS C 22 -17.65 37.53 -2.06
C CYS C 22 -18.23 36.12 -2.18
N ALA C 23 -18.54 35.72 -3.42
CA ALA C 23 -19.15 34.43 -3.69
C ALA C 23 -18.36 33.70 -4.77
N ALA C 24 -18.76 32.45 -5.01
CA ALA C 24 -18.13 31.60 -6.01
C ALA C 24 -19.02 30.39 -6.23
N SER C 25 -18.70 29.62 -7.27
CA SER C 25 -19.41 28.38 -7.56
C SER C 25 -18.78 27.23 -6.78
N VAL C 26 -19.38 26.05 -6.87
CA VAL C 26 -18.87 24.89 -6.14
C VAL C 26 -18.14 23.93 -7.08
N ARG C 27 -18.79 23.52 -8.17
CA ARG C 27 -18.25 22.55 -9.12
C ARG C 27 -17.62 21.36 -8.40
N PHE C 28 -18.42 20.73 -7.53
CA PHE C 28 -18.05 19.58 -6.70
C PHE C 28 -16.66 19.72 -6.08
N PHE C 29 -16.27 20.94 -5.74
CA PHE C 29 -14.97 21.21 -5.11
C PHE C 29 -15.21 21.59 -3.66
N SER C 30 -14.67 20.79 -2.75
CA SER C 30 -14.80 21.05 -1.31
C SER C 30 -13.86 22.21 -0.96
N ILE C 31 -14.44 23.38 -0.76
CA ILE C 31 -13.64 24.55 -0.41
C ILE C 31 -13.10 24.39 1.00
N ASN C 32 -11.77 24.44 1.13
CA ASN C 32 -11.15 24.26 2.44
C ASN C 32 -11.34 25.50 3.32
N THR C 33 -10.87 26.64 2.85
CA THR C 33 -10.92 27.88 3.63
C THR C 33 -11.23 29.05 2.70
N MET C 34 -12.13 29.92 3.16
CA MET C 34 -12.46 31.16 2.46
C MET C 34 -11.92 32.32 3.27
N GLY C 35 -11.06 33.14 2.65
CA GLY C 35 -10.36 34.17 3.38
C GLY C 35 -10.40 35.50 2.65
N TRP C 36 -9.94 36.53 3.37
CA TRP C 36 -9.83 37.89 2.88
C TRP C 36 -8.44 38.42 3.21
N TYR C 37 -7.76 38.95 2.21
CA TYR C 37 -6.44 39.54 2.34
C TYR C 37 -6.50 41.01 1.94
N ARG C 38 -5.50 41.76 2.37
CA ARG C 38 -5.31 43.14 1.95
C ARG C 38 -3.96 43.28 1.27
N GLN C 39 -3.91 44.08 0.22
CA GLN C 39 -2.68 44.25 -0.53
C GLN C 39 -2.74 45.54 -1.34
N ALA C 40 -1.61 46.24 -1.42
CA ALA C 40 -1.44 47.44 -2.23
C ALA C 40 -0.56 47.13 -3.43
N PRO C 41 -0.76 47.83 -4.54
CA PRO C 41 0.08 47.61 -5.72
C PRO C 41 1.56 47.79 -5.40
N GLY C 42 2.37 46.83 -5.81
CA GLY C 42 3.80 46.86 -5.56
C GLY C 42 4.23 46.47 -4.17
N LYS C 43 3.33 45.89 -3.37
CA LYS C 43 3.66 45.52 -2.00
C LYS C 43 3.35 44.05 -1.74
N GLN C 44 3.45 43.63 -0.48
CA GLN C 44 3.19 42.26 -0.08
C GLN C 44 1.87 42.19 0.67
N ARG C 45 1.09 41.15 0.39
CA ARG C 45 -0.25 41.03 0.94
C ARG C 45 -0.20 40.66 2.43
N GLU C 46 -1.25 41.05 3.15
CA GLU C 46 -1.42 40.69 4.55
C GLU C 46 -2.77 40.03 4.75
N LEU C 47 -2.81 39.07 5.66
CA LEU C 47 -4.02 38.29 5.95
C LEU C 47 -4.86 39.02 6.99
N VAL C 48 -6.15 39.18 6.69
CA VAL C 48 -7.06 39.86 7.61
C VAL C 48 -8.27 39.02 8.00
N ALA C 49 -8.64 37.99 7.23
CA ALA C 49 -9.78 37.17 7.63
C ALA C 49 -9.65 35.77 7.04
N ASP C 50 -10.15 34.79 7.78
CA ASP C 50 -10.15 33.39 7.37
C ASP C 50 -11.33 32.68 8.00
N ILE C 51 -11.99 31.82 7.23
CA ILE C 51 -13.06 30.95 7.71
C ILE C 51 -12.80 29.55 7.16
N THR C 52 -12.63 28.58 8.06
CA THR C 52 -12.35 27.20 7.69
C THR C 52 -13.61 26.37 7.55
N SER C 53 -14.78 27.01 7.37
CA SER C 53 -16.07 26.33 7.24
C SER C 53 -16.36 25.41 8.42
N SER C 54 -15.77 25.71 9.58
CA SER C 54 -16.00 24.92 10.78
C SER C 54 -16.15 25.77 12.03
N GLY C 55 -16.18 27.10 11.90
CA GLY C 55 -16.27 27.99 13.03
C GLY C 55 -14.97 28.62 13.46
N SER C 56 -13.84 28.03 13.10
CA SER C 56 -12.53 28.59 13.43
C SER C 56 -12.23 29.79 12.54
N THR C 57 -11.59 30.79 13.12
CA THR C 57 -11.27 32.02 12.38
C THR C 57 -10.02 32.65 12.98
N ASN C 58 -9.38 33.50 12.18
CA ASN C 58 -8.20 34.23 12.62
C ASN C 58 -8.11 35.53 11.83
N TYR C 59 -7.84 36.63 12.52
CA TYR C 59 -7.76 37.95 11.93
C TYR C 59 -6.32 38.47 12.04
N ALA C 60 -6.14 39.73 11.62
CA ALA C 60 -4.83 40.36 11.72
C ALA C 60 -4.49 40.65 13.18
N ASP C 61 -3.24 41.07 13.40
CA ASP C 61 -2.79 41.37 14.76
C ASP C 61 -3.53 42.58 15.33
N SER C 62 -3.87 43.55 14.48
CA SER C 62 -4.53 44.77 14.92
C SER C 62 -6.06 44.67 14.86
N GLY C 63 -6.61 43.60 14.30
CA GLY C 63 -8.05 43.47 14.19
C GLY C 63 -8.59 42.20 14.82
N LYS C 64 -8.01 41.79 15.95
CA LYS C 64 -8.45 40.55 16.60
C LYS C 64 -9.87 40.67 17.15
N GLY C 65 -10.29 41.88 17.52
CA GLY C 65 -11.62 42.08 18.07
C GLY C 65 -12.63 42.55 17.04
N ARG C 66 -12.21 43.46 16.18
CA ARG C 66 -13.08 44.02 15.15
C ARG C 66 -13.04 43.14 13.90
N PHE C 67 -13.63 43.62 12.81
CA PHE C 67 -13.62 42.95 11.51
C PHE C 67 -14.29 41.57 11.60
N THR C 68 -15.57 41.59 11.99
CA THR C 68 -16.34 40.35 12.05
C THR C 68 -16.60 39.81 10.64
N ILE C 69 -16.58 38.49 10.51
CA ILE C 69 -16.72 37.82 9.24
C ILE C 69 -17.72 36.69 9.38
N SER C 70 -18.52 36.46 8.34
CA SER C 70 -19.53 35.41 8.36
C SER C 70 -19.56 34.70 7.02
N ARG C 71 -19.42 33.38 7.03
CA ARG C 71 -19.43 32.58 5.82
C ARG C 71 -20.61 31.62 5.86
N ASP C 72 -21.35 31.55 4.76
CA ASP C 72 -22.45 30.60 4.61
C ASP C 72 -22.16 29.66 3.46
N ASN C 73 -22.33 28.37 3.70
CA ASN C 73 -22.05 27.33 2.70
C ASN C 73 -23.24 27.02 1.81
N ALA C 74 -24.41 27.62 2.08
CA ALA C 74 -25.56 27.39 1.21
C ALA C 74 -25.30 27.91 -0.20
N LYS C 75 -24.66 29.06 -0.31
CA LYS C 75 -24.26 29.62 -1.60
C LYS C 75 -22.75 29.79 -1.72
N ASN C 76 -21.99 29.29 -0.75
CA ASN C 76 -20.54 29.44 -0.71
C ASN C 76 -20.15 30.92 -0.79
N THR C 77 -20.60 31.68 0.21
CA THR C 77 -20.42 33.12 0.23
C THR C 77 -19.80 33.55 1.55
N VAL C 78 -19.10 34.67 1.51
CA VAL C 78 -18.46 35.26 2.69
C VAL C 78 -18.81 36.74 2.74
N TYR C 79 -18.99 37.25 3.96
CA TYR C 79 -19.32 38.65 4.18
C TYR C 79 -18.39 39.20 5.27
N LEU C 80 -17.77 40.34 4.98
CA LEU C 80 -16.88 41.02 5.91
C LEU C 80 -17.45 42.40 6.22
N GLN C 81 -17.47 42.75 7.50
CA GLN C 81 -18.02 44.01 7.97
C GLN C 81 -16.91 44.99 8.29
N MET C 82 -17.17 46.27 8.02
CA MET C 82 -16.25 47.36 8.31
C MET C 82 -16.96 48.34 9.24
N ASN C 83 -16.57 48.32 10.51
CA ASN C 83 -17.18 49.18 11.52
C ASN C 83 -16.24 50.29 11.98
N ARG C 84 -15.00 49.97 12.29
CA ARG C 84 -13.99 50.96 12.68
C ARG C 84 -13.04 51.16 11.51
N LEU C 85 -13.01 52.37 10.98
CA LEU C 85 -12.23 52.70 9.78
C LEU C 85 -11.07 53.61 10.16
N LYS C 86 -9.89 53.31 9.60
CA LYS C 86 -8.69 54.09 9.84
C LYS C 86 -8.25 54.78 8.56
N PRO C 87 -7.55 55.92 8.66
CA PRO C 87 -7.04 56.58 7.45
C PRO C 87 -6.03 55.73 6.69
N GLU C 88 -5.39 54.76 7.36
CA GLU C 88 -4.44 53.88 6.70
C GLU C 88 -5.11 52.73 5.95
N ASP C 89 -6.43 52.57 6.08
CA ASP C 89 -7.16 51.50 5.40
C ASP C 89 -7.41 51.93 3.95
N THR C 90 -6.37 51.77 3.12
CA THR C 90 -6.45 52.12 1.72
C THR C 90 -6.08 50.99 0.77
N ALA C 91 -5.47 49.92 1.26
CA ALA C 91 -5.09 48.81 0.40
C ALA C 91 -6.33 48.09 -0.12
N VAL C 92 -6.17 47.45 -1.28
CA VAL C 92 -7.27 46.73 -1.91
C VAL C 92 -7.49 45.41 -1.19
N TYR C 93 -8.75 45.09 -0.92
CA TYR C 93 -9.12 43.85 -0.24
C TYR C 93 -9.53 42.81 -1.28
N TYR C 94 -8.92 41.63 -1.19
CA TYR C 94 -9.14 40.55 -2.15
C TYR C 94 -9.64 39.32 -1.40
N CYS C 95 -10.71 38.72 -1.91
CA CYS C 95 -11.25 37.49 -1.35
C CYS C 95 -10.68 36.29 -2.09
N HIS C 96 -10.43 35.21 -1.34
CA HIS C 96 -9.83 34.01 -1.90
C HIS C 96 -10.51 32.79 -1.31
N ALA C 97 -10.43 31.68 -2.06
CA ALA C 97 -10.98 30.41 -1.64
C ALA C 97 -9.99 29.30 -1.98
N ASP C 98 -9.75 28.40 -1.03
CA ASP C 98 -8.82 27.30 -1.21
C ASP C 98 -9.60 26.02 -1.51
N TYR C 99 -9.30 25.39 -2.63
CA TYR C 99 -9.92 24.13 -3.01
C TYR C 99 -8.83 23.12 -3.32
N LYS C 100 -9.03 21.88 -2.88
CA LYS C 100 -8.03 20.82 -2.98
C LYS C 100 -8.46 19.84 -4.08
N TYR C 101 -7.86 19.99 -5.26
CA TYR C 101 -8.01 19.02 -6.36
C TYR C 101 -6.61 18.69 -6.84
N THR C 102 -5.94 17.76 -6.15
CA THR C 102 -4.57 17.32 -6.42
C THR C 102 -3.56 18.46 -6.42
N THR C 103 -3.96 19.67 -6.05
CA THR C 103 -3.07 20.83 -6.12
C THR C 103 -3.15 21.77 -4.93
N HIS C 104 -4.17 21.66 -4.08
CA HIS C 104 -4.38 22.62 -2.98
C HIS C 104 -4.42 24.05 -3.52
N ASN C 105 -5.12 24.24 -4.64
CA ASN C 105 -5.12 25.53 -5.31
C ASN C 105 -5.88 26.58 -4.49
N THR C 106 -5.53 27.84 -4.73
CA THR C 106 -6.20 28.98 -4.11
C THR C 106 -6.60 29.95 -5.22
N ALA C 107 -7.88 30.26 -5.32
CA ALA C 107 -8.41 31.14 -6.35
C ALA C 107 -8.81 32.47 -5.72
N TRP C 108 -8.39 33.56 -6.34
CA TRP C 108 -8.68 34.91 -5.89
C TRP C 108 -9.78 35.52 -6.78
N GLY C 109 -10.15 36.75 -6.44
CA GLY C 109 -11.16 37.47 -7.19
C GLY C 109 -10.78 38.92 -7.39
N GLN C 110 -11.65 39.65 -8.07
CA GLN C 110 -11.43 41.07 -8.32
C GLN C 110 -11.80 41.87 -7.07
N GLY C 111 -10.83 42.55 -6.48
CA GLY C 111 -11.07 43.30 -5.27
C GLY C 111 -11.78 44.61 -5.52
N THR C 112 -12.19 45.25 -4.43
CA THR C 112 -12.90 46.51 -4.46
C THR C 112 -12.15 47.54 -3.62
N GLN C 113 -11.91 48.71 -4.20
CA GLN C 113 -11.19 49.77 -3.52
C GLN C 113 -12.12 50.52 -2.57
N VAL C 114 -11.61 50.82 -1.38
CA VAL C 114 -12.32 51.59 -0.38
C VAL C 114 -11.50 52.83 -0.02
N THR C 115 -12.18 53.96 0.12
CA THR C 115 -11.53 55.23 0.41
C THR C 115 -12.17 55.88 1.63
N VAL C 116 -11.34 56.46 2.48
CA VAL C 116 -11.80 57.15 3.68
C VAL C 116 -11.23 58.57 3.68
N SER C 117 -12.02 59.50 4.19
CA SER C 117 -11.62 60.91 4.27
C SER C 117 -11.60 61.34 5.73
N SER C 118 -11.33 62.62 5.94
CA SER C 118 -11.26 63.19 7.29
C SER C 118 -12.65 63.31 7.91
N GLN D 1 16.91 12.73 -21.31
CA GLN D 1 16.82 11.62 -22.26
C GLN D 1 18.14 11.43 -23.00
N VAL D 2 18.14 10.50 -23.96
CA VAL D 2 19.34 10.17 -24.72
C VAL D 2 19.01 10.19 -26.20
N GLN D 3 20.05 10.04 -27.03
CA GLN D 3 19.90 10.00 -28.47
C GLN D 3 20.81 8.92 -29.04
N LEU D 4 20.51 8.51 -30.27
CA LEU D 4 21.22 7.43 -30.95
C LEU D 4 22.08 7.99 -32.06
N VAL D 5 23.28 7.43 -32.23
CA VAL D 5 24.20 7.83 -33.28
C VAL D 5 24.48 6.62 -34.15
N GLN D 6 24.31 6.79 -35.46
CA GLN D 6 24.48 5.70 -36.42
C GLN D 6 25.66 5.97 -37.33
N SER D 7 26.20 4.88 -37.89
CA SER D 7 27.32 4.97 -38.83
C SER D 7 27.36 3.70 -39.66
N GLY D 8 27.87 3.85 -40.88
CA GLY D 8 28.09 2.70 -41.75
C GLY D 8 27.12 2.59 -42.91
N GLY D 9 26.69 3.72 -43.47
CA GLY D 9 25.79 3.73 -44.61
C GLY D 9 26.50 3.85 -45.93
N GLY D 10 25.82 4.43 -46.90
CA GLY D 10 26.39 4.67 -48.21
C GLY D 10 25.72 3.87 -49.30
N LEU D 11 26.46 3.68 -50.39
CA LEU D 11 25.98 2.97 -51.57
C LEU D 11 26.75 1.66 -51.70
N VAL D 12 26.01 0.56 -51.83
CA VAL D 12 26.59 -0.77 -51.99
C VAL D 12 25.91 -1.48 -53.16
N GLN D 13 26.59 -2.48 -53.69
CA GLN D 13 26.04 -3.28 -54.77
C GLN D 13 24.99 -4.24 -54.26
N ALA D 14 24.03 -4.57 -55.12
CA ALA D 14 22.96 -5.50 -54.76
C ALA D 14 23.54 -6.87 -54.44
N GLY D 15 23.11 -7.44 -53.32
CA GLY D 15 23.64 -8.71 -52.88
C GLY D 15 24.96 -8.65 -52.15
N GLY D 16 25.48 -7.44 -51.88
CA GLY D 16 26.74 -7.28 -51.20
C GLY D 16 26.57 -7.29 -49.69
N SER D 17 27.68 -7.05 -48.99
CA SER D 17 27.71 -7.04 -47.54
C SER D 17 27.64 -5.62 -47.04
N LEU D 18 26.64 -5.33 -46.20
CA LEU D 18 26.45 -4.02 -45.61
C LEU D 18 26.24 -4.17 -44.11
N ARG D 19 26.91 -3.33 -43.33
CA ARG D 19 26.85 -3.39 -41.88
C ARG D 19 26.57 -1.99 -41.34
N LEU D 20 25.58 -1.88 -40.46
CA LEU D 20 25.20 -0.63 -39.84
C LEU D 20 25.40 -0.72 -38.33
N SER D 21 25.99 0.33 -37.76
CA SER D 21 26.27 0.39 -36.34
C SER D 21 25.46 1.52 -35.71
N CYS D 22 24.86 1.25 -34.55
CA CYS D 22 24.08 2.25 -33.83
C CYS D 22 24.44 2.18 -32.35
N ALA D 23 24.89 3.30 -31.80
CA ALA D 23 25.32 3.38 -30.41
C ALA D 23 24.64 4.55 -29.71
N ALA D 24 24.87 4.64 -28.40
CA ALA D 24 24.30 5.71 -27.60
C ALA D 24 25.04 5.78 -26.27
N SER D 25 24.75 6.82 -25.51
CA SER D 25 25.28 7.01 -24.17
C SER D 25 24.25 6.53 -23.16
N VAL D 26 24.68 5.69 -22.22
CA VAL D 26 23.72 5.08 -21.29
C VAL D 26 23.19 6.10 -20.30
N ARG D 27 24.07 6.91 -19.70
CA ARG D 27 23.71 7.89 -18.68
C ARG D 27 22.79 7.27 -17.63
N PHE D 28 23.29 6.21 -17.00
CA PHE D 28 22.65 5.49 -15.89
C PHE D 28 21.21 5.07 -16.20
N PHE D 29 20.82 5.12 -17.47
CA PHE D 29 19.47 4.76 -17.86
C PHE D 29 19.38 3.26 -18.10
N SER D 30 18.41 2.61 -17.46
CA SER D 30 18.23 1.18 -17.63
C SER D 30 17.63 0.89 -19.01
N ILE D 31 18.47 0.62 -19.99
CA ILE D 31 18.02 0.33 -21.35
C ILE D 31 17.43 -1.08 -21.36
N ASN D 32 16.13 -1.18 -21.63
CA ASN D 32 15.46 -2.46 -21.62
C ASN D 32 15.40 -3.13 -22.99
N THR D 33 15.33 -2.34 -24.06
CA THR D 33 15.10 -2.89 -25.40
C THR D 33 15.70 -1.96 -26.44
N MET D 34 16.32 -2.54 -27.46
CA MET D 34 16.85 -1.80 -28.59
C MET D 34 16.56 -2.55 -29.88
N GLY D 35 16.19 -1.80 -30.92
CA GLY D 35 15.84 -2.41 -32.19
C GLY D 35 16.12 -1.51 -33.38
N TRP D 36 15.61 -1.88 -34.55
CA TRP D 36 15.82 -1.14 -35.78
C TRP D 36 14.51 -1.02 -36.55
N TYR D 37 14.30 0.16 -37.13
CA TYR D 37 13.09 0.46 -37.89
C TYR D 37 13.47 1.01 -39.25
N ARG D 38 12.54 0.87 -40.21
CA ARG D 38 12.71 1.36 -41.56
C ARG D 38 11.44 2.08 -41.99
N GLN D 39 11.60 3.23 -42.62
CA GLN D 39 10.46 4.03 -43.04
C GLN D 39 10.88 4.93 -44.20
N ALA D 40 9.89 5.59 -44.80
CA ALA D 40 10.10 6.52 -45.89
C ALA D 40 9.42 7.85 -45.54
N PRO D 41 9.92 8.96 -46.09
CA PRO D 41 9.27 10.25 -45.83
C PRO D 41 7.80 10.23 -46.25
N GLY D 42 6.93 10.60 -45.31
CA GLY D 42 5.50 10.60 -45.57
C GLY D 42 4.81 9.27 -45.42
N LYS D 43 5.51 8.23 -44.97
CA LYS D 43 4.96 6.90 -44.79
C LYS D 43 5.11 6.46 -43.35
N GLN D 44 4.69 5.23 -43.07
CA GLN D 44 4.76 4.67 -41.73
C GLN D 44 6.06 3.90 -41.54
N ARG D 45 6.36 3.59 -40.28
CA ARG D 45 7.56 2.87 -39.91
C ARG D 45 7.26 1.39 -39.68
N GLU D 46 8.23 0.55 -40.01
CA GLU D 46 8.12 -0.89 -39.82
C GLU D 46 9.38 -1.42 -39.16
N LEU D 47 9.22 -2.26 -38.16
CA LEU D 47 10.36 -2.84 -37.46
C LEU D 47 11.04 -3.89 -38.35
N VAL D 48 12.37 -3.93 -38.29
CA VAL D 48 13.12 -4.89 -39.10
C VAL D 48 13.92 -5.81 -38.19
N ALA D 49 14.22 -5.35 -36.98
CA ALA D 49 14.98 -6.15 -36.02
C ALA D 49 14.80 -5.53 -34.64
N ASP D 50 14.79 -6.39 -33.62
CA ASP D 50 14.66 -5.93 -32.25
C ASP D 50 15.23 -6.99 -31.32
N ILE D 51 15.87 -6.52 -30.24
CA ILE D 51 16.48 -7.40 -29.25
C ILE D 51 15.82 -7.11 -27.90
N THR D 52 15.37 -8.16 -27.22
CA THR D 52 14.70 -8.03 -25.93
C THR D 52 15.70 -7.87 -24.78
N SER D 53 17.01 -7.93 -25.07
CA SER D 53 18.07 -7.82 -24.08
C SER D 53 18.05 -8.96 -23.07
N SER D 54 17.48 -10.10 -23.45
CA SER D 54 17.47 -11.29 -22.60
C SER D 54 17.78 -12.55 -23.41
N GLY D 55 18.50 -12.39 -24.53
CA GLY D 55 18.78 -13.51 -25.41
C GLY D 55 17.72 -13.80 -26.44
N SER D 56 16.58 -13.11 -26.38
CA SER D 56 15.48 -13.31 -27.34
C SER D 56 15.42 -12.11 -28.27
N THR D 57 15.24 -12.38 -29.56
CA THR D 57 15.18 -11.34 -30.57
C THR D 57 14.03 -11.63 -31.53
N ASN D 58 13.54 -10.57 -32.18
CA ASN D 58 12.47 -10.67 -33.15
C ASN D 58 12.86 -9.92 -34.42
N TYR D 59 12.34 -10.39 -35.55
CA TYR D 59 12.72 -9.83 -36.84
C TYR D 59 11.50 -9.38 -37.64
N ALA D 60 11.72 -9.02 -38.91
CA ALA D 60 10.64 -8.59 -39.78
C ALA D 60 10.10 -9.78 -40.58
N ASP D 61 9.17 -9.49 -41.49
CA ASP D 61 8.57 -10.54 -42.30
C ASP D 61 9.57 -11.07 -43.33
N SER D 62 10.39 -10.19 -43.91
CA SER D 62 11.37 -10.58 -44.91
C SER D 62 12.74 -10.86 -44.32
N GLY D 63 12.85 -10.97 -43.01
CA GLY D 63 14.13 -11.19 -42.36
C GLY D 63 14.13 -12.35 -41.38
N LYS D 64 13.44 -13.44 -41.73
CA LYS D 64 13.36 -14.60 -40.84
C LYS D 64 14.75 -15.14 -40.49
N GLY D 65 15.56 -15.43 -41.50
CA GLY D 65 16.87 -16.01 -41.27
C GLY D 65 18.01 -15.04 -41.41
N ARG D 66 17.92 -14.14 -42.38
CA ARG D 66 18.98 -13.18 -42.66
C ARG D 66 18.85 -11.97 -41.74
N PHE D 67 19.61 -10.91 -42.06
CA PHE D 67 19.55 -9.64 -41.33
C PHE D 67 19.91 -9.83 -39.85
N THR D 68 20.90 -10.68 -39.59
CA THR D 68 21.29 -10.97 -38.22
C THR D 68 21.78 -9.71 -37.51
N ILE D 69 21.47 -9.61 -36.23
CA ILE D 69 21.80 -8.43 -35.42
C ILE D 69 22.31 -8.89 -34.07
N SER D 70 23.25 -8.14 -33.50
CA SER D 70 23.84 -8.45 -32.21
C SER D 70 24.11 -7.15 -31.46
N ARG D 71 23.90 -7.18 -30.15
CA ARG D 71 24.10 -6.02 -29.30
C ARG D 71 25.13 -6.34 -28.22
N ASP D 72 26.02 -5.39 -27.96
CA ASP D 72 26.95 -5.48 -26.85
C ASP D 72 26.63 -4.39 -25.84
N ASN D 73 26.48 -4.79 -24.57
CA ASN D 73 26.11 -3.87 -23.50
C ASN D 73 27.30 -3.15 -22.88
N ALA D 74 28.53 -3.57 -23.19
CA ALA D 74 29.70 -2.86 -22.69
C ALA D 74 29.73 -1.43 -23.22
N LYS D 75 29.37 -1.24 -24.48
CA LYS D 75 29.22 0.09 -25.06
C LYS D 75 27.78 0.39 -25.48
N ASN D 76 26.86 -0.56 -25.27
CA ASN D 76 25.46 -0.40 -25.64
C ASN D 76 25.33 -0.07 -27.13
N THR D 77 25.80 -0.99 -27.96
CA THR D 77 25.83 -0.80 -29.41
C THR D 77 25.15 -1.98 -30.08
N VAL D 78 24.49 -1.70 -31.20
CA VAL D 78 23.83 -2.71 -32.02
C VAL D 78 24.46 -2.72 -33.40
N TYR D 79 24.72 -3.92 -33.91
CA TYR D 79 25.29 -4.13 -35.23
C TYR D 79 24.42 -5.14 -35.98
N LEU D 80 23.98 -4.78 -37.18
CA LEU D 80 23.21 -5.68 -38.02
C LEU D 80 23.93 -5.87 -39.35
N GLN D 81 23.96 -7.12 -39.81
CA GLN D 81 24.65 -7.49 -41.04
C GLN D 81 23.64 -7.72 -42.15
N MET D 82 23.93 -7.18 -43.33
CA MET D 82 23.08 -7.31 -44.50
C MET D 82 23.84 -8.07 -45.58
N ASN D 83 23.21 -9.09 -46.15
CA ASN D 83 23.84 -9.93 -47.17
C ASN D 83 23.10 -9.90 -48.50
N ARG D 84 21.78 -9.98 -48.50
CA ARG D 84 20.98 -9.96 -49.72
C ARG D 84 20.05 -8.77 -49.68
N LEU D 85 20.21 -7.86 -50.64
CA LEU D 85 19.44 -6.63 -50.69
C LEU D 85 18.80 -6.48 -52.06
N LYS D 86 17.49 -6.22 -52.08
CA LYS D 86 16.75 -5.90 -53.28
C LYS D 86 16.72 -4.39 -53.49
N PRO D 87 16.38 -3.93 -54.70
CA PRO D 87 16.29 -2.48 -54.92
C PRO D 87 15.20 -1.79 -54.10
N GLU D 88 14.42 -2.57 -53.34
CA GLU D 88 13.37 -2.03 -52.50
C GLU D 88 13.88 -1.61 -51.12
N ASP D 89 15.19 -1.72 -50.87
CA ASP D 89 15.78 -1.31 -49.60
C ASP D 89 16.26 0.14 -49.61
N THR D 90 15.67 0.98 -50.48
CA THR D 90 16.10 2.36 -50.57
C THR D 90 15.73 3.16 -49.33
N ALA D 91 14.68 2.75 -48.62
CA ALA D 91 14.21 3.50 -47.46
C ALA D 91 15.27 3.54 -46.37
N VAL D 92 15.30 4.66 -45.65
CA VAL D 92 16.30 4.86 -44.61
C VAL D 92 15.97 4.01 -43.40
N TYR D 93 16.99 3.39 -42.81
CA TYR D 93 16.83 2.56 -41.63
C TYR D 93 17.15 3.38 -40.38
N TYR D 94 16.34 3.20 -39.34
CA TYR D 94 16.48 3.93 -38.09
C TYR D 94 16.55 2.96 -36.93
N CYS D 95 17.35 3.30 -35.92
CA CYS D 95 17.50 2.49 -34.72
C CYS D 95 16.86 3.20 -33.53
N HIS D 96 16.28 2.42 -32.62
CA HIS D 96 15.58 2.96 -31.46
C HIS D 96 16.08 2.27 -30.19
N ALA D 97 16.00 3.00 -29.09
CA ALA D 97 16.38 2.51 -27.77
C ALA D 97 15.24 2.76 -26.80
N ASP D 98 15.00 1.78 -25.92
CA ASP D 98 13.90 1.84 -24.96
C ASP D 98 14.48 1.99 -23.56
N TYR D 99 14.06 3.07 -22.88
CA TYR D 99 14.48 3.32 -21.51
C TYR D 99 13.26 3.65 -20.67
N LYS D 100 13.30 3.25 -19.40
CA LYS D 100 12.19 3.42 -18.48
C LYS D 100 12.63 4.36 -17.35
N TYR D 101 12.30 5.65 -17.49
CA TYR D 101 12.41 6.62 -16.40
C TYR D 101 11.09 7.38 -16.33
N THR D 102 10.11 6.78 -15.65
CA THR D 102 8.77 7.35 -15.43
C THR D 102 8.05 7.72 -16.73
N THR D 103 8.61 7.35 -17.88
CA THR D 103 8.03 7.81 -19.15
C THR D 103 7.90 6.68 -20.16
N HIS D 104 8.72 5.64 -20.04
CA HIS D 104 8.78 4.56 -21.03
C HIS D 104 9.06 5.11 -22.43
N ASN D 105 9.80 6.21 -22.50
CA ASN D 105 10.03 6.87 -23.77
C ASN D 105 11.01 6.08 -24.63
N THR D 106 10.91 6.29 -25.94
CA THR D 106 11.79 5.64 -26.92
C THR D 106 12.63 6.70 -27.61
N ALA D 107 13.94 6.53 -27.57
CA ALA D 107 14.88 7.45 -28.19
C ALA D 107 15.24 6.97 -29.59
N TRP D 108 15.26 7.88 -30.54
CA TRP D 108 15.60 7.59 -31.93
C TRP D 108 16.92 8.26 -32.30
N GLY D 109 17.28 8.14 -33.57
CA GLY D 109 18.52 8.72 -34.06
C GLY D 109 18.36 9.45 -35.38
N GLN D 110 19.47 9.82 -36.00
CA GLN D 110 19.45 10.52 -37.27
C GLN D 110 19.18 9.52 -38.39
N GLY D 111 19.33 9.98 -39.64
CA GLY D 111 19.08 9.11 -40.78
C GLY D 111 20.27 8.95 -41.69
N THR D 112 20.67 7.70 -41.93
CA THR D 112 21.78 7.38 -42.83
C THR D 112 21.20 6.66 -44.04
N GLN D 113 21.27 7.31 -45.21
CA GLN D 113 20.71 6.75 -46.43
C GLN D 113 21.53 5.55 -46.90
N VAL D 114 20.84 4.48 -47.26
CA VAL D 114 21.46 3.28 -47.82
C VAL D 114 20.94 3.11 -49.24
N THR D 115 21.87 2.93 -50.19
CA THR D 115 21.53 2.84 -51.60
C THR D 115 22.07 1.54 -52.18
N VAL D 116 21.29 0.94 -53.07
CA VAL D 116 21.69 -0.30 -53.76
C VAL D 116 21.49 -0.10 -55.25
N SER D 117 22.45 -0.59 -56.04
CA SER D 117 22.42 -0.48 -57.49
C SER D 117 21.85 -1.75 -58.09
N SER D 118 21.91 -1.85 -59.43
CA SER D 118 21.42 -3.02 -60.13
C SER D 118 22.38 -4.19 -60.00
O1 40F E . 15.34 24.68 -11.35
C7 40F E . 12.90 26.32 -9.34
O2 40F E . 17.77 29.34 -8.76
C6 40F E . 12.92 27.25 -8.30
C1 40F E . 14.48 26.06 -9.69
C5 40F E . 14.39 28.00 -8.30
C4 40F E . 16.55 29.30 -8.45
C3 40F E . 15.84 27.95 -8.27
C2 40F E . 15.14 27.45 -9.43
O3 40F E . 15.91 30.38 -8.30
N 40F E . 15.05 25.04 -8.80
C 40F E . 14.63 25.68 -11.05
O 40F E . 14.05 26.34 -11.96
O1 40F F . -8.43 16.29 -25.19
C7 40F F . -6.23 13.93 -26.67
O2 40F F . -10.51 14.57 -30.57
C6 40F F . -6.29 13.01 -27.71
C1 40F F . -7.71 14.62 -26.64
C5 40F F . -7.55 13.42 -28.69
C4 40F F . -9.33 14.20 -30.31
C3 40F F . -8.96 13.73 -28.90
C2 40F F . -8.13 14.64 -28.13
O3 40F F . -8.46 14.21 -31.23
N 40F F . -8.64 13.80 -25.85
C 40F F . -7.64 15.94 -26.10
O 40F F . -6.78 16.74 -26.55
#